data_8YX9
#
_entry.id   8YX9
#
_cell.length_a   199.194
_cell.length_b   208.172
_cell.length_c   198.061
_cell.angle_alpha   90.000
_cell.angle_beta   90.000
_cell.angle_gamma   90.000
#
_symmetry.space_group_name_H-M   'C 2 2 21'
#
loop_
_entity.id
_entity.type
_entity.pdbx_description
1 polymer 'Dacetuzumab, Heavy chain'
2 polymer 'Dacetuzumab, light chain'
3 polymer 'Tumor necrosis factor receptor superfamily member 5'
4 non-polymer GLYCEROL
5 water water
#
loop_
_entity_poly.entity_id
_entity_poly.type
_entity_poly.pdbx_seq_one_letter_code
_entity_poly.pdbx_strand_id
1 'polypeptide(L)'
;EVQLVESGGGLVQPGGSLRLSCAASGYSFTGYYIHWVRQAPGKGLEWVARVIPNAGGTSYNQKFKGRFTLSVDNSKNTAY
LQMNSLRAEDTAVYYCAREGIYWWGQGTLVTVSSASTKGPSVFPLAPSSKSTSGGTAALGCLVKDYFPEPVTVSWNSGAL
TSGVHTFPAVLQSSGLYSLSSVVTVPSSSLGTQTYICNVNHKPSNTKVDKKVEPKSCHHHHHH
;
H,B,E,G
2 'polypeptide(L)'
;DIQMTQSPSSLSASVGDRVTITCRSSQSLVHSNGNTFLHWYQQKPGKAPKLLIYTVSNRFSGVPSRFSGSGSGTDFTLTI
SSLQPEDFATYFCSQTTHVPWTFGQGTKVEIKRTVAAPSVFIFPPSDEQLKSGTASVVCLLNNFYPREAKVQWKVDNALQ
SGNSQESVTEQDSKDSTYSLSSTLTLSKADYEKHKVYACEVTHQGLSSPVTKSFNRGEC
;
L,C,F,I
3 'polypeptide(L)'
;EPPTACREKQYLINSQCCSLCQPGQKLVSDCTEFTETECLPCGESEFLDTWNRETHCHQHKYCDPNLGLRVQQKGTSETD
TICTCEEGWHCTSEACESCVLHRSCSPGFGVKQIATGVSDTICEPCPVGFFSNVSSAFEKCHPWTSCETKDLVVQQAGTN
KTDVVCGPQDRLRHHHHHH
;
A,D,J,K
#
loop_
_chem_comp.id
_chem_comp.type
_chem_comp.name
_chem_comp.formula
GOL non-polymer GLYCEROL 'C3 H8 O3'
#
# COMPACT_ATOMS: atom_id res chain seq x y z
N GLU A 1 45.97 -35.82 -6.27
CA GLU A 1 47.38 -36.15 -5.91
C GLU A 1 47.37 -37.42 -5.06
N VAL A 2 48.25 -37.48 -4.04
CA VAL A 2 48.35 -38.66 -3.21
C VAL A 2 47.27 -38.53 -2.14
N GLN A 3 46.39 -39.54 -2.02
CA GLN A 3 45.25 -39.43 -1.14
C GLN A 3 45.04 -40.73 -0.37
N LEU A 4 44.76 -40.57 0.94
CA LEU A 4 44.71 -41.64 1.91
C LEU A 4 43.42 -41.51 2.72
N VAL A 5 42.50 -42.46 2.57
CA VAL A 5 41.22 -42.38 3.25
C VAL A 5 41.17 -43.37 4.42
N GLU A 6 41.01 -42.79 5.62
CA GLU A 6 40.82 -43.56 6.84
C GLU A 6 39.35 -43.95 6.97
N SER A 7 39.14 -45.08 7.65
CA SER A 7 37.91 -45.83 7.62
C SER A 7 37.93 -46.87 8.73
N GLY A 8 36.80 -47.04 9.44
CA GLY A 8 36.55 -48.23 10.22
C GLY A 8 36.16 -47.94 11.67
N GLY A 9 36.32 -46.69 12.10
CA GLY A 9 36.16 -46.34 13.50
C GLY A 9 34.71 -46.43 13.99
N GLY A 10 34.56 -46.42 15.31
CA GLY A 10 33.28 -46.61 15.97
C GLY A 10 33.47 -47.03 17.42
N LEU A 11 32.35 -47.44 18.05
CA LEU A 11 32.30 -47.72 19.47
C LEU A 11 32.50 -49.21 19.70
N VAL A 12 33.57 -49.58 20.41
CA VAL A 12 33.84 -50.97 20.76
C VAL A 12 34.15 -51.03 22.25
N GLN A 13 33.91 -52.19 22.86
CA GLN A 13 34.01 -52.35 24.30
C GLN A 13 35.44 -52.71 24.69
N PRO A 14 35.84 -52.40 25.94
CA PRO A 14 37.14 -52.84 26.45
C PRO A 14 37.36 -54.31 26.15
N GLY A 15 38.55 -54.65 25.62
CA GLY A 15 38.91 -56.03 25.34
C GLY A 15 38.50 -56.44 23.93
N GLY A 16 37.75 -55.57 23.23
CA GLY A 16 37.38 -55.84 21.85
C GLY A 16 38.54 -55.61 20.86
N SER A 17 38.31 -56.07 19.63
CA SER A 17 39.22 -55.82 18.51
C SER A 17 38.57 -54.86 17.52
N LEU A 18 39.40 -54.32 16.63
CA LEU A 18 38.94 -53.42 15.59
C LEU A 18 40.06 -53.26 14.56
N ARG A 19 39.70 -53.43 13.30
CA ARG A 19 40.62 -53.21 12.20
C ARG A 19 40.21 -51.95 11.44
N LEU A 20 41.08 -50.92 11.46
CA LEU A 20 40.91 -49.72 10.66
C LEU A 20 41.51 -49.94 9.28
N SER A 21 41.06 -49.15 8.30
CA SER A 21 41.62 -49.24 6.95
C SER A 21 42.11 -47.87 6.49
N CYS A 22 43.18 -47.92 5.69
CA CYS A 22 43.74 -46.76 5.05
C CYS A 22 43.83 -47.03 3.56
N ALA A 23 42.90 -46.44 2.80
CA ALA A 23 42.82 -46.71 1.37
C ALA A 23 43.55 -45.61 0.63
N ALA A 24 44.51 -45.99 -0.22
CA ALA A 24 45.51 -45.05 -0.72
C ALA A 24 45.44 -44.97 -2.24
N SER A 25 45.76 -43.78 -2.77
CA SER A 25 45.73 -43.51 -4.19
C SER A 25 46.67 -42.37 -4.56
N GLY A 26 47.04 -42.30 -5.84
CA GLY A 26 47.76 -41.16 -6.39
C GLY A 26 49.28 -41.32 -6.33
N TYR A 27 49.75 -42.51 -5.92
CA TYR A 27 51.17 -42.77 -5.79
C TYR A 27 51.41 -44.26 -5.98
N SER A 28 52.67 -44.64 -6.22
CA SER A 28 53.02 -46.04 -6.41
C SER A 28 53.05 -46.74 -5.06
N PHE A 29 52.04 -47.56 -4.83
CA PHE A 29 51.72 -48.04 -3.50
C PHE A 29 52.91 -48.75 -2.87
N THR A 30 53.68 -49.54 -3.62
CA THR A 30 54.61 -50.48 -2.99
C THR A 30 55.91 -49.79 -2.59
N GLY A 31 56.12 -48.52 -2.95
CA GLY A 31 57.42 -47.87 -2.80
C GLY A 31 57.52 -46.95 -1.58
N TYR A 32 56.50 -46.89 -0.71
CA TYR A 32 56.49 -45.93 0.38
C TYR A 32 55.77 -46.46 1.62
N TYR A 33 56.27 -46.07 2.80
CA TYR A 33 55.68 -46.44 4.08
C TYR A 33 54.38 -45.68 4.29
N ILE A 34 53.34 -46.39 4.77
CA ILE A 34 52.21 -45.71 5.39
C ILE A 34 52.38 -45.81 6.90
N HIS A 35 52.22 -44.67 7.56
CA HIS A 35 52.31 -44.54 9.01
C HIS A 35 50.90 -44.37 9.57
N TRP A 36 50.67 -44.87 10.80
CA TRP A 36 49.47 -44.54 11.55
C TRP A 36 49.85 -43.68 12.74
N VAL A 37 49.05 -42.63 12.96
CA VAL A 37 49.20 -41.73 14.10
C VAL A 37 47.83 -41.55 14.75
N ARG A 38 47.78 -41.31 16.06
CA ARG A 38 46.49 -41.17 16.75
C ARG A 38 46.51 -39.94 17.62
N GLN A 39 45.30 -39.45 17.98
CA GLN A 39 45.16 -38.30 18.86
C GLN A 39 44.01 -38.52 19.84
N ALA A 40 44.34 -38.84 21.09
CA ALA A 40 43.33 -38.96 22.13
C ALA A 40 42.65 -37.59 22.31
N PRO A 41 41.34 -37.52 22.62
CA PRO A 41 40.70 -36.25 22.95
C PRO A 41 41.50 -35.41 23.94
N GLY A 42 41.81 -34.17 23.50
CA GLY A 42 42.44 -33.17 24.34
C GLY A 42 43.97 -33.27 24.35
N LYS A 43 44.53 -34.36 23.82
CA LYS A 43 45.95 -34.63 23.90
C LYS A 43 46.59 -34.52 22.51
N GLY A 44 47.92 -34.62 22.48
CA GLY A 44 48.70 -34.44 21.27
C GLY A 44 48.64 -35.67 20.36
N LEU A 45 49.26 -35.56 19.19
CA LEU A 45 49.44 -36.70 18.32
C LEU A 45 50.41 -37.68 18.98
N GLU A 46 50.24 -38.96 18.64
CA GLU A 46 51.10 -40.04 19.11
C GLU A 46 51.29 -41.04 17.96
N TRP A 47 52.55 -41.30 17.65
CA TRP A 47 52.89 -42.14 16.51
C TRP A 47 52.64 -43.59 16.87
N VAL A 48 52.00 -44.33 15.96
CA VAL A 48 51.60 -45.70 16.23
C VAL A 48 52.53 -46.68 15.52
N ALA A 49 52.70 -46.54 14.21
CA ALA A 49 53.44 -47.55 13.47
C ALA A 49 53.50 -47.22 11.98
N ARG A 50 54.29 -48.00 11.24
CA ARG A 50 54.33 -47.86 9.81
C ARG A 50 54.55 -49.20 9.14
N VAL A 51 54.17 -49.27 7.85
CA VAL A 51 54.40 -50.46 7.05
C VAL A 51 54.69 -50.04 5.61
N ILE A 52 55.54 -50.81 4.93
CA ILE A 52 55.84 -50.58 3.54
C ILE A 52 55.45 -51.82 2.75
N PRO A 53 54.62 -51.67 1.69
CA PRO A 53 54.02 -52.81 0.99
C PRO A 53 54.86 -53.58 -0.03
N ASN A 54 56.17 -53.32 -0.09
CA ASN A 54 57.05 -54.23 -0.82
C ASN A 54 57.32 -55.44 0.07
N ALA A 55 56.53 -55.55 1.16
CA ALA A 55 56.65 -56.61 2.16
C ALA A 55 58.00 -56.52 2.86
N GLY A 56 58.64 -55.34 2.79
CA GLY A 56 60.00 -55.16 3.25
C GLY A 56 60.09 -54.23 4.47
N GLY A 57 59.15 -54.37 5.42
CA GLY A 57 59.35 -53.85 6.76
C GLY A 57 58.08 -53.35 7.43
N THR A 58 58.12 -53.35 8.77
CA THR A 58 57.05 -52.85 9.63
C THR A 58 57.71 -52.34 10.90
N SER A 59 57.27 -51.19 11.40
CA SER A 59 57.82 -50.62 12.62
C SER A 59 56.67 -50.27 13.54
N TYR A 60 56.82 -50.62 14.82
CA TYR A 60 55.79 -50.42 15.83
C TYR A 60 56.38 -49.58 16.96
N ASN A 61 55.57 -48.69 17.53
CA ASN A 61 55.93 -48.02 18.76
C ASN A 61 56.02 -49.12 19.83
N GLN A 62 56.97 -49.01 20.76
CA GLN A 62 57.14 -50.01 21.81
C GLN A 62 55.78 -50.28 22.48
N LYS A 63 55.09 -49.22 22.92
CA LYS A 63 53.80 -49.33 23.58
C LYS A 63 52.83 -50.32 22.92
N PHE A 64 52.88 -50.52 21.60
CA PHE A 64 51.80 -51.24 20.93
C PHE A 64 52.29 -52.54 20.30
N LYS A 65 53.46 -53.06 20.71
CA LYS A 65 54.11 -54.11 19.94
C LYS A 65 53.36 -55.44 20.09
N GLY A 66 52.89 -55.75 21.30
CA GLY A 66 51.97 -56.87 21.46
C GLY A 66 50.70 -56.73 20.61
N ARG A 67 49.88 -55.73 20.93
CA ARG A 67 48.47 -55.70 20.64
C ARG A 67 48.12 -55.31 19.20
N PHE A 68 48.92 -54.45 18.54
CA PHE A 68 48.55 -53.92 17.23
C PHE A 68 49.33 -54.65 16.14
N THR A 69 48.74 -54.73 14.94
CA THR A 69 49.38 -55.38 13.79
C THR A 69 49.06 -54.59 12.52
N LEU A 70 50.10 -54.17 11.79
CA LEU A 70 49.88 -53.58 10.48
C LEU A 70 49.93 -54.71 9.46
N SER A 71 49.41 -54.42 8.27
CA SER A 71 48.90 -55.39 7.34
C SER A 71 48.63 -54.68 6.02
N VAL A 72 48.74 -55.39 4.90
CA VAL A 72 48.63 -54.73 3.61
C VAL A 72 47.97 -55.65 2.58
N ASP A 73 47.12 -55.05 1.73
CA ASP A 73 46.57 -55.74 0.57
C ASP A 73 46.93 -54.94 -0.68
N ASN A 74 47.93 -55.43 -1.42
CA ASN A 74 48.40 -54.74 -2.61
C ASN A 74 47.27 -54.60 -3.63
N SER A 75 46.43 -55.63 -3.76
CA SER A 75 45.40 -55.65 -4.78
C SER A 75 44.49 -54.44 -4.64
N LYS A 76 44.40 -53.89 -3.42
CA LYS A 76 43.47 -52.81 -3.11
C LYS A 76 44.18 -51.57 -2.59
N ASN A 77 45.51 -51.46 -2.80
CA ASN A 77 46.31 -50.32 -2.37
C ASN A 77 45.85 -49.82 -1.02
N THR A 78 45.70 -50.78 -0.07
CA THR A 78 45.15 -50.48 1.24
C THR A 78 46.10 -51.02 2.30
N ALA A 79 46.15 -50.32 3.42
CA ALA A 79 46.91 -50.75 4.59
C ALA A 79 45.95 -50.91 5.76
N TYR A 80 46.24 -51.85 6.67
CA TYR A 80 45.34 -52.11 7.77
C TYR A 80 46.06 -52.05 9.12
N LEU A 81 45.42 -51.37 10.08
CA LEU A 81 45.82 -51.36 11.47
C LEU A 81 44.82 -52.20 12.27
N GLN A 82 45.29 -53.34 12.77
CA GLN A 82 44.51 -54.23 13.62
C GLN A 82 44.86 -53.92 15.08
N MET A 83 43.87 -53.52 15.87
CA MET A 83 44.05 -53.22 17.27
C MET A 83 43.29 -54.22 18.14
N ASN A 84 43.96 -54.75 19.18
CA ASN A 84 43.41 -55.79 20.04
C ASN A 84 43.41 -55.33 21.50
N SER A 85 42.69 -56.08 22.33
CA SER A 85 42.74 -55.89 23.76
C SER A 85 42.59 -54.41 24.06
N LEU A 86 41.55 -53.83 23.45
CA LEU A 86 41.39 -52.39 23.41
C LEU A 86 41.12 -51.89 24.82
N ARG A 87 41.63 -50.69 25.11
CA ARG A 87 41.45 -50.09 26.41
C ARG A 87 40.94 -48.68 26.18
N ALA A 88 40.51 -48.03 27.26
CA ALA A 88 39.79 -46.78 27.19
C ALA A 88 40.71 -45.64 26.75
N GLU A 89 42.02 -45.81 26.96
CA GLU A 89 42.98 -44.80 26.58
C GLU A 89 43.43 -45.03 25.13
N ASP A 90 42.83 -46.00 24.44
CA ASP A 90 43.00 -46.11 23.00
C ASP A 90 41.91 -45.34 22.25
N THR A 91 41.02 -44.67 23.00
CA THR A 91 40.01 -43.83 22.40
C THR A 91 40.75 -42.66 21.78
N ALA A 92 40.65 -42.53 20.45
CA ALA A 92 41.36 -41.49 19.72
C ALA A 92 40.85 -41.40 18.28
N VAL A 93 41.19 -40.28 17.63
CA VAL A 93 41.08 -40.16 16.19
C VAL A 93 42.32 -40.83 15.59
N TYR A 94 42.10 -41.75 14.67
CA TYR A 94 43.21 -42.47 14.07
C TYR A 94 43.40 -41.90 12.66
N TYR A 95 44.58 -41.29 12.47
CA TYR A 95 44.96 -40.76 11.18
C TYR A 95 46.01 -41.67 10.53
N CYS A 96 46.43 -41.27 9.34
CA CYS A 96 47.02 -42.14 8.35
C CYS A 96 47.84 -41.25 7.43
N ALA A 97 49.11 -41.58 7.16
CA ALA A 97 50.00 -40.65 6.48
C ALA A 97 51.08 -41.39 5.69
N ARG A 98 51.29 -40.97 4.45
CA ARG A 98 52.40 -41.49 3.67
C ARG A 98 53.66 -40.70 4.04
N GLU A 99 54.76 -41.39 4.29
CA GLU A 99 56.04 -40.73 4.43
C GLU A 99 56.15 -39.71 3.28
N GLY A 100 56.70 -38.52 3.59
CA GLY A 100 56.89 -37.46 2.61
C GLY A 100 55.72 -36.46 2.54
N ILE A 101 54.58 -36.85 3.12
CA ILE A 101 53.34 -36.08 3.03
C ILE A 101 52.98 -35.58 4.43
N TYR A 102 52.93 -34.25 4.61
CA TYR A 102 52.86 -33.65 5.93
C TYR A 102 51.48 -33.08 6.28
N TRP A 103 50.45 -33.39 5.47
CA TRP A 103 49.09 -32.94 5.79
C TRP A 103 48.30 -34.12 6.33
N TRP A 104 47.25 -33.81 7.09
CA TRP A 104 46.43 -34.81 7.74
C TRP A 104 45.06 -34.85 7.08
N GLY A 105 44.47 -36.06 7.01
CA GLY A 105 43.11 -36.26 6.55
C GLY A 105 42.13 -36.00 7.70
N GLN A 106 40.92 -36.57 7.62
CA GLN A 106 39.95 -36.33 8.68
C GLN A 106 40.13 -37.36 9.79
N GLY A 107 40.74 -38.50 9.46
CA GLY A 107 40.92 -39.56 10.45
C GLY A 107 39.61 -40.34 10.62
N THR A 108 39.56 -41.18 11.65
CA THR A 108 38.38 -41.95 11.98
C THR A 108 38.38 -42.20 13.49
N LEU A 109 37.34 -41.71 14.17
CA LEU A 109 37.28 -41.73 15.63
C LEU A 109 36.99 -43.14 16.15
N VAL A 110 37.81 -43.59 17.10
CA VAL A 110 37.57 -44.86 17.77
C VAL A 110 37.27 -44.57 19.24
N THR A 111 36.14 -45.09 19.72
CA THR A 111 35.75 -44.90 21.10
C THR A 111 35.78 -46.27 21.77
N VAL A 112 36.27 -46.30 23.01
CA VAL A 112 36.35 -47.55 23.75
C VAL A 112 35.73 -47.33 25.12
N SER A 113 34.53 -47.92 25.31
CA SER A 113 33.75 -47.73 26.53
C SER A 113 32.84 -48.92 26.78
N SER A 114 32.55 -49.14 28.06
CA SER A 114 31.57 -50.11 28.52
C SER A 114 30.20 -49.75 27.98
N ALA A 115 29.89 -48.43 28.01
CA ALA A 115 28.59 -47.84 27.69
C ALA A 115 28.18 -48.12 26.24
N SER A 116 26.95 -47.71 25.90
CA SER A 116 26.31 -48.16 24.67
C SER A 116 25.74 -47.00 23.86
N THR A 117 25.52 -47.26 22.56
CA THR A 117 25.00 -46.29 21.63
C THR A 117 23.58 -45.92 22.03
N LYS A 118 23.35 -44.62 22.35
CA LYS A 118 22.01 -44.07 22.48
C LYS A 118 21.95 -42.69 21.81
N GLY A 119 20.88 -42.48 21.02
CA GLY A 119 20.62 -41.20 20.37
C GLY A 119 20.15 -40.15 21.39
N PRO A 120 20.08 -38.86 21.00
CA PRO A 120 19.68 -37.80 21.93
C PRO A 120 18.18 -37.48 21.96
N SER A 121 17.78 -36.75 23.00
CA SER A 121 16.52 -36.02 23.04
C SER A 121 16.81 -34.59 22.58
N VAL A 122 15.99 -34.04 21.69
CA VAL A 122 16.16 -32.66 21.28
C VAL A 122 15.02 -31.82 21.84
N PHE A 123 15.21 -31.26 23.03
CA PHE A 123 14.29 -30.28 23.58
C PHE A 123 14.64 -28.91 23.01
N PRO A 124 13.66 -27.97 22.92
CA PRO A 124 13.95 -26.60 22.50
C PRO A 124 14.39 -25.66 23.63
N LEU A 125 14.83 -24.46 23.25
CA LEU A 125 15.16 -23.40 24.17
C LEU A 125 14.50 -22.15 23.63
N ALA A 126 13.24 -21.98 24.06
CA ALA A 126 12.32 -21.06 23.42
C ALA A 126 12.68 -19.63 23.79
N PRO A 127 12.62 -18.68 22.83
CA PRO A 127 12.94 -17.28 23.10
C PRO A 127 11.93 -16.59 24.01
N SER A 128 12.45 -15.98 25.08
CA SER A 128 11.65 -15.29 26.09
C SER A 128 11.04 -14.01 25.51
N SER A 129 10.07 -13.45 26.26
CA SER A 129 9.42 -12.19 25.92
C SER A 129 9.80 -11.11 26.96
N GLY A 134 12.70 -2.70 19.53
CA GLY A 134 13.30 -3.81 18.76
C GLY A 134 14.78 -3.97 19.10
N GLY A 135 15.22 -5.23 19.27
CA GLY A 135 16.56 -5.54 19.75
C GLY A 135 16.99 -6.95 19.35
N THR A 136 17.47 -7.72 20.32
CA THR A 136 18.05 -9.04 20.06
C THR A 136 17.40 -10.09 20.96
N ALA A 137 17.12 -11.26 20.40
CA ALA A 137 16.55 -12.36 21.17
C ALA A 137 17.38 -13.60 20.91
N ALA A 138 17.33 -14.51 21.87
CA ALA A 138 18.14 -15.71 21.79
C ALA A 138 17.21 -16.92 21.86
N LEU A 139 17.51 -17.91 21.03
CA LEU A 139 16.81 -19.18 21.03
C LEU A 139 17.82 -20.26 20.69
N GLY A 140 17.45 -21.51 20.97
CA GLY A 140 18.30 -22.61 20.59
C GLY A 140 17.65 -23.96 20.89
N CYS A 141 18.43 -25.02 20.67
CA CYS A 141 18.06 -26.36 21.03
C CYS A 141 19.00 -26.87 22.11
N LEU A 142 18.54 -27.91 22.82
CA LEU A 142 19.29 -28.64 23.82
C LEU A 142 19.36 -30.10 23.38
N VAL A 143 20.56 -30.66 23.27
CA VAL A 143 20.71 -32.00 22.74
C VAL A 143 21.20 -32.89 23.88
N LYS A 144 20.27 -33.63 24.49
CA LYS A 144 20.51 -34.22 25.80
C LYS A 144 20.52 -35.74 25.69
N ASP A 145 21.37 -36.35 26.54
CA ASP A 145 21.48 -37.79 26.69
C ASP A 145 21.78 -38.43 25.34
N TYR A 146 23.06 -38.38 24.95
CA TYR A 146 23.53 -39.16 23.82
C TYR A 146 24.91 -39.72 24.16
N PHE A 147 25.35 -40.65 23.29
CA PHE A 147 26.61 -41.36 23.43
C PHE A 147 26.73 -42.31 22.25
N PRO A 148 27.91 -42.46 21.61
CA PRO A 148 29.10 -41.69 21.95
C PRO A 148 29.05 -40.39 21.18
N GLU A 149 30.12 -39.59 21.31
CA GLU A 149 30.32 -38.49 20.37
C GLU A 149 30.62 -39.05 18.98
N PRO A 150 30.46 -38.25 17.90
CA PRO A 150 30.05 -36.83 17.99
C PRO A 150 28.61 -36.55 17.58
N VAL A 151 28.16 -35.32 17.83
CA VAL A 151 26.91 -34.86 17.24
C VAL A 151 27.13 -33.52 16.51
N THR A 152 26.39 -33.32 15.43
CA THR A 152 26.42 -32.05 14.70
C THR A 152 25.11 -31.31 14.95
N VAL A 153 25.15 -29.99 14.87
CA VAL A 153 23.95 -29.18 14.87
C VAL A 153 24.08 -28.12 13.77
N SER A 154 23.06 -28.02 12.91
CA SER A 154 23.00 -26.93 11.96
C SER A 154 21.64 -26.23 12.09
N TRP A 155 21.59 -24.94 11.75
CA TRP A 155 20.35 -24.18 11.80
C TRP A 155 19.85 -23.88 10.39
N ASN A 156 18.56 -24.15 10.17
CA ASN A 156 17.87 -23.86 8.92
C ASN A 156 18.64 -24.50 7.76
N SER A 157 19.16 -25.71 7.99
CA SER A 157 19.83 -26.52 6.97
C SER A 157 21.07 -25.82 6.41
N GLY A 158 21.82 -25.14 7.28
CA GLY A 158 23.05 -24.47 6.85
C GLY A 158 22.79 -23.03 6.39
N ALA A 159 21.52 -22.71 6.09
CA ALA A 159 21.11 -21.38 5.69
C ALA A 159 21.55 -20.34 6.73
N LEU A 160 21.35 -20.65 8.02
CA LEU A 160 21.62 -19.74 9.13
C LEU A 160 22.92 -20.11 9.83
N THR A 161 23.90 -19.18 9.81
CA THR A 161 25.23 -19.41 10.39
C THR A 161 25.67 -18.25 11.29
N SER A 162 25.29 -17.01 10.98
CA SER A 162 25.75 -15.88 11.78
C SER A 162 25.01 -15.84 13.11
N GLY A 163 25.79 -15.74 14.20
CA GLY A 163 25.26 -15.65 15.56
C GLY A 163 25.11 -17.00 16.24
N VAL A 164 25.48 -18.08 15.55
CA VAL A 164 25.30 -19.43 16.07
C VAL A 164 26.43 -19.72 17.03
N HIS A 165 26.10 -20.44 18.10
CA HIS A 165 27.06 -20.91 19.06
C HIS A 165 26.62 -22.32 19.45
N THR A 166 27.19 -23.34 18.78
CA THR A 166 27.06 -24.71 19.19
C THR A 166 28.16 -25.02 20.22
N PHE A 167 27.78 -25.20 21.47
CA PHE A 167 28.77 -25.44 22.50
C PHE A 167 29.37 -26.85 22.40
N PRO A 168 30.57 -27.05 22.98
CA PRO A 168 31.11 -28.40 23.09
C PRO A 168 30.27 -29.22 24.09
N ALA A 169 30.14 -30.51 23.75
CA ALA A 169 29.50 -31.50 24.59
C ALA A 169 30.12 -31.49 26.00
N VAL A 170 29.35 -32.01 26.96
CA VAL A 170 29.73 -32.02 28.36
C VAL A 170 29.30 -33.37 28.92
N LEU A 171 30.19 -34.05 29.67
CA LEU A 171 29.88 -35.35 30.24
C LEU A 171 29.17 -35.12 31.57
N GLN A 172 27.99 -35.75 31.73
CA GLN A 172 27.17 -35.62 32.94
C GLN A 172 27.45 -36.81 33.84
N SER A 173 27.18 -36.66 35.15
CA SER A 173 27.35 -37.75 36.11
C SER A 173 26.71 -39.03 35.56
N SER A 174 25.55 -38.86 34.92
CA SER A 174 24.87 -39.85 34.10
C SER A 174 25.84 -40.69 33.24
N GLY A 175 27.02 -40.16 32.90
CA GLY A 175 27.90 -40.79 31.93
C GLY A 175 27.39 -40.58 30.50
N LEU A 176 26.60 -39.52 30.31
CA LEU A 176 25.99 -39.20 29.03
C LEU A 176 26.21 -37.73 28.72
N TYR A 177 26.20 -37.43 27.42
CA TYR A 177 26.62 -36.15 26.89
C TYR A 177 25.40 -35.26 26.63
N SER A 178 25.63 -33.95 26.70
CA SER A 178 24.58 -32.95 26.61
C SER A 178 25.20 -31.63 26.12
N LEU A 179 24.75 -31.15 24.95
CA LEU A 179 25.22 -29.87 24.43
C LEU A 179 24.04 -29.02 23.96
N SER A 180 24.19 -27.71 24.12
CA SER A 180 23.25 -26.73 23.61
C SER A 180 23.80 -26.06 22.36
N SER A 181 22.92 -25.76 21.40
CA SER A 181 23.24 -24.84 20.31
C SER A 181 22.27 -23.66 20.39
N VAL A 182 22.80 -22.43 20.37
CA VAL A 182 21.97 -21.26 20.48
C VAL A 182 22.25 -20.33 19.31
N VAL A 183 21.32 -19.41 19.04
CA VAL A 183 21.56 -18.34 18.08
C VAL A 183 20.86 -17.07 18.58
N THR A 184 21.49 -15.92 18.31
CA THR A 184 20.90 -14.62 18.57
C THR A 184 20.37 -14.10 17.24
N VAL A 185 19.18 -13.52 17.29
CA VAL A 185 18.47 -13.04 16.11
C VAL A 185 17.66 -11.81 16.52
N PRO A 186 17.32 -10.93 15.55
CA PRO A 186 16.29 -9.90 15.79
C PRO A 186 15.01 -10.41 16.46
N SER A 187 14.54 -9.68 17.49
CA SER A 187 13.32 -10.07 18.20
C SER A 187 12.12 -9.84 17.28
N SER A 188 12.30 -8.90 16.34
CA SER A 188 11.36 -8.62 15.27
C SER A 188 10.96 -9.92 14.56
N SER A 189 11.95 -10.78 14.28
CA SER A 189 11.77 -11.91 13.40
C SER A 189 11.13 -13.09 14.11
N LEU A 190 10.87 -12.98 15.43
CA LEU A 190 10.11 -13.99 16.16
C LEU A 190 8.67 -14.10 15.61
N GLY A 191 8.38 -15.21 14.93
CA GLY A 191 7.05 -15.47 14.39
C GLY A 191 6.94 -15.11 12.90
N THR A 192 7.76 -14.16 12.47
CA THR A 192 7.85 -13.78 11.06
C THR A 192 8.79 -14.71 10.32
N GLN A 193 9.73 -15.31 11.07
CA GLN A 193 10.78 -16.17 10.52
C GLN A 193 10.87 -17.45 11.36
N THR A 194 11.24 -18.55 10.69
CA THR A 194 11.15 -19.87 11.27
C THR A 194 12.55 -20.38 11.62
N TYR A 195 12.64 -21.11 12.75
CA TYR A 195 13.92 -21.55 13.28
C TYR A 195 13.90 -23.06 13.52
N ILE A 196 14.75 -23.77 12.76
CA ILE A 196 14.91 -25.21 12.86
C ILE A 196 16.38 -25.56 13.07
N CYS A 197 16.67 -26.18 14.22
CA CYS A 197 17.95 -26.85 14.44
C CYS A 197 17.89 -28.27 13.86
N ASN A 198 18.95 -28.63 13.10
CA ASN A 198 19.14 -29.96 12.54
C ASN A 198 20.17 -30.69 13.38
N VAL A 199 19.70 -31.59 14.25
CA VAL A 199 20.57 -32.40 15.08
C VAL A 199 20.79 -33.73 14.39
N ASN A 200 21.99 -34.28 14.52
CA ASN A 200 22.40 -35.42 13.72
C ASN A 200 23.46 -36.20 14.50
N HIS A 201 23.12 -37.44 14.87
CA HIS A 201 23.95 -38.29 15.71
C HIS A 201 24.19 -39.61 15.01
N LYS A 202 25.13 -39.59 14.04
CA LYS A 202 25.38 -40.71 13.13
C LYS A 202 25.64 -42.02 13.87
N PRO A 203 26.30 -42.02 15.06
CA PRO A 203 26.45 -43.25 15.85
C PRO A 203 25.13 -44.02 16.03
N SER A 204 24.08 -43.31 16.45
CA SER A 204 22.76 -43.89 16.73
C SER A 204 21.83 -43.75 15.53
N ASN A 205 22.31 -43.12 14.47
CA ASN A 205 21.53 -42.82 13.29
C ASN A 205 20.21 -42.13 13.65
N THR A 206 20.25 -41.12 14.52
CA THR A 206 19.08 -40.32 14.80
C THR A 206 19.25 -38.96 14.11
N LYS A 207 18.34 -38.65 13.17
CA LYS A 207 18.20 -37.31 12.60
C LYS A 207 16.95 -36.65 13.19
N VAL A 208 17.13 -35.44 13.72
CA VAL A 208 16.04 -34.66 14.29
C VAL A 208 16.15 -33.24 13.76
N ASP A 209 15.11 -32.80 13.03
CA ASP A 209 14.87 -31.39 12.80
C ASP A 209 13.84 -30.96 13.84
N LYS A 210 14.11 -29.86 14.56
CA LYS A 210 13.19 -29.36 15.57
C LYS A 210 12.95 -27.87 15.36
N LYS A 211 11.68 -27.51 15.15
CA LYS A 211 11.25 -26.12 15.05
C LYS A 211 11.16 -25.57 16.48
N VAL A 212 11.67 -24.36 16.69
CA VAL A 212 11.56 -23.70 17.99
C VAL A 212 10.90 -22.34 17.78
N GLU A 213 9.95 -22.00 18.67
CA GLU A 213 9.16 -20.80 18.52
C GLU A 213 8.61 -20.39 19.90
N PRO A 214 8.16 -19.12 20.06
CA PRO A 214 7.76 -18.62 21.38
C PRO A 214 6.76 -19.56 22.04
N LYS A 215 6.82 -19.66 23.37
CA LYS A 215 5.87 -20.47 24.12
C LYS A 215 4.61 -19.64 24.35
N SER A 216 3.44 -20.30 24.33
CA SER A 216 2.17 -19.62 24.48
C SER A 216 1.46 -20.09 25.75
N ASP B 1 63.73 -41.71 21.69
CA ASP B 1 62.73 -40.84 21.04
C ASP B 1 63.26 -39.41 21.07
N ILE B 2 63.17 -38.71 19.94
CA ILE B 2 63.52 -37.30 19.93
C ILE B 2 62.46 -36.53 20.72
N GLN B 3 62.92 -35.81 21.75
CA GLN B 3 62.08 -34.91 22.53
C GLN B 3 62.04 -33.54 21.83
N MET B 4 60.83 -33.13 21.49
CA MET B 4 60.54 -31.76 21.06
C MET B 4 60.10 -30.94 22.27
N THR B 5 60.73 -29.79 22.48
CA THR B 5 60.41 -28.93 23.61
C THR B 5 59.86 -27.62 23.10
N GLN B 6 58.55 -27.45 23.18
CA GLN B 6 57.90 -26.28 22.61
C GLN B 6 57.57 -25.28 23.70
N SER B 7 57.67 -24.01 23.34
CA SER B 7 57.46 -22.93 24.27
C SER B 7 57.03 -21.73 23.43
N PRO B 8 56.17 -20.81 23.92
CA PRO B 8 55.54 -20.89 25.24
C PRO B 8 54.45 -21.94 25.27
N SER B 9 53.83 -22.10 26.44
CA SER B 9 52.71 -23.01 26.60
C SER B 9 51.40 -22.34 26.20
N SER B 10 51.31 -21.06 26.56
CA SER B 10 50.13 -20.24 26.35
C SER B 10 50.58 -18.83 26.04
N LEU B 11 49.87 -18.17 25.12
CA LEU B 11 50.09 -16.74 24.96
C LEU B 11 48.81 -16.07 24.50
N SER B 12 48.79 -14.77 24.75
CA SER B 12 47.69 -13.91 24.43
C SER B 12 48.30 -12.67 23.77
N ALA B 13 47.80 -12.28 22.59
CA ALA B 13 48.38 -11.12 21.92
C ALA B 13 47.32 -10.38 21.10
N SER B 14 47.57 -9.08 20.89
CA SER B 14 46.61 -8.23 20.20
C SER B 14 46.70 -8.47 18.70
N VAL B 15 45.56 -8.31 18.03
CA VAL B 15 45.49 -8.36 16.58
C VAL B 15 46.56 -7.44 16.00
N GLY B 16 47.36 -7.98 15.06
CA GLY B 16 48.38 -7.22 14.35
C GLY B 16 49.78 -7.47 14.87
N ASP B 17 49.88 -7.96 16.11
CA ASP B 17 51.17 -8.14 16.78
C ASP B 17 51.90 -9.37 16.24
N ARG B 18 53.25 -9.31 16.29
CA ARG B 18 54.08 -10.48 16.05
C ARG B 18 53.96 -11.49 17.20
N VAL B 19 53.80 -12.78 16.86
CA VAL B 19 53.77 -13.87 17.82
C VAL B 19 54.90 -14.83 17.49
N THR B 20 55.70 -15.19 18.49
CA THR B 20 56.82 -16.10 18.29
C THR B 20 56.65 -17.36 19.15
N ILE B 21 56.88 -18.53 18.55
CA ILE B 21 56.84 -19.82 19.24
C ILE B 21 58.13 -20.58 18.94
N THR B 22 58.66 -21.31 19.94
CA THR B 22 59.91 -22.05 19.79
C THR B 22 59.65 -23.55 19.83
N CYS B 23 60.31 -24.32 18.93
CA CYS B 23 60.57 -25.74 19.16
C CYS B 23 62.05 -26.04 19.20
N ARG B 24 62.45 -26.91 20.14
CA ARG B 24 63.79 -27.46 20.22
C ARG B 24 63.73 -28.98 20.12
N SER B 25 64.70 -29.57 19.39
CA SER B 25 64.83 -31.01 19.31
C SER B 25 65.95 -31.47 20.24
N SER B 26 65.79 -32.64 20.83
CA SER B 26 66.80 -33.15 21.75
C SER B 26 68.06 -33.49 20.97
N GLN B 27 67.92 -33.70 19.66
CA GLN B 27 69.07 -33.87 18.78
C GLN B 27 68.71 -33.40 17.38
N SER B 28 69.70 -33.40 16.49
CA SER B 28 69.51 -32.78 15.19
C SER B 28 68.45 -33.50 14.38
N LEU B 29 67.61 -32.72 13.70
CA LEU B 29 66.55 -33.25 12.85
C LEU B 29 66.99 -33.26 11.39
N VAL B 30 68.27 -32.99 11.11
CA VAL B 30 68.77 -33.01 9.75
C VAL B 30 69.03 -34.46 9.30
N HIS B 31 68.38 -34.88 8.21
CA HIS B 31 68.66 -36.18 7.60
C HIS B 31 70.03 -36.13 6.93
N SER B 32 70.63 -37.29 6.72
CA SER B 32 71.89 -37.34 6.01
C SER B 32 71.73 -36.86 4.57
N ASN B 33 70.50 -36.79 4.05
CA ASN B 33 70.31 -36.36 2.67
C ASN B 33 70.10 -34.85 2.62
N GLY B 34 70.20 -34.17 3.77
CA GLY B 34 70.16 -32.70 3.81
C GLY B 34 68.81 -32.13 4.25
N ASN B 35 67.72 -32.84 3.99
CA ASN B 35 66.40 -32.36 4.38
C ASN B 35 66.31 -32.35 5.90
N THR B 36 65.63 -31.33 6.41
CA THR B 36 65.33 -31.20 7.81
C THR B 36 63.82 -31.30 7.96
N PHE B 37 63.34 -32.44 8.44
CA PHE B 37 61.91 -32.73 8.44
C PHE B 37 61.24 -32.26 9.73
N LEU B 38 61.19 -30.93 9.91
CA LEU B 38 60.41 -30.28 10.95
C LEU B 38 59.26 -29.51 10.31
N HIS B 39 58.07 -29.55 10.96
CA HIS B 39 56.85 -29.04 10.37
C HIS B 39 56.02 -28.37 11.44
N TRP B 40 55.21 -27.38 11.04
CA TRP B 40 54.36 -26.64 11.95
C TRP B 40 52.89 -26.83 11.61
N TYR B 41 52.05 -26.99 12.65
CA TYR B 41 50.63 -27.17 12.43
C TYR B 41 49.83 -26.16 13.25
N GLN B 42 48.63 -25.89 12.77
CA GLN B 42 47.63 -25.20 13.54
C GLN B 42 46.49 -26.18 13.75
N GLN B 43 45.96 -26.25 14.98
CA GLN B 43 44.87 -27.18 15.28
C GLN B 43 43.79 -26.46 16.07
N LYS B 44 42.58 -26.44 15.49
CA LYS B 44 41.45 -25.77 16.08
C LYS B 44 40.66 -26.86 16.81
N PRO B 45 39.99 -26.52 17.92
CA PRO B 45 39.22 -27.52 18.67
C PRO B 45 38.28 -28.28 17.75
N GLY B 46 38.40 -29.61 17.81
CA GLY B 46 37.45 -30.50 17.16
C GLY B 46 37.78 -30.74 15.70
N LYS B 47 38.84 -30.09 15.20
CA LYS B 47 39.26 -30.24 13.82
C LYS B 47 40.60 -30.98 13.75
N ALA B 48 40.90 -31.51 12.56
CA ALA B 48 42.20 -32.10 12.32
C ALA B 48 43.29 -31.02 12.22
N PRO B 49 44.59 -31.38 12.39
CA PRO B 49 45.66 -30.41 12.29
C PRO B 49 45.88 -29.96 10.85
N LYS B 50 46.02 -28.65 10.69
CA LYS B 50 46.21 -28.04 9.39
C LYS B 50 47.70 -27.70 9.27
N LEU B 51 48.31 -28.15 8.17
CA LEU B 51 49.72 -27.90 7.90
C LEU B 51 49.91 -26.43 7.56
N LEU B 52 50.92 -25.81 8.16
CA LEU B 52 51.26 -24.41 7.96
C LEU B 52 52.58 -24.32 7.20
N ILE B 53 53.62 -24.99 7.75
CA ILE B 53 54.97 -24.98 7.21
C ILE B 53 55.49 -26.40 7.18
N TYR B 54 56.16 -26.78 6.07
CA TYR B 54 56.82 -28.08 5.98
C TYR B 54 58.33 -27.88 5.81
N THR B 55 59.11 -28.86 6.29
CA THR B 55 60.57 -28.84 6.24
C THR B 55 61.12 -27.45 6.60
N VAL B 56 60.81 -27.04 7.83
CA VAL B 56 61.38 -25.87 8.49
C VAL B 56 60.70 -24.59 8.00
N SER B 57 60.77 -24.27 6.70
CA SER B 57 60.50 -22.91 6.27
C SER B 57 59.60 -22.83 5.04
N ASN B 58 59.32 -23.95 4.38
CA ASN B 58 58.48 -23.91 3.20
C ASN B 58 57.03 -23.80 3.62
N ARG B 59 56.44 -22.62 3.35
CA ARG B 59 55.03 -22.40 3.60
C ARG B 59 54.17 -23.23 2.65
N PHE B 60 53.19 -23.95 3.22
CA PHE B 60 52.29 -24.80 2.45
C PHE B 60 51.33 -24.00 1.57
N SER B 61 51.01 -24.55 0.39
CA SER B 61 50.06 -23.98 -0.55
C SER B 61 48.82 -23.51 0.21
N GLY B 62 48.38 -22.27 -0.05
CA GLY B 62 47.14 -21.80 0.54
C GLY B 62 47.31 -21.16 1.92
N VAL B 63 48.42 -21.42 2.61
CA VAL B 63 48.65 -20.85 3.92
C VAL B 63 48.98 -19.37 3.78
N PRO B 64 48.38 -18.48 4.60
CA PRO B 64 48.67 -17.04 4.56
C PRO B 64 50.14 -16.76 4.80
N SER B 65 50.63 -15.62 4.31
CA SER B 65 52.06 -15.33 4.34
C SER B 65 52.53 -14.87 5.72
N ARG B 66 51.59 -14.63 6.65
CA ARG B 66 51.94 -14.15 7.99
C ARG B 66 52.53 -15.27 8.82
N PHE B 67 52.28 -16.51 8.40
CA PHE B 67 52.92 -17.67 8.99
C PHE B 67 54.24 -17.97 8.29
N SER B 68 55.31 -18.06 9.05
CA SER B 68 56.60 -18.40 8.47
C SER B 68 57.46 -19.15 9.48
N GLY B 69 58.24 -20.12 9.01
CA GLY B 69 59.07 -20.95 9.86
C GLY B 69 60.55 -20.70 9.62
N SER B 70 61.34 -20.65 10.70
CA SER B 70 62.77 -20.45 10.56
C SER B 70 63.50 -21.39 11.50
N GLY B 71 64.85 -21.41 11.41
CA GLY B 71 65.68 -22.21 12.29
C GLY B 71 66.50 -23.26 11.55
N SER B 72 67.26 -24.03 12.33
CA SER B 72 67.94 -25.19 11.81
C SER B 72 68.46 -26.05 12.95
N GLY B 73 68.72 -27.33 12.64
CA GLY B 73 69.38 -28.24 13.56
C GLY B 73 68.43 -28.72 14.64
N THR B 74 68.51 -28.05 15.80
CA THR B 74 67.69 -28.38 16.95
C THR B 74 66.96 -27.14 17.43
N ASP B 75 66.93 -26.09 16.59
CA ASP B 75 66.40 -24.81 17.05
C ASP B 75 65.54 -24.17 15.96
N PHE B 76 64.23 -24.11 16.23
CA PHE B 76 63.24 -23.69 15.26
C PHE B 76 62.26 -22.69 15.87
N THR B 77 61.77 -21.78 15.03
CA THR B 77 60.82 -20.74 15.40
C THR B 77 59.69 -20.70 14.39
N LEU B 78 58.46 -20.60 14.89
CA LEU B 78 57.29 -20.28 14.10
C LEU B 78 56.93 -18.84 14.41
N THR B 79 56.73 -18.02 13.39
CA THR B 79 56.39 -16.63 13.60
C THR B 79 55.04 -16.37 12.94
N ILE B 80 54.15 -15.72 13.68
CA ILE B 80 52.99 -15.09 13.08
C ILE B 80 53.26 -13.60 13.05
N SER B 81 53.52 -13.05 11.87
CA SER B 81 53.96 -11.67 11.74
C SER B 81 52.89 -10.68 12.21
N SER B 82 51.61 -11.05 12.06
CA SER B 82 50.51 -10.14 12.33
C SER B 82 49.26 -10.92 12.73
N LEU B 83 49.08 -11.12 14.03
CA LEU B 83 48.04 -12.04 14.49
C LEU B 83 46.68 -11.54 14.06
N GLN B 84 45.81 -12.48 13.72
CA GLN B 84 44.47 -12.17 13.28
C GLN B 84 43.48 -12.98 14.12
N PRO B 85 42.21 -12.53 14.20
CA PRO B 85 41.20 -13.22 15.01
C PRO B 85 41.11 -14.70 14.69
N GLU B 86 41.11 -15.01 13.39
CA GLU B 86 40.87 -16.37 12.94
C GLU B 86 42.02 -17.27 13.37
N ASP B 87 43.10 -16.70 13.91
CA ASP B 87 44.32 -17.43 14.21
C ASP B 87 44.29 -18.07 15.60
N PHE B 88 43.18 -17.94 16.32
CA PHE B 88 43.01 -18.59 17.61
C PHE B 88 43.11 -20.09 17.41
N ALA B 89 44.08 -20.73 18.06
CA ALA B 89 44.26 -22.17 17.90
C ALA B 89 45.39 -22.65 18.79
N THR B 90 45.61 -23.96 18.76
CA THR B 90 46.80 -24.57 19.32
C THR B 90 47.76 -24.85 18.16
N TYR B 91 48.99 -24.31 18.27
CA TYR B 91 50.04 -24.48 17.26
C TYR B 91 51.03 -25.49 17.80
N PHE B 92 51.63 -26.30 16.93
CA PHE B 92 52.57 -27.29 17.43
C PHE B 92 53.45 -27.81 16.30
N CYS B 93 54.65 -28.21 16.69
CA CYS B 93 55.65 -28.63 15.73
C CYS B 93 55.68 -30.14 15.69
N SER B 94 56.40 -30.67 14.69
CA SER B 94 56.43 -32.09 14.41
C SER B 94 57.80 -32.45 13.84
N GLN B 95 58.42 -33.53 14.32
CA GLN B 95 59.61 -34.06 13.67
C GLN B 95 59.26 -35.38 13.00
N THR B 96 59.67 -35.57 11.74
CA THR B 96 59.47 -36.83 11.04
C THR B 96 60.78 -37.32 10.45
N THR B 97 61.91 -36.79 10.92
CA THR B 97 63.20 -37.28 10.46
C THR B 97 63.39 -38.72 10.92
N HIS B 98 62.88 -39.05 12.12
CA HIS B 98 63.05 -40.35 12.73
C HIS B 98 61.72 -40.91 13.22
N VAL B 99 61.60 -42.25 13.21
CA VAL B 99 60.52 -42.89 13.93
C VAL B 99 61.01 -43.27 15.31
N PRO B 100 60.15 -43.21 16.34
CA PRO B 100 58.84 -42.56 16.24
C PRO B 100 58.86 -41.08 15.88
N TRP B 101 57.86 -40.66 15.11
CA TRP B 101 57.52 -39.26 15.00
C TRP B 101 57.19 -38.74 16.38
N THR B 102 57.58 -37.50 16.66
CA THR B 102 57.31 -36.87 17.95
C THR B 102 56.90 -35.43 17.69
N PHE B 103 56.27 -34.82 18.72
CA PHE B 103 55.57 -33.56 18.54
C PHE B 103 55.83 -32.68 19.73
N GLY B 104 55.81 -31.37 19.50
CA GLY B 104 55.82 -30.37 20.56
C GLY B 104 54.52 -30.40 21.37
N GLN B 105 54.60 -29.88 22.60
CA GLN B 105 53.50 -29.92 23.57
C GLN B 105 52.44 -28.90 23.19
N GLY B 106 52.70 -28.07 22.17
CA GLY B 106 51.71 -27.17 21.63
C GLY B 106 51.75 -25.83 22.33
N THR B 107 51.23 -24.80 21.65
CA THR B 107 51.12 -23.46 22.18
C THR B 107 49.72 -22.95 21.90
N LYS B 108 48.96 -22.63 22.96
CA LYS B 108 47.61 -22.13 22.81
C LYS B 108 47.67 -20.62 22.67
N VAL B 109 47.31 -20.14 21.47
CA VAL B 109 47.32 -18.72 21.17
C VAL B 109 45.88 -18.19 21.25
N GLU B 110 45.76 -16.99 21.80
CA GLU B 110 44.47 -16.36 22.07
C GLU B 110 44.60 -14.87 21.79
N ILE B 111 43.54 -14.30 21.19
CA ILE B 111 43.57 -12.90 20.83
C ILE B 111 43.15 -12.08 22.03
N LYS B 112 43.90 -11.02 22.29
CA LYS B 112 43.56 -10.05 23.31
C LYS B 112 42.83 -8.90 22.63
N ARG B 113 41.76 -8.46 23.29
CA ARG B 113 40.93 -7.36 22.81
C ARG B 113 40.40 -6.61 24.04
N THR B 114 39.69 -5.50 23.76
CA THR B 114 39.02 -4.71 24.77
C THR B 114 37.94 -5.54 25.44
N VAL B 115 37.52 -5.07 26.62
CA VAL B 115 36.57 -5.80 27.45
C VAL B 115 35.19 -5.71 26.82
N ALA B 116 34.45 -6.82 26.90
CA ALA B 116 33.12 -6.91 26.34
C ALA B 116 32.24 -7.71 27.29
N ALA B 117 31.16 -7.06 27.74
CA ALA B 117 30.25 -7.66 28.71
C ALA B 117 29.37 -8.66 28.01
N PRO B 118 28.91 -9.72 28.70
CA PRO B 118 27.97 -10.68 28.10
C PRO B 118 26.56 -10.15 28.07
N SER B 119 25.81 -10.50 27.02
CA SER B 119 24.36 -10.44 27.04
C SER B 119 23.86 -11.73 27.70
N VAL B 120 22.87 -11.61 28.59
CA VAL B 120 22.43 -12.80 29.29
C VAL B 120 21.01 -13.17 28.88
N PHE B 121 20.75 -14.48 28.95
CA PHE B 121 19.51 -15.08 28.51
C PHE B 121 19.25 -16.30 29.37
N ILE B 122 18.03 -16.44 29.90
CA ILE B 122 17.70 -17.64 30.66
C ILE B 122 16.60 -18.40 29.93
N PHE B 123 16.61 -19.72 30.07
CA PHE B 123 15.76 -20.57 29.27
C PHE B 123 15.06 -21.57 30.18
N PRO B 124 13.74 -21.37 30.40
CA PRO B 124 12.98 -22.30 31.23
C PRO B 124 12.98 -23.64 30.50
N PRO B 125 12.69 -24.74 31.23
CA PRO B 125 12.60 -26.05 30.61
C PRO B 125 11.40 -26.18 29.68
N SER B 126 11.59 -26.99 28.64
CA SER B 126 10.51 -27.44 27.78
C SER B 126 9.54 -28.29 28.59
N ASP B 127 8.26 -28.27 28.20
CA ASP B 127 7.27 -29.15 28.79
C ASP B 127 7.50 -30.55 28.27
N GLU B 128 7.99 -30.64 27.04
CA GLU B 128 8.34 -31.91 26.43
C GLU B 128 9.29 -32.65 27.36
N GLN B 129 10.32 -31.93 27.83
CA GLN B 129 11.31 -32.52 28.71
C GLN B 129 10.65 -33.00 30.01
N LEU B 130 9.77 -32.17 30.58
CA LEU B 130 9.15 -32.41 31.88
C LEU B 130 8.45 -33.77 31.92
N LYS B 131 7.97 -34.26 30.77
CA LYS B 131 7.34 -35.56 30.67
C LYS B 131 8.31 -36.65 31.12
N SER B 132 9.59 -36.54 30.73
CA SER B 132 10.62 -37.53 31.07
C SER B 132 10.92 -37.52 32.57
N GLY B 133 10.56 -36.44 33.26
CA GLY B 133 10.72 -36.33 34.70
C GLY B 133 11.95 -35.51 35.09
N THR B 134 12.70 -35.04 34.07
CA THR B 134 13.92 -34.26 34.25
C THR B 134 13.66 -32.82 33.79
N ALA B 135 14.41 -31.85 34.36
CA ALA B 135 14.15 -30.44 34.06
C ALA B 135 15.45 -29.62 33.98
N SER B 136 15.90 -29.32 32.75
CA SER B 136 17.15 -28.63 32.49
C SER B 136 16.90 -27.13 32.30
N VAL B 137 17.43 -26.31 33.20
CA VAL B 137 17.42 -24.86 33.00
C VAL B 137 18.76 -24.46 32.38
N VAL B 138 18.74 -23.43 31.52
CA VAL B 138 19.90 -23.03 30.74
C VAL B 138 20.11 -21.53 30.85
N CYS B 139 21.38 -21.16 31.10
CA CYS B 139 21.81 -19.78 31.04
C CYS B 139 22.80 -19.60 29.89
N LEU B 140 22.75 -18.44 29.24
CA LEU B 140 23.59 -18.16 28.08
C LEU B 140 24.22 -16.79 28.27
N LEU B 141 25.56 -16.80 28.29
CA LEU B 141 26.38 -15.60 28.24
C LEU B 141 26.95 -15.45 26.82
N ASN B 142 26.69 -14.29 26.19
CA ASN B 142 26.87 -14.14 24.77
C ASN B 142 27.89 -13.04 24.47
N ASN B 143 29.02 -13.47 23.87
CA ASN B 143 29.96 -12.60 23.18
C ASN B 143 30.66 -11.67 24.17
N PHE B 144 31.36 -12.27 25.14
CA PHE B 144 32.04 -11.52 26.18
C PHE B 144 33.53 -11.79 26.10
N TYR B 145 34.30 -10.81 26.59
CA TYR B 145 35.72 -10.98 26.77
C TYR B 145 36.13 -10.18 27.99
N PRO B 146 37.01 -10.70 28.89
CA PRO B 146 37.62 -12.02 28.75
C PRO B 146 36.87 -13.27 29.19
N ARG B 147 37.53 -14.42 28.98
CA ARG B 147 36.97 -15.76 29.15
C ARG B 147 36.54 -16.04 30.59
N GLU B 148 36.93 -15.17 31.52
CA GLU B 148 36.63 -15.38 32.93
C GLU B 148 35.31 -14.71 33.25
N ALA B 149 34.33 -15.56 33.61
CA ALA B 149 33.03 -15.12 34.09
C ALA B 149 32.48 -16.14 35.08
N LYS B 150 31.62 -15.67 35.99
CA LYS B 150 31.00 -16.55 36.97
C LYS B 150 29.49 -16.58 36.73
N VAL B 151 28.93 -17.80 36.73
CA VAL B 151 27.49 -18.05 36.68
C VAL B 151 27.03 -18.53 38.05
N GLN B 152 26.15 -17.75 38.70
CA GLN B 152 25.52 -18.11 39.96
C GLN B 152 24.04 -18.46 39.74
N TRP B 153 23.67 -19.68 40.18
CA TRP B 153 22.34 -20.25 40.03
C TRP B 153 21.54 -20.16 41.32
N LYS B 154 20.29 -19.66 41.23
CA LYS B 154 19.47 -19.38 42.39
C LYS B 154 18.06 -19.98 42.24
N VAL B 155 17.57 -20.59 43.33
CA VAL B 155 16.27 -21.25 43.37
C VAL B 155 15.50 -20.76 44.60
N ASP B 156 14.57 -19.82 44.37
CA ASP B 156 13.85 -19.09 45.41
C ASP B 156 14.80 -18.22 46.22
N ASN B 157 15.74 -17.57 45.52
CA ASN B 157 16.73 -16.70 46.13
C ASN B 157 17.74 -17.51 46.94
N ALA B 158 17.82 -18.82 46.69
CA ALA B 158 18.70 -19.75 47.41
C ALA B 158 19.69 -20.40 46.44
N LEU B 159 20.98 -20.26 46.74
CA LEU B 159 22.05 -20.47 45.76
C LEU B 159 22.44 -21.95 45.69
N GLN B 160 22.90 -22.38 44.51
CA GLN B 160 22.99 -23.79 44.16
C GLN B 160 24.45 -24.24 44.08
N SER B 161 24.65 -25.56 43.89
CA SER B 161 25.97 -26.15 43.86
C SER B 161 25.86 -27.63 43.48
N GLY B 162 26.94 -28.18 42.93
CA GLY B 162 27.06 -29.61 42.68
C GLY B 162 26.22 -30.11 41.50
N ASN B 163 25.34 -29.25 40.96
CA ASN B 163 24.27 -29.67 40.06
C ASN B 163 24.50 -29.13 38.63
N SER B 164 24.95 -27.86 38.53
CA SER B 164 25.13 -27.18 37.26
C SER B 164 26.44 -27.56 36.58
N GLN B 165 26.47 -27.48 35.24
CA GLN B 165 27.68 -27.65 34.45
C GLN B 165 27.84 -26.45 33.51
N GLU B 166 29.04 -26.30 32.94
CA GLU B 166 29.39 -25.17 32.10
C GLU B 166 30.00 -25.66 30.79
N SER B 167 29.92 -24.83 29.75
CA SER B 167 30.63 -25.05 28.50
C SER B 167 31.02 -23.69 27.93
N VAL B 168 32.12 -23.66 27.17
CA VAL B 168 32.62 -22.43 26.58
C VAL B 168 33.08 -22.70 25.16
N THR B 169 32.79 -21.74 24.28
CA THR B 169 33.10 -21.84 22.86
C THR B 169 34.56 -21.48 22.62
N GLU B 170 35.09 -21.94 21.47
CA GLU B 170 36.28 -21.35 20.89
C GLU B 170 36.08 -19.84 20.83
N GLN B 171 37.18 -19.09 20.95
CA GLN B 171 37.18 -17.67 20.65
C GLN B 171 36.63 -17.49 19.23
N ASP B 172 35.92 -16.39 19.02
CA ASP B 172 35.21 -16.19 17.76
C ASP B 172 36.18 -15.64 16.71
N SER B 173 36.05 -16.15 15.48
CA SER B 173 36.94 -15.82 14.38
C SER B 173 36.89 -14.35 14.03
N LYS B 174 35.84 -13.63 14.45
CA LYS B 174 35.63 -12.25 14.02
C LYS B 174 35.64 -11.33 15.22
N ASP B 175 34.82 -11.68 16.22
CA ASP B 175 34.65 -10.95 17.48
C ASP B 175 35.88 -11.08 18.37
N SER B 176 36.46 -12.28 18.40
CA SER B 176 37.44 -12.64 19.40
C SER B 176 36.80 -12.69 20.80
N THR B 177 35.49 -13.04 20.87
CA THR B 177 34.78 -13.14 22.14
C THR B 177 34.50 -14.59 22.48
N TYR B 178 34.01 -14.82 23.71
CA TYR B 178 33.64 -16.15 24.16
C TYR B 178 32.14 -16.18 24.49
N SER B 179 31.57 -17.40 24.48
CA SER B 179 30.18 -17.60 24.86
C SER B 179 30.08 -18.79 25.81
N LEU B 180 29.23 -18.65 26.84
CA LEU B 180 29.11 -19.63 27.91
C LEU B 180 27.66 -20.09 28.08
N SER B 181 27.45 -21.41 28.21
CA SER B 181 26.18 -21.98 28.58
C SER B 181 26.32 -22.72 29.92
N SER B 182 25.24 -22.71 30.72
CA SER B 182 25.28 -23.21 32.09
C SER B 182 24.02 -24.00 32.41
N THR B 183 24.07 -25.32 32.22
CA THR B 183 22.91 -26.19 32.34
C THR B 183 22.70 -26.62 33.80
N LEU B 184 21.77 -25.94 34.51
CA LEU B 184 21.36 -26.32 35.86
C LEU B 184 20.31 -27.43 35.83
N THR B 185 20.74 -28.67 36.11
CA THR B 185 19.86 -29.82 35.93
C THR B 185 19.15 -30.13 37.25
N LEU B 186 17.91 -30.66 37.12
CA LEU B 186 17.01 -30.94 38.22
C LEU B 186 16.07 -32.11 37.85
N SER B 187 15.18 -32.46 38.78
CA SER B 187 14.07 -33.36 38.52
C SER B 187 12.75 -32.60 38.62
N LYS B 188 11.77 -33.03 37.81
CA LYS B 188 10.39 -32.53 37.85
C LYS B 188 9.97 -32.31 39.31
N ALA B 189 10.17 -33.35 40.12
CA ALA B 189 9.91 -33.30 41.54
C ALA B 189 10.42 -31.97 42.11
N ASP B 190 11.74 -31.76 42.05
CA ASP B 190 12.39 -30.64 42.71
C ASP B 190 12.06 -29.31 42.03
N TYR B 191 11.75 -29.35 40.72
CA TYR B 191 11.53 -28.16 39.92
C TYR B 191 10.26 -27.43 40.36
N GLU B 192 9.16 -28.19 40.46
CA GLU B 192 7.82 -27.63 40.61
C GLU B 192 7.54 -27.22 42.06
N LYS B 193 8.45 -27.57 42.98
CA LYS B 193 8.41 -27.01 44.32
C LYS B 193 8.60 -25.50 44.25
N HIS B 194 9.74 -25.05 43.70
CA HIS B 194 10.21 -23.69 43.84
C HIS B 194 9.68 -22.83 42.68
N LYS B 195 9.77 -21.50 42.83
CA LYS B 195 8.99 -20.57 42.03
C LYS B 195 9.90 -19.68 41.16
N VAL B 196 10.92 -19.05 41.78
CA VAL B 196 11.83 -18.14 41.06
C VAL B 196 13.08 -18.91 40.64
N TYR B 197 13.43 -18.79 39.34
CA TYR B 197 14.68 -19.28 38.79
C TYR B 197 15.44 -18.09 38.20
N ALA B 198 16.73 -18.00 38.54
CA ALA B 198 17.50 -16.78 38.31
C ALA B 198 18.95 -17.11 37.99
N CYS B 199 19.59 -16.20 37.24
CA CYS B 199 20.95 -16.39 36.77
C CYS B 199 21.77 -15.14 37.11
N GLU B 200 22.69 -15.26 38.08
CA GLU B 200 23.57 -14.14 38.44
C GLU B 200 24.90 -14.31 37.71
N VAL B 201 25.20 -13.33 36.86
CA VAL B 201 26.38 -13.38 36.01
C VAL B 201 27.33 -12.27 36.43
N THR B 202 28.54 -12.67 36.83
CA THR B 202 29.55 -11.73 37.26
C THR B 202 30.72 -11.76 36.27
N HIS B 203 31.09 -10.57 35.78
CA HIS B 203 32.10 -10.44 34.74
C HIS B 203 32.61 -9.00 34.71
N GLN B 204 33.90 -8.88 34.41
CA GLN B 204 34.65 -7.63 34.50
C GLN B 204 34.03 -6.49 33.67
N GLY B 205 33.23 -6.83 32.66
CA GLY B 205 32.68 -5.85 31.74
C GLY B 205 31.34 -5.29 32.21
N LEU B 206 30.75 -5.98 33.20
CA LEU B 206 29.60 -5.48 33.95
C LEU B 206 30.11 -4.84 35.25
N SER B 207 29.69 -3.59 35.51
CA SER B 207 30.08 -2.91 36.74
C SER B 207 29.55 -3.69 37.96
N SER B 208 28.34 -4.26 37.85
CA SER B 208 27.64 -4.86 38.97
C SER B 208 26.86 -6.10 38.52
N PRO B 209 27.08 -7.28 39.13
CA PRO B 209 26.51 -8.54 38.63
C PRO B 209 25.08 -8.41 38.10
N VAL B 210 24.84 -8.92 36.89
CA VAL B 210 23.54 -8.84 36.25
C VAL B 210 22.81 -10.17 36.46
N THR B 211 21.48 -10.06 36.67
CA THR B 211 20.62 -11.21 36.93
C THR B 211 19.47 -11.26 35.93
N LYS B 212 19.15 -12.49 35.49
CA LYS B 212 18.01 -12.76 34.62
C LYS B 212 17.26 -13.94 35.21
N SER B 213 15.92 -13.86 35.19
CA SER B 213 15.10 -14.81 35.92
C SER B 213 13.74 -14.98 35.24
N PHE B 214 13.13 -16.14 35.47
CA PHE B 214 11.74 -16.36 35.13
C PHE B 214 11.03 -16.88 36.37
N ASN B 215 9.69 -17.00 36.28
CA ASN B 215 8.89 -17.74 37.25
C ASN B 215 8.03 -18.75 36.47
N ARG B 216 7.98 -20.01 36.94
CA ARG B 216 7.37 -21.09 36.19
C ARG B 216 5.92 -20.76 35.85
N GLY B 217 5.66 -20.32 34.60
CA GLY B 217 4.32 -19.93 34.19
C GLY B 217 4.36 -18.90 33.08
N VAL C 2 23.81 -12.82 -26.97
CA VAL C 2 23.62 -11.44 -27.53
C VAL C 2 23.87 -10.43 -26.40
N GLN C 3 24.68 -9.41 -26.69
CA GLN C 3 25.09 -8.42 -25.70
C GLN C 3 25.03 -7.02 -26.31
N LEU C 4 24.28 -6.13 -25.63
CA LEU C 4 24.16 -4.73 -25.98
C LEU C 4 24.70 -3.93 -24.79
N VAL C 5 25.73 -3.10 -24.99
CA VAL C 5 26.24 -2.31 -23.87
C VAL C 5 26.05 -0.81 -24.16
N GLU C 6 25.26 -0.17 -23.28
CA GLU C 6 24.94 1.24 -23.32
C GLU C 6 26.16 2.04 -22.85
N SER C 7 26.38 3.20 -23.47
CA SER C 7 27.58 3.99 -23.27
C SER C 7 27.28 5.46 -23.59
N GLY C 8 27.72 6.39 -22.73
CA GLY C 8 27.88 7.78 -23.12
C GLY C 8 27.19 8.80 -22.22
N GLY C 9 26.39 8.36 -21.26
CA GLY C 9 25.59 9.25 -20.44
C GLY C 9 26.46 10.23 -19.65
N GLY C 10 25.81 11.19 -18.97
CA GLY C 10 26.50 12.22 -18.24
C GLY C 10 25.62 13.47 -18.09
N LEU C 11 26.15 14.46 -17.38
CA LEU C 11 25.44 15.71 -17.12
C LEU C 11 25.71 16.67 -18.28
N VAL C 12 24.64 17.23 -18.83
CA VAL C 12 24.76 18.22 -19.89
C VAL C 12 23.68 19.26 -19.69
N GLN C 13 23.99 20.51 -20.08
CA GLN C 13 23.18 21.67 -19.72
C GLN C 13 22.01 21.77 -20.70
N PRO C 14 20.84 22.28 -20.27
CA PRO C 14 19.68 22.43 -21.16
C PRO C 14 20.15 23.08 -22.45
N GLY C 15 19.69 22.55 -23.59
CA GLY C 15 20.06 23.11 -24.89
C GLY C 15 21.12 22.27 -25.60
N GLY C 16 21.88 21.47 -24.84
CA GLY C 16 23.06 20.79 -25.38
C GLY C 16 22.72 19.59 -26.26
N SER C 17 23.77 19.07 -26.89
CA SER C 17 23.74 17.83 -27.64
C SER C 17 24.38 16.71 -26.82
N LEU C 18 23.97 15.48 -27.11
CA LEU C 18 24.60 14.32 -26.51
C LEU C 18 24.36 13.11 -27.40
N ARG C 19 25.40 12.28 -27.55
CA ARG C 19 25.39 11.15 -28.47
C ARG C 19 25.67 9.86 -27.69
N LEU C 20 24.62 9.08 -27.41
CA LEU C 20 24.73 7.83 -26.68
C LEU C 20 25.09 6.70 -27.65
N SER C 21 25.77 5.67 -27.12
CA SER C 21 26.25 4.56 -27.92
C SER C 21 25.75 3.21 -27.40
N CYS C 22 25.43 2.33 -28.36
CA CYS C 22 25.02 0.96 -28.10
C CYS C 22 25.85 -0.02 -28.92
N ALA C 23 26.80 -0.69 -28.26
CA ALA C 23 27.67 -1.66 -28.94
C ALA C 23 27.05 -3.05 -28.88
N ALA C 24 26.76 -3.62 -30.05
CA ALA C 24 26.07 -4.90 -30.14
C ALA C 24 27.07 -6.00 -30.45
N SER C 25 26.68 -7.24 -30.11
CA SER C 25 27.54 -8.40 -30.28
C SER C 25 26.76 -9.68 -30.00
N GLY C 26 27.19 -10.78 -30.63
CA GLY C 26 26.62 -12.09 -30.38
C GLY C 26 25.44 -12.41 -31.30
N TYR C 27 25.25 -11.60 -32.35
CA TYR C 27 24.25 -11.87 -33.36
C TYR C 27 24.64 -11.16 -34.65
N SER C 28 24.03 -11.54 -35.77
CA SER C 28 24.25 -10.89 -37.05
C SER C 28 23.73 -9.45 -37.02
N PHE C 29 24.65 -8.49 -36.88
CA PHE C 29 24.33 -7.09 -36.61
C PHE C 29 23.26 -6.54 -37.55
N THR C 30 23.37 -6.83 -38.84
CA THR C 30 22.66 -6.04 -39.85
C THR C 30 21.23 -6.52 -40.05
N GLY C 31 20.79 -7.56 -39.31
CA GLY C 31 19.54 -8.23 -39.64
C GLY C 31 18.46 -8.01 -38.58
N TYR C 32 18.65 -7.04 -37.69
CA TYR C 32 17.76 -6.86 -36.55
C TYR C 32 17.72 -5.40 -36.14
N TYR C 33 16.49 -4.93 -35.86
CA TYR C 33 16.27 -3.62 -35.26
C TYR C 33 16.94 -3.56 -33.89
N ILE C 34 17.35 -2.35 -33.51
CA ILE C 34 17.84 -2.03 -32.18
C ILE C 34 17.02 -0.84 -31.70
N HIS C 35 16.45 -0.97 -30.49
CA HIS C 35 15.54 0.02 -29.95
C HIS C 35 16.24 0.75 -28.81
N TRP C 36 15.96 2.06 -28.71
CA TRP C 36 16.26 2.80 -27.51
C TRP C 36 14.97 3.02 -26.71
N VAL C 37 15.06 2.78 -25.39
CA VAL C 37 13.99 3.01 -24.44
C VAL C 37 14.60 3.72 -23.24
N ARG C 38 13.88 4.66 -22.62
CA ARG C 38 14.42 5.41 -21.50
C ARG C 38 13.48 5.35 -20.30
N GLN C 39 14.04 5.60 -19.11
CA GLN C 39 13.23 5.67 -17.90
C GLN C 39 13.62 6.90 -17.07
N ALA C 40 12.71 7.89 -17.02
CA ALA C 40 12.92 9.04 -16.15
C ALA C 40 12.80 8.61 -14.69
N PRO C 41 13.42 9.34 -13.74
CA PRO C 41 13.32 8.98 -12.31
C PRO C 41 11.87 9.01 -11.81
N GLY C 42 11.44 7.89 -11.22
CA GLY C 42 10.10 7.78 -10.66
C GLY C 42 9.08 7.33 -11.70
N LYS C 43 9.32 7.65 -12.98
CA LYS C 43 8.39 7.31 -14.04
C LYS C 43 8.69 5.90 -14.55
N GLY C 44 7.92 5.49 -15.57
CA GLY C 44 8.05 4.20 -16.22
C GLY C 44 8.88 4.27 -17.50
N LEU C 45 8.97 3.13 -18.20
CA LEU C 45 9.74 3.04 -19.43
C LEU C 45 9.01 3.82 -20.52
N GLU C 46 9.80 4.47 -21.38
CA GLU C 46 9.25 5.18 -22.52
C GLU C 46 10.09 4.89 -23.77
N TRP C 47 9.41 4.38 -24.79
CA TRP C 47 10.04 4.04 -26.06
C TRP C 47 10.48 5.30 -26.78
N VAL C 48 11.67 5.26 -27.39
CA VAL C 48 12.23 6.43 -28.04
C VAL C 48 12.31 6.24 -29.55
N ALA C 49 12.94 5.17 -30.01
CA ALA C 49 13.12 4.98 -31.43
C ALA C 49 13.80 3.64 -31.67
N ARG C 50 13.89 3.24 -32.95
CA ARG C 50 14.54 1.99 -33.31
C ARG C 50 15.22 2.16 -34.65
N VAL C 51 16.30 1.41 -34.86
CA VAL C 51 17.06 1.48 -36.10
C VAL C 51 17.45 0.07 -36.52
N ILE C 52 17.38 -0.21 -37.82
CA ILE C 52 17.89 -1.45 -38.37
C ILE C 52 19.10 -1.17 -39.26
N PRO C 53 20.22 -1.90 -39.11
CA PRO C 53 21.46 -1.57 -39.81
C PRO C 53 21.56 -1.86 -41.30
N ASN C 54 20.51 -2.39 -41.93
CA ASN C 54 20.52 -2.57 -43.37
C ASN C 54 19.91 -1.33 -44.05
N ALA C 55 20.10 -0.14 -43.43
CA ALA C 55 19.62 1.13 -43.95
C ALA C 55 18.15 1.06 -44.34
N GLY C 56 17.43 0.05 -43.84
CA GLY C 56 16.07 -0.22 -44.22
C GLY C 56 15.10 0.11 -43.08
N GLY C 57 15.35 1.24 -42.40
CA GLY C 57 14.42 1.78 -41.43
C GLY C 57 15.12 2.47 -40.26
N THR C 58 14.63 3.68 -39.95
CA THR C 58 14.64 4.19 -38.60
C THR C 58 13.19 4.56 -38.29
N SER C 59 12.80 4.52 -37.00
CA SER C 59 11.47 4.90 -36.54
C SER C 59 11.61 5.69 -35.25
N TYR C 60 10.76 6.71 -35.09
CA TYR C 60 10.87 7.61 -33.95
C TYR C 60 9.51 7.80 -33.29
N ASN C 61 9.49 7.88 -31.96
CA ASN C 61 8.32 8.39 -31.27
C ASN C 61 8.01 9.78 -31.84
N GLN C 62 6.75 10.02 -32.23
CA GLN C 62 6.36 11.32 -32.76
C GLN C 62 6.89 12.43 -31.87
N LYS C 63 7.11 12.14 -30.58
CA LYS C 63 7.52 13.12 -29.58
C LYS C 63 8.95 13.60 -29.80
N PHE C 64 9.81 12.77 -30.40
CA PHE C 64 11.23 13.09 -30.48
C PHE C 64 11.67 13.25 -31.94
N LYS C 65 10.71 13.25 -32.87
CA LYS C 65 11.02 13.18 -34.29
C LYS C 65 12.03 14.27 -34.65
N GLY C 66 11.73 15.51 -34.26
CA GLY C 66 12.60 16.63 -34.58
C GLY C 66 14.01 16.44 -34.00
N ARG C 67 14.07 16.14 -32.69
CA ARG C 67 15.24 16.48 -31.89
C ARG C 67 16.21 15.32 -31.74
N PHE C 68 15.78 14.07 -32.05
CA PHE C 68 16.61 12.89 -31.86
C PHE C 68 16.85 12.20 -33.19
N THR C 69 18.06 11.68 -33.36
CA THR C 69 18.50 11.01 -34.58
C THR C 69 19.14 9.67 -34.21
N LEU C 70 18.87 8.64 -35.02
CA LEU C 70 19.52 7.35 -34.89
C LEU C 70 20.37 7.14 -36.13
N SER C 71 21.33 6.22 -35.98
CA SER C 71 22.57 6.24 -36.72
C SER C 71 23.28 4.94 -36.39
N VAL C 72 24.10 4.47 -37.32
CA VAL C 72 24.67 3.14 -37.23
C VAL C 72 26.05 3.14 -37.87
N ASP C 73 26.84 2.12 -37.52
CA ASP C 73 28.17 1.94 -38.08
C ASP C 73 28.45 0.45 -38.09
N ASN C 74 28.21 -0.18 -39.25
CA ASN C 74 28.39 -1.60 -39.41
C ASN C 74 29.82 -2.00 -39.05
N SER C 75 30.77 -1.09 -39.26
CA SER C 75 32.17 -1.36 -38.99
C SER C 75 32.38 -1.69 -37.51
N LYS C 76 31.59 -1.07 -36.63
CA LYS C 76 31.77 -1.24 -35.19
C LYS C 76 30.56 -1.94 -34.56
N ASN C 77 29.64 -2.47 -35.38
CA ASN C 77 28.41 -3.05 -34.88
C ASN C 77 27.83 -2.21 -33.72
N THR C 78 27.67 -0.91 -33.97
CA THR C 78 27.31 0.01 -32.91
C THR C 78 26.21 0.92 -33.44
N ALA C 79 25.16 1.11 -32.64
CA ALA C 79 24.13 2.09 -32.97
C ALA C 79 24.30 3.31 -32.07
N TYR C 80 23.82 4.44 -32.58
CA TYR C 80 24.04 5.73 -31.95
C TYR C 80 22.70 6.46 -31.84
N LEU C 81 22.45 7.05 -30.67
CA LEU C 81 21.29 7.90 -30.47
C LEU C 81 21.77 9.31 -30.17
N GLN C 82 21.51 10.25 -31.09
CA GLN C 82 21.85 11.63 -30.83
C GLN C 82 20.61 12.38 -30.33
N MET C 83 20.78 13.12 -29.24
CA MET C 83 19.72 13.93 -28.67
C MET C 83 20.14 15.41 -28.70
N ASN C 84 19.38 16.23 -29.45
CA ASN C 84 19.62 17.66 -29.53
C ASN C 84 18.59 18.41 -28.68
N SER C 85 18.95 19.63 -28.29
CA SER C 85 18.03 20.54 -27.62
C SER C 85 17.52 19.90 -26.33
N LEU C 86 18.47 19.44 -25.51
CA LEU C 86 18.14 18.64 -24.35
C LEU C 86 17.33 19.48 -23.37
N ARG C 87 16.33 18.82 -22.76
CA ARG C 87 15.47 19.42 -21.75
C ARG C 87 15.60 18.65 -20.44
N ALA C 88 15.07 19.24 -19.37
CA ALA C 88 15.14 18.66 -18.04
C ALA C 88 14.41 17.32 -17.98
N GLU C 89 13.32 17.19 -18.77
CA GLU C 89 12.52 15.97 -18.74
C GLU C 89 13.16 14.89 -19.62
N ASP C 90 14.32 15.16 -20.23
CA ASP C 90 15.08 14.12 -20.90
C ASP C 90 16.02 13.40 -19.94
N THR C 91 16.09 13.88 -18.70
CA THR C 91 16.86 13.22 -17.65
C THR C 91 16.31 11.82 -17.46
N ALA C 92 17.14 10.80 -17.77
CA ALA C 92 16.69 9.43 -17.65
C ALA C 92 17.84 8.44 -17.81
N VAL C 93 17.58 7.20 -17.38
CA VAL C 93 18.40 6.06 -17.75
C VAL C 93 18.00 5.65 -19.17
N TYR C 94 18.97 5.73 -20.10
CA TYR C 94 18.77 5.34 -21.48
C TYR C 94 19.20 3.89 -21.65
N TYR C 95 18.20 3.03 -21.93
CA TYR C 95 18.41 1.61 -22.19
C TYR C 95 18.33 1.36 -23.70
N CYS C 96 18.87 0.22 -24.08
CA CYS C 96 19.17 -0.15 -25.46
C CYS C 96 18.79 -1.63 -25.56
N ALA C 97 18.07 -2.03 -26.62
CA ALA C 97 17.51 -3.38 -26.66
C ALA C 97 17.29 -3.83 -28.09
N ARG C 98 17.77 -5.05 -28.39
CA ARG C 98 17.56 -5.61 -29.73
C ARG C 98 16.18 -6.25 -29.78
N GLU C 99 15.47 -6.05 -30.90
CA GLU C 99 14.19 -6.71 -31.11
C GLU C 99 14.37 -8.22 -30.88
N GLY C 100 13.40 -8.84 -30.20
CA GLY C 100 13.44 -10.27 -29.93
C GLY C 100 14.02 -10.60 -28.55
N ILE C 101 14.67 -9.61 -27.91
CA ILE C 101 15.29 -9.76 -26.60
C ILE C 101 14.55 -8.91 -25.56
N TYR C 102 14.03 -9.55 -24.52
CA TYR C 102 13.13 -8.89 -23.60
C TYR C 102 13.77 -8.66 -22.23
N TRP C 103 15.09 -8.82 -22.11
CA TRP C 103 15.75 -8.39 -20.87
C TRP C 103 16.35 -7.00 -21.08
N TRP C 104 16.67 -6.33 -19.97
CA TRP C 104 17.29 -5.01 -19.97
C TRP C 104 18.71 -5.09 -19.42
N GLY C 105 19.60 -4.27 -20.01
CA GLY C 105 20.98 -4.15 -19.55
C GLY C 105 21.06 -3.13 -18.42
N GLN C 106 22.21 -2.47 -18.28
CA GLN C 106 22.38 -1.55 -17.17
C GLN C 106 21.95 -0.14 -17.58
N GLY C 107 22.12 0.19 -18.86
CA GLY C 107 21.74 1.50 -19.37
C GLY C 107 22.86 2.53 -19.12
N THR C 108 22.54 3.80 -19.41
CA THR C 108 23.45 4.89 -19.14
C THR C 108 22.63 6.12 -18.72
N LEU C 109 23.00 6.72 -17.58
CA LEU C 109 22.24 7.81 -16.99
C LEU C 109 22.62 9.14 -17.65
N VAL C 110 21.58 9.87 -18.06
CA VAL C 110 21.72 11.17 -18.67
C VAL C 110 20.98 12.18 -17.82
N THR C 111 21.71 13.18 -17.31
CA THR C 111 21.08 14.22 -16.49
C THR C 111 21.16 15.53 -17.26
N VAL C 112 20.06 16.31 -17.21
CA VAL C 112 20.01 17.60 -17.89
C VAL C 112 19.61 18.69 -16.88
N SER C 113 20.60 19.48 -16.46
CA SER C 113 20.41 20.54 -15.47
C SER C 113 21.31 21.73 -15.78
N SER C 114 20.87 22.92 -15.32
CA SER C 114 21.64 24.15 -15.43
C SER C 114 22.76 24.21 -14.39
N ALA C 115 22.46 23.76 -13.16
CA ALA C 115 23.44 23.76 -12.08
C ALA C 115 24.64 22.89 -12.46
N SER C 116 25.70 22.96 -11.65
CA SER C 116 26.94 22.30 -12.04
C SER C 116 27.41 21.29 -11.01
N THR C 117 28.29 20.40 -11.48
CA THR C 117 28.87 19.34 -10.67
C THR C 117 29.24 19.92 -9.31
N LYS C 118 28.92 19.16 -8.25
CA LYS C 118 29.50 19.41 -6.94
C LYS C 118 29.65 18.08 -6.21
N GLY C 119 30.91 17.71 -5.92
CA GLY C 119 31.21 16.56 -5.08
C GLY C 119 30.66 16.70 -3.67
N PRO C 120 30.56 15.61 -2.89
CA PRO C 120 30.02 15.65 -1.54
C PRO C 120 31.06 15.67 -0.43
N SER C 121 30.72 16.32 0.68
CA SER C 121 31.44 16.16 1.92
C SER C 121 30.90 14.94 2.64
N VAL C 122 31.80 14.13 3.21
CA VAL C 122 31.43 12.87 3.81
C VAL C 122 31.80 12.90 5.29
N PHE C 123 30.82 13.19 6.15
CA PHE C 123 31.06 13.27 7.58
C PHE C 123 30.68 11.93 8.22
N PRO C 124 31.34 11.54 9.33
CA PRO C 124 30.96 10.31 10.00
C PRO C 124 29.66 10.49 10.79
N LEU C 125 28.99 9.36 11.04
CA LEU C 125 28.01 9.23 12.12
C LEU C 125 28.56 8.19 13.07
N ALA C 126 28.96 8.64 14.25
CA ALA C 126 29.77 7.84 15.15
C ALA C 126 28.90 7.30 16.28
N PRO C 127 29.11 6.01 16.65
CA PRO C 127 28.34 5.38 17.74
C PRO C 127 28.79 5.84 19.11
N SER C 128 27.82 6.26 19.94
CA SER C 128 28.09 6.53 21.35
C SER C 128 28.17 5.20 22.10
N SER C 129 28.66 5.24 23.34
CA SER C 129 28.74 4.05 24.17
C SER C 129 28.29 4.37 25.60
N GLY C 134 26.35 -5.15 25.97
CA GLY C 134 25.80 -6.26 25.16
C GLY C 134 24.48 -5.88 24.49
N GLY C 135 24.56 -5.48 23.21
CA GLY C 135 23.39 -5.19 22.40
C GLY C 135 23.77 -4.96 20.93
N THR C 136 23.01 -4.09 20.27
CA THR C 136 23.30 -3.67 18.91
C THR C 136 23.68 -2.19 18.94
N ALA C 137 24.68 -1.80 18.14
CA ALA C 137 25.01 -0.39 17.95
C ALA C 137 24.93 -0.03 16.47
N ALA C 138 24.97 1.27 16.20
CA ALA C 138 24.71 1.78 14.86
C ALA C 138 25.70 2.89 14.55
N LEU C 139 26.24 2.84 13.34
CA LEU C 139 27.21 3.82 12.87
C LEU C 139 26.94 4.04 11.39
N GLY C 140 27.45 5.16 10.84
CA GLY C 140 27.19 5.47 9.45
C GLY C 140 27.98 6.67 8.93
N CYS C 141 27.71 7.00 7.66
CA CYS C 141 28.25 8.19 7.01
C CYS C 141 27.13 9.09 6.51
N LEU C 142 27.26 10.38 6.83
CA LEU C 142 26.49 11.44 6.21
C LEU C 142 27.22 11.86 4.94
N VAL C 143 26.50 11.85 3.81
CA VAL C 143 27.04 12.32 2.55
C VAL C 143 26.24 13.55 2.12
N LYS C 144 26.89 14.73 2.20
CA LYS C 144 26.18 15.99 2.19
C LYS C 144 26.66 16.89 1.06
N ASP C 145 25.69 17.66 0.52
CA ASP C 145 25.92 18.74 -0.45
C ASP C 145 26.63 18.21 -1.69
N TYR C 146 25.83 17.72 -2.65
CA TYR C 146 26.30 17.23 -3.95
C TYR C 146 25.20 17.43 -4.99
N PHE C 147 25.61 17.32 -6.26
CA PHE C 147 24.73 17.39 -7.44
C PHE C 147 25.50 16.86 -8.65
N PRO C 148 24.91 15.99 -9.51
CA PRO C 148 23.57 15.43 -9.32
C PRO C 148 23.62 14.05 -8.64
N GLU C 149 22.47 13.35 -8.61
CA GLU C 149 22.46 11.92 -8.35
C GLU C 149 23.18 11.21 -9.48
N PRO C 150 23.86 10.04 -9.28
CA PRO C 150 23.88 9.34 -8.00
C PRO C 150 25.21 9.31 -7.25
N VAL C 151 25.14 9.19 -5.92
CA VAL C 151 26.25 8.65 -5.16
C VAL C 151 26.01 7.15 -5.01
N THR C 152 27.09 6.41 -4.79
CA THR C 152 26.99 5.02 -4.34
C THR C 152 27.77 4.91 -3.04
N VAL C 153 27.29 4.03 -2.15
CA VAL C 153 27.94 3.82 -0.87
C VAL C 153 28.04 2.31 -0.63
N SER C 154 29.26 1.83 -0.43
CA SER C 154 29.46 0.49 0.08
C SER C 154 30.13 0.60 1.43
N TRP C 155 30.21 -0.51 2.16
CA TRP C 155 30.91 -0.56 3.43
C TRP C 155 31.94 -1.64 3.36
N ASN C 156 33.15 -1.36 3.87
CA ASN C 156 34.26 -2.30 3.85
C ASN C 156 34.38 -2.94 2.45
N SER C 157 34.27 -2.07 1.43
CA SER C 157 34.48 -2.41 0.03
C SER C 157 33.50 -3.46 -0.49
N GLY C 158 32.44 -3.78 0.28
CA GLY C 158 31.52 -4.86 -0.09
C GLY C 158 31.50 -5.99 0.94
N ALA C 159 32.61 -6.14 1.70
CA ALA C 159 32.73 -7.15 2.75
C ALA C 159 31.57 -7.07 3.75
N LEU C 160 31.04 -5.85 3.95
CA LEU C 160 29.96 -5.60 4.89
C LEU C 160 28.72 -5.18 4.13
N THR C 161 27.67 -6.00 4.22
CA THR C 161 26.45 -5.77 3.47
C THR C 161 25.22 -6.02 4.36
N SER C 162 25.33 -6.86 5.39
CA SER C 162 24.22 -7.13 6.30
C SER C 162 24.05 -5.98 7.30
N GLY C 163 22.78 -5.56 7.46
CA GLY C 163 22.40 -4.57 8.44
C GLY C 163 22.51 -3.15 7.88
N VAL C 164 23.01 -3.03 6.64
CA VAL C 164 23.31 -1.75 6.04
C VAL C 164 22.05 -1.18 5.37
N HIS C 165 21.79 0.11 5.63
CA HIS C 165 20.65 0.81 5.06
C HIS C 165 21.17 2.14 4.50
N THR C 166 21.40 2.15 3.19
CA THR C 166 21.83 3.33 2.47
C THR C 166 20.58 4.01 1.90
N PHE C 167 20.30 5.23 2.37
CA PHE C 167 18.98 5.84 2.29
C PHE C 167 18.75 6.57 0.97
N PRO C 168 17.49 6.92 0.64
CA PRO C 168 17.20 7.78 -0.51
C PRO C 168 17.61 9.22 -0.22
N ALA C 169 18.20 9.87 -1.24
CA ALA C 169 18.70 11.23 -1.12
C ALA C 169 17.57 12.23 -0.87
N VAL C 170 17.96 13.45 -0.49
CA VAL C 170 17.00 14.52 -0.19
C VAL C 170 17.53 15.82 -0.80
N LEU C 171 16.75 16.41 -1.70
CA LEU C 171 17.04 17.75 -2.20
C LEU C 171 16.76 18.73 -1.06
N GLN C 172 17.80 19.49 -0.67
CA GLN C 172 17.71 20.51 0.37
C GLN C 172 17.26 21.82 -0.28
N SER C 173 16.87 22.80 0.53
CA SER C 173 16.47 24.11 0.02
C SER C 173 17.63 24.76 -0.74
N SER C 174 18.86 24.36 -0.38
CA SER C 174 20.06 24.76 -1.08
C SER C 174 20.11 24.22 -2.51
N GLY C 175 19.18 23.35 -2.90
CA GLY C 175 19.20 22.76 -4.23
C GLY C 175 20.32 21.72 -4.36
N LEU C 176 20.75 21.18 -3.21
CA LEU C 176 21.74 20.12 -3.15
C LEU C 176 21.19 18.93 -2.37
N TYR C 177 21.70 17.74 -2.70
CA TYR C 177 21.26 16.52 -2.03
C TYR C 177 22.03 16.32 -0.73
N SER C 178 21.52 15.44 0.14
CA SER C 178 22.33 14.76 1.13
C SER C 178 21.62 13.48 1.58
N LEU C 179 22.30 12.34 1.46
CA LEU C 179 21.77 11.09 1.96
C LEU C 179 22.58 10.66 3.18
N SER C 180 22.23 9.48 3.69
CA SER C 180 22.90 8.85 4.81
C SER C 180 22.98 7.34 4.58
N SER C 181 24.16 6.73 4.82
CA SER C 181 24.25 5.27 4.96
C SER C 181 24.54 4.96 6.42
N VAL C 182 23.75 4.03 6.98
CA VAL C 182 23.98 3.55 8.32
C VAL C 182 24.08 2.02 8.26
N VAL C 183 24.76 1.48 9.27
CA VAL C 183 24.85 0.05 9.47
C VAL C 183 24.70 -0.22 10.98
N THR C 184 23.94 -1.28 11.29
CA THR C 184 23.86 -1.79 12.65
C THR C 184 24.83 -2.96 12.76
N VAL C 185 25.42 -3.08 13.94
CA VAL C 185 26.44 -4.08 14.15
C VAL C 185 26.49 -4.42 15.63
N PRO C 186 26.95 -5.65 16.00
CA PRO C 186 27.13 -6.01 17.41
C PRO C 186 27.92 -4.97 18.19
N SER C 187 27.48 -4.70 19.43
CA SER C 187 28.14 -3.72 20.29
C SER C 187 29.51 -4.24 20.72
N SER C 188 29.64 -5.57 20.83
CA SER C 188 30.92 -6.21 21.08
C SER C 188 31.93 -5.77 20.02
N SER C 189 31.53 -5.85 18.74
CA SER C 189 32.43 -5.72 17.60
C SER C 189 32.89 -4.28 17.35
N LEU C 190 32.29 -3.27 17.99
CA LEU C 190 32.89 -1.94 17.98
C LEU C 190 34.25 -2.02 18.66
N GLY C 191 35.25 -1.39 18.05
CA GLY C 191 36.63 -1.48 18.53
C GLY C 191 37.20 -2.88 18.32
N THR C 192 37.15 -3.37 17.08
CA THR C 192 37.61 -4.69 16.68
C THR C 192 37.58 -4.75 15.15
N GLN C 193 36.37 -4.88 14.59
CA GLN C 193 36.17 -4.67 13.16
C GLN C 193 36.23 -3.16 12.89
N THR C 194 36.91 -2.78 11.79
CA THR C 194 37.02 -1.37 11.41
C THR C 194 35.97 -1.09 10.36
N TYR C 195 35.24 0.02 10.56
CA TYR C 195 34.15 0.37 9.68
C TYR C 195 34.61 1.52 8.79
N ILE C 196 34.71 1.21 7.50
CA ILE C 196 35.02 2.18 6.46
C ILE C 196 33.82 2.25 5.53
N CYS C 197 33.35 3.48 5.28
CA CYS C 197 32.31 3.69 4.28
C CYS C 197 32.94 4.27 3.02
N ASN C 198 32.77 3.57 1.90
CA ASN C 198 33.32 3.97 0.63
C ASN C 198 32.25 4.73 -0.14
N VAL C 199 32.40 6.06 -0.18
CA VAL C 199 31.54 6.91 -1.01
C VAL C 199 32.21 7.09 -2.36
N ASN C 200 31.38 7.25 -3.40
CA ASN C 200 31.85 7.37 -4.76
C ASN C 200 30.82 8.16 -5.57
N HIS C 201 31.33 9.03 -6.46
CA HIS C 201 30.52 9.97 -7.22
C HIS C 201 31.28 10.29 -8.51
N LYS C 202 30.97 9.53 -9.57
CA LYS C 202 31.64 9.65 -10.86
C LYS C 202 31.49 11.06 -11.44
N PRO C 203 30.29 11.70 -11.36
CA PRO C 203 30.11 13.05 -11.89
C PRO C 203 31.16 14.10 -11.53
N SER C 204 31.76 13.99 -10.33
CA SER C 204 32.79 14.93 -9.88
C SER C 204 34.12 14.21 -9.64
N ASN C 205 34.15 12.88 -9.84
CA ASN C 205 35.35 12.08 -9.68
C ASN C 205 35.83 12.08 -8.22
N THR C 206 34.91 12.36 -7.27
CA THR C 206 35.23 12.28 -5.84
C THR C 206 34.99 10.87 -5.35
N LYS C 207 36.07 10.16 -4.98
CA LYS C 207 36.01 8.95 -4.20
C LYS C 207 36.58 9.26 -2.82
N VAL C 208 35.78 9.06 -1.76
CA VAL C 208 36.32 9.20 -0.43
C VAL C 208 36.05 7.92 0.35
N ASP C 209 36.93 7.63 1.32
CA ASP C 209 36.72 6.59 2.31
C ASP C 209 36.78 7.23 3.69
N LYS C 210 35.78 6.95 4.53
CA LYS C 210 35.82 7.35 5.92
C LYS C 210 35.89 6.12 6.81
N LYS C 211 36.99 6.04 7.57
CA LYS C 211 37.00 5.29 8.82
C LYS C 211 36.01 5.99 9.74
N VAL C 212 35.11 5.21 10.33
CA VAL C 212 34.26 5.70 11.39
C VAL C 212 34.58 4.89 12.64
N GLU C 213 34.75 5.60 13.76
CA GLU C 213 35.16 5.00 15.01
C GLU C 213 34.56 5.83 16.14
N PRO C 214 34.34 5.22 17.32
CA PRO C 214 33.80 5.96 18.47
C PRO C 214 34.61 7.21 18.79
N LYS C 215 33.94 8.29 19.19
CA LYS C 215 34.58 9.56 19.48
C LYS C 215 35.11 9.53 20.93
N SER C 216 35.74 10.63 21.36
CA SER C 216 36.15 10.84 22.74
C SER C 216 36.07 12.33 23.10
N ASP D 1 -1.05 4.22 -30.86
CA ASP D 1 -0.40 3.90 -29.57
C ASP D 1 -1.33 2.99 -28.78
N ILE D 2 -0.83 1.78 -28.48
CA ILE D 2 -1.60 0.81 -27.71
C ILE D 2 -1.51 1.19 -26.24
N GLN D 3 -2.68 1.36 -25.61
CA GLN D 3 -2.78 1.74 -24.22
C GLN D 3 -2.81 0.46 -23.39
N MET D 4 -1.88 0.34 -22.43
CA MET D 4 -1.87 -0.77 -21.47
C MET D 4 -2.43 -0.30 -20.13
N THR D 5 -3.49 -0.96 -19.66
CA THR D 5 -4.12 -0.62 -18.39
C THR D 5 -3.82 -1.72 -17.39
N GLN D 6 -2.87 -1.45 -16.49
CA GLN D 6 -2.49 -2.40 -15.47
C GLN D 6 -3.26 -2.07 -14.19
N SER D 7 -3.73 -3.09 -13.49
CA SER D 7 -4.28 -2.89 -12.15
C SER D 7 -3.83 -4.02 -11.25
N PRO D 8 -3.83 -3.89 -9.91
CA PRO D 8 -4.12 -2.63 -9.23
C PRO D 8 -2.83 -1.80 -9.26
N SER D 9 -2.91 -0.61 -8.63
CA SER D 9 -1.82 0.33 -8.61
C SER D 9 -0.82 -0.05 -7.50
N SER D 10 -1.39 -0.65 -6.45
CA SER D 10 -0.73 -0.85 -5.17
C SER D 10 -1.44 -1.94 -4.38
N LEU D 11 -0.68 -2.85 -3.75
CA LEU D 11 -1.28 -3.84 -2.85
C LEU D 11 -0.32 -4.25 -1.74
N SER D 12 -0.93 -4.81 -0.68
CA SER D 12 -0.25 -5.48 0.41
C SER D 12 -0.84 -6.86 0.59
N ALA D 13 0.04 -7.85 0.70
CA ALA D 13 -0.38 -9.20 0.99
C ALA D 13 0.62 -9.85 1.94
N SER D 14 0.11 -10.82 2.71
CA SER D 14 0.91 -11.59 3.63
C SER D 14 1.76 -12.58 2.85
N VAL D 15 2.94 -12.87 3.42
CA VAL D 15 3.83 -13.89 2.87
C VAL D 15 3.03 -15.17 2.70
N GLY D 16 3.12 -15.78 1.52
CA GLY D 16 2.43 -17.03 1.24
C GLY D 16 1.14 -16.84 0.46
N ASP D 17 0.59 -15.63 0.46
CA ASP D 17 -0.67 -15.38 -0.24
C ASP D 17 -0.46 -15.26 -1.75
N ARG D 18 -1.57 -15.49 -2.46
CA ARG D 18 -1.63 -15.29 -3.89
C ARG D 18 -1.80 -13.80 -4.18
N VAL D 19 -1.07 -13.32 -5.18
CA VAL D 19 -1.11 -11.94 -5.64
C VAL D 19 -1.40 -11.98 -7.14
N THR D 20 -2.48 -11.30 -7.55
CA THR D 20 -2.89 -11.29 -8.93
C THR D 20 -2.78 -9.85 -9.44
N ILE D 21 -2.14 -9.66 -10.60
CA ILE D 21 -2.05 -8.38 -11.29
C ILE D 21 -2.59 -8.55 -12.70
N THR D 22 -3.21 -7.49 -13.25
CA THR D 22 -3.91 -7.56 -14.53
C THR D 22 -3.40 -6.48 -15.49
N CYS D 23 -3.16 -6.86 -16.76
CA CYS D 23 -2.94 -5.93 -17.86
C CYS D 23 -3.92 -6.16 -19.01
N ARG D 24 -4.56 -5.07 -19.43
CA ARG D 24 -5.35 -5.06 -20.63
C ARG D 24 -4.65 -4.17 -21.64
N SER D 25 -4.66 -4.59 -22.90
CA SER D 25 -4.26 -3.76 -24.02
C SER D 25 -5.51 -3.21 -24.68
N SER D 26 -5.36 -2.08 -25.38
CA SER D 26 -6.47 -1.44 -26.08
C SER D 26 -6.81 -2.20 -27.37
N GLN D 27 -5.97 -3.17 -27.75
CA GLN D 27 -6.21 -3.95 -28.95
C GLN D 27 -5.33 -5.22 -28.90
N SER D 28 -5.71 -6.21 -29.71
CA SER D 28 -5.05 -7.50 -29.70
C SER D 28 -3.55 -7.31 -29.81
N LEU D 29 -2.79 -8.02 -28.96
CA LEU D 29 -1.34 -7.98 -28.99
C LEU D 29 -0.82 -9.17 -29.79
N VAL D 30 -1.73 -9.94 -30.38
CA VAL D 30 -1.35 -11.09 -31.18
C VAL D 30 -0.78 -10.61 -32.52
N HIS D 31 0.45 -11.03 -32.84
CA HIS D 31 1.08 -10.77 -34.11
C HIS D 31 0.51 -11.76 -35.13
N SER D 32 0.49 -11.36 -36.41
CA SER D 32 -0.04 -12.21 -37.47
C SER D 32 0.73 -13.53 -37.58
N ASN D 33 2.01 -13.51 -37.22
CA ASN D 33 2.79 -14.75 -37.22
C ASN D 33 2.44 -15.65 -36.03
N GLY D 34 1.53 -15.24 -35.13
CA GLY D 34 1.02 -16.13 -34.10
C GLY D 34 1.41 -15.75 -32.66
N ASN D 35 2.60 -15.16 -32.50
CA ASN D 35 3.13 -14.78 -31.19
C ASN D 35 2.40 -13.58 -30.60
N THR D 36 2.52 -13.46 -29.28
CA THR D 36 1.93 -12.41 -28.47
C THR D 36 3.02 -11.85 -27.58
N PHE D 37 3.46 -10.63 -27.90
CA PHE D 37 4.64 -10.06 -27.30
C PHE D 37 4.24 -9.23 -26.07
N LEU D 38 3.68 -9.90 -25.07
CA LEU D 38 3.36 -9.32 -23.78
C LEU D 38 4.33 -9.93 -22.78
N HIS D 39 4.92 -9.10 -21.92
CA HIS D 39 5.97 -9.57 -21.03
C HIS D 39 5.74 -8.94 -19.66
N TRP D 40 6.29 -9.56 -18.62
CA TRP D 40 6.16 -9.07 -17.25
C TRP D 40 7.53 -8.87 -16.64
N TYR D 41 7.71 -7.68 -16.04
CA TYR D 41 8.95 -7.29 -15.37
C TYR D 41 8.70 -7.05 -13.88
N GLN D 42 9.76 -7.31 -13.11
CA GLN D 42 9.85 -6.94 -11.70
C GLN D 42 10.94 -5.88 -11.57
N GLN D 43 10.62 -4.72 -10.99
CA GLN D 43 11.62 -3.69 -10.83
C GLN D 43 11.72 -3.28 -9.38
N LYS D 44 12.95 -3.47 -8.84
CA LYS D 44 13.31 -3.01 -7.52
C LYS D 44 13.95 -1.62 -7.63
N PRO D 45 13.85 -0.76 -6.59
CA PRO D 45 14.23 0.64 -6.73
C PRO D 45 15.75 0.76 -6.90
N GLY D 46 16.13 1.66 -7.82
CA GLY D 46 17.53 1.89 -8.13
C GLY D 46 18.08 0.90 -9.15
N LYS D 47 17.26 -0.07 -9.62
CA LYS D 47 17.78 -1.13 -10.47
C LYS D 47 17.00 -1.22 -11.79
N ALA D 48 17.57 -1.94 -12.75
CA ALA D 48 16.93 -2.13 -14.04
C ALA D 48 15.78 -3.13 -13.88
N PRO D 49 14.78 -3.17 -14.79
CA PRO D 49 13.73 -4.17 -14.71
C PRO D 49 14.24 -5.58 -14.96
N LYS D 50 13.84 -6.51 -14.08
CA LYS D 50 14.17 -7.92 -14.22
C LYS D 50 12.99 -8.60 -14.94
N LEU D 51 13.29 -9.25 -16.06
CA LEU D 51 12.30 -10.00 -16.80
C LEU D 51 11.86 -11.23 -16.01
N LEU D 52 10.54 -11.42 -15.88
CA LEU D 52 9.96 -12.59 -15.22
C LEU D 52 9.37 -13.53 -16.27
N ILE D 53 8.45 -13.00 -17.07
CA ILE D 53 7.70 -13.80 -18.05
C ILE D 53 7.88 -13.14 -19.41
N TYR D 54 8.22 -13.93 -20.43
CA TYR D 54 8.19 -13.46 -21.81
C TYR D 54 7.07 -14.19 -22.59
N THR D 55 6.53 -13.45 -23.57
CA THR D 55 5.45 -13.88 -24.47
C THR D 55 4.34 -14.60 -23.69
N VAL D 56 3.79 -13.88 -22.70
CA VAL D 56 2.56 -14.19 -22.01
C VAL D 56 2.82 -15.16 -20.86
N SER D 57 3.39 -16.33 -21.15
CA SER D 57 3.38 -17.41 -20.19
C SER D 57 4.72 -18.12 -20.05
N ASN D 58 5.70 -17.76 -20.90
CA ASN D 58 7.01 -18.39 -20.81
C ASN D 58 7.78 -17.73 -19.67
N ARG D 59 8.06 -18.52 -18.63
CA ARG D 59 8.81 -18.05 -17.49
C ARG D 59 10.29 -17.98 -17.89
N PHE D 60 10.96 -16.90 -17.51
CA PHE D 60 12.34 -16.72 -17.92
C PHE D 60 13.24 -17.64 -17.11
N SER D 61 14.24 -18.22 -17.79
CA SER D 61 15.35 -18.89 -17.12
C SER D 61 15.70 -18.18 -15.81
N GLY D 62 15.73 -18.96 -14.72
CA GLY D 62 16.16 -18.44 -13.43
C GLY D 62 14.98 -17.97 -12.58
N VAL D 63 13.87 -17.62 -13.21
CA VAL D 63 12.78 -17.03 -12.45
C VAL D 63 12.09 -18.14 -11.66
N PRO D 64 11.81 -17.91 -10.36
CA PRO D 64 11.07 -18.86 -9.53
C PRO D 64 9.71 -19.24 -10.10
N SER D 65 9.24 -20.41 -9.72
CA SER D 65 8.04 -20.96 -10.34
C SER D 65 6.78 -20.29 -9.81
N ARG D 66 6.86 -19.58 -8.68
CA ARG D 66 5.68 -18.94 -8.12
C ARG D 66 5.18 -17.84 -9.05
N PHE D 67 6.07 -17.32 -9.90
CA PHE D 67 5.65 -16.37 -10.90
C PHE D 67 5.15 -17.11 -12.13
N SER D 68 4.03 -16.66 -12.68
CA SER D 68 3.50 -17.24 -13.90
C SER D 68 2.53 -16.27 -14.57
N GLY D 69 2.60 -16.23 -15.91
CA GLY D 69 1.77 -15.35 -16.70
C GLY D 69 0.67 -16.13 -17.43
N SER D 70 -0.51 -15.54 -17.56
CA SER D 70 -1.57 -16.15 -18.31
C SER D 70 -2.30 -15.05 -19.07
N GLY D 71 -3.32 -15.44 -19.83
CA GLY D 71 -4.11 -14.54 -20.64
C GLY D 71 -3.90 -14.77 -22.13
N SER D 72 -4.67 -14.04 -22.93
CA SER D 72 -4.49 -13.98 -24.37
C SER D 72 -5.20 -12.74 -24.91
N GLY D 73 -4.78 -12.28 -26.08
CA GLY D 73 -5.46 -11.25 -26.84
C GLY D 73 -5.23 -9.85 -26.30
N THR D 74 -6.14 -9.43 -25.41
CA THR D 74 -6.10 -8.11 -24.77
C THR D 74 -6.17 -8.25 -23.25
N ASP D 75 -6.09 -9.47 -22.71
CA ASP D 75 -6.38 -9.72 -21.31
C ASP D 75 -5.31 -10.62 -20.70
N PHE D 76 -4.58 -10.12 -19.68
CA PHE D 76 -3.39 -10.78 -19.17
C PHE D 76 -3.33 -10.71 -17.65
N THR D 77 -2.85 -11.79 -17.02
CA THR D 77 -2.74 -11.90 -15.58
C THR D 77 -1.32 -12.33 -15.22
N LEU D 78 -0.70 -11.60 -14.29
CA LEU D 78 0.49 -12.06 -13.61
C LEU D 78 0.05 -12.53 -12.22
N THR D 79 0.45 -13.74 -11.85
CA THR D 79 0.09 -14.32 -10.56
C THR D 79 1.37 -14.69 -9.82
N ILE D 80 1.47 -14.22 -8.56
CA ILE D 80 2.47 -14.72 -7.64
C ILE D 80 1.76 -15.63 -6.65
N SER D 81 1.99 -16.94 -6.77
CA SER D 81 1.19 -17.91 -6.04
C SER D 81 1.44 -17.82 -4.54
N SER D 82 2.60 -17.27 -4.14
CA SER D 82 3.07 -17.41 -2.78
C SER D 82 4.10 -16.33 -2.46
N LEU D 83 3.60 -15.16 -2.05
CA LEU D 83 4.42 -13.97 -1.98
C LEU D 83 5.53 -14.17 -0.96
N GLN D 84 6.75 -13.83 -1.37
CA GLN D 84 7.88 -13.95 -0.46
C GLN D 84 8.41 -12.55 -0.16
N PRO D 85 9.09 -12.38 0.98
CA PRO D 85 9.70 -11.10 1.32
C PRO D 85 10.46 -10.44 0.17
N GLU D 86 11.21 -11.21 -0.61
CA GLU D 86 12.06 -10.66 -1.64
C GLU D 86 11.24 -10.20 -2.86
N ASP D 87 9.94 -10.53 -2.89
CA ASP D 87 9.07 -10.18 -3.98
C ASP D 87 8.59 -8.73 -3.89
N PHE D 88 8.90 -8.04 -2.78
CA PHE D 88 8.70 -6.61 -2.69
C PHE D 88 9.30 -5.96 -3.93
N ALA D 89 8.50 -5.18 -4.66
CA ALA D 89 8.95 -4.61 -5.93
C ALA D 89 7.81 -3.90 -6.63
N THR D 90 8.14 -3.18 -7.71
CA THR D 90 7.15 -2.68 -8.66
C THR D 90 7.17 -3.61 -9.86
N TYR D 91 6.00 -4.19 -10.17
CA TYR D 91 5.84 -5.08 -11.30
C TYR D 91 5.10 -4.34 -12.40
N PHE D 92 5.45 -4.65 -13.66
CA PHE D 92 4.80 -3.98 -14.77
C PHE D 92 4.84 -4.85 -16.02
N CYS D 93 3.84 -4.66 -16.88
CA CYS D 93 3.73 -5.38 -18.12
C CYS D 93 4.17 -4.49 -19.27
N SER D 94 4.49 -5.13 -20.39
CA SER D 94 5.12 -4.48 -21.52
C SER D 94 4.58 -5.13 -22.78
N GLN D 95 4.25 -4.33 -23.80
CA GLN D 95 3.85 -4.90 -25.09
C GLN D 95 4.91 -4.53 -26.13
N THR D 96 5.25 -5.51 -26.98
CA THR D 96 6.39 -5.42 -27.88
C THR D 96 5.99 -5.72 -29.31
N THR D 97 4.69 -5.95 -29.53
CA THR D 97 4.16 -6.29 -30.84
C THR D 97 4.22 -5.07 -31.77
N HIS D 98 3.90 -3.89 -31.23
CA HIS D 98 3.83 -2.67 -32.03
C HIS D 98 4.81 -1.64 -31.51
N VAL D 99 5.39 -0.87 -32.44
CA VAL D 99 6.07 0.35 -32.03
C VAL D 99 5.03 1.46 -32.10
N PRO D 100 5.03 2.46 -31.19
CA PRO D 100 5.95 2.48 -30.05
C PRO D 100 5.60 1.40 -29.04
N TRP D 101 6.61 0.92 -28.31
CA TRP D 101 6.40 -0.03 -27.23
C TRP D 101 5.72 0.71 -26.09
N THR D 102 4.76 0.03 -25.44
CA THR D 102 4.01 0.65 -24.34
C THR D 102 3.92 -0.31 -23.17
N PHE D 103 3.70 0.27 -21.98
CA PHE D 103 3.98 -0.36 -20.70
C PHE D 103 2.84 -0.09 -19.72
N GLY D 104 2.49 -1.09 -18.89
CA GLY D 104 1.58 -0.87 -17.78
C GLY D 104 2.13 0.16 -16.78
N GLN D 105 1.21 0.76 -16.01
CA GLN D 105 1.55 1.83 -15.08
C GLN D 105 2.12 1.23 -13.80
N GLY D 106 2.05 -0.11 -13.65
CA GLY D 106 2.87 -0.79 -12.67
C GLY D 106 2.13 -0.99 -11.34
N THR D 107 2.49 -2.06 -10.63
CA THR D 107 1.83 -2.42 -9.39
C THR D 107 2.87 -2.49 -8.29
N LYS D 108 2.68 -1.71 -7.22
CA LYS D 108 3.58 -1.73 -6.09
C LYS D 108 3.12 -2.81 -5.12
N VAL D 109 3.95 -3.83 -4.96
CA VAL D 109 3.66 -4.91 -4.03
C VAL D 109 4.48 -4.72 -2.75
N GLU D 110 3.78 -4.71 -1.61
CA GLU D 110 4.39 -4.64 -0.30
C GLU D 110 3.93 -5.85 0.51
N ILE D 111 4.80 -6.31 1.41
CA ILE D 111 4.49 -7.42 2.29
C ILE D 111 3.82 -6.86 3.54
N LYS D 112 2.79 -7.56 3.99
CA LYS D 112 2.20 -7.32 5.28
C LYS D 112 2.75 -8.33 6.29
N ARG D 113 3.36 -7.82 7.36
CA ARG D 113 3.89 -8.66 8.42
C ARG D 113 3.41 -8.12 9.75
N THR D 114 3.78 -8.80 10.82
CA THR D 114 3.45 -8.37 12.17
C THR D 114 4.14 -7.04 12.44
N VAL D 115 3.66 -6.37 13.49
CA VAL D 115 4.25 -5.13 13.96
C VAL D 115 5.68 -5.36 14.41
N ALA D 116 6.57 -4.42 14.09
CA ALA D 116 7.92 -4.44 14.61
C ALA D 116 8.29 -3.03 15.04
N ALA D 117 8.72 -2.93 16.31
CA ALA D 117 9.08 -1.66 16.90
C ALA D 117 10.46 -1.25 16.39
N PRO D 118 10.70 0.06 16.16
CA PRO D 118 11.98 0.53 15.67
C PRO D 118 13.06 0.52 16.75
N SER D 119 14.32 0.50 16.30
CA SER D 119 15.45 0.83 17.13
C SER D 119 15.84 2.28 16.85
N VAL D 120 15.90 3.09 17.91
CA VAL D 120 16.21 4.49 17.73
C VAL D 120 17.68 4.70 18.10
N PHE D 121 18.34 5.56 17.32
CA PHE D 121 19.71 5.99 17.57
C PHE D 121 19.80 7.46 17.19
N ILE D 122 20.50 8.24 18.01
CA ILE D 122 20.71 9.65 17.72
C ILE D 122 22.19 9.84 17.42
N PHE D 123 22.50 10.71 16.45
CA PHE D 123 23.88 10.97 16.07
C PHE D 123 24.17 12.45 16.13
N PRO D 124 25.16 12.89 16.94
CA PRO D 124 25.54 14.29 16.99
C PRO D 124 26.27 14.65 15.70
N PRO D 125 26.38 15.95 15.37
CA PRO D 125 27.20 16.38 14.23
C PRO D 125 28.71 16.19 14.44
N SER D 126 29.41 15.90 13.34
CA SER D 126 30.85 15.68 13.39
C SER D 126 31.57 17.01 13.56
N ASP D 127 32.72 16.99 14.24
CA ASP D 127 33.50 18.20 14.43
C ASP D 127 34.01 18.68 13.07
N GLU D 128 34.48 17.72 12.26
CA GLU D 128 34.82 17.98 10.86
C GLU D 128 33.76 18.92 10.28
N GLN D 129 32.48 18.54 10.39
CA GLN D 129 31.40 19.27 9.76
C GLN D 129 31.24 20.65 10.42
N LEU D 130 31.31 20.69 11.76
CA LEU D 130 31.05 21.91 12.51
C LEU D 130 32.01 23.03 12.11
N LYS D 131 33.24 22.69 11.73
CA LYS D 131 34.20 23.64 11.16
C LYS D 131 33.58 24.41 10.00
N SER D 132 32.73 23.74 9.20
CA SER D 132 32.18 24.31 7.98
C SER D 132 31.00 25.25 8.26
N GLY D 133 30.67 25.46 9.54
CA GLY D 133 29.68 26.44 9.93
C GLY D 133 28.24 25.92 9.88
N THR D 134 28.07 24.62 9.61
CA THR D 134 26.75 24.00 9.55
C THR D 134 26.75 22.71 10.38
N ALA D 135 25.55 22.24 10.79
CA ALA D 135 25.45 21.26 11.88
C ALA D 135 24.24 20.33 11.72
N SER D 136 24.47 19.15 11.12
CA SER D 136 23.44 18.15 10.86
C SER D 136 23.34 17.14 12.00
N VAL D 137 22.20 17.10 12.70
CA VAL D 137 21.93 16.08 13.71
C VAL D 137 21.05 15.00 13.06
N VAL D 138 21.32 13.72 13.38
CA VAL D 138 20.64 12.62 12.72
C VAL D 138 19.96 11.73 13.76
N CYS D 139 18.74 11.31 13.43
CA CYS D 139 18.02 10.27 14.14
C CYS D 139 17.81 9.12 13.16
N LEU D 140 17.78 7.89 13.68
CA LEU D 140 17.65 6.71 12.85
C LEU D 140 16.63 5.80 13.51
N LEU D 141 15.59 5.44 12.75
CA LEU D 141 14.66 4.39 13.12
C LEU D 141 15.01 3.15 12.29
N ASN D 142 15.38 2.05 12.97
CA ASN D 142 15.90 0.86 12.31
C ASN D 142 14.88 -0.28 12.38
N ASN D 143 14.44 -0.71 11.19
CA ASN D 143 13.73 -1.96 10.96
C ASN D 143 12.39 -1.99 11.68
N PHE D 144 11.45 -1.15 11.23
CA PHE D 144 10.11 -1.15 11.80
C PHE D 144 9.05 -1.56 10.77
N TYR D 145 7.93 -2.04 11.31
CA TYR D 145 6.72 -2.24 10.54
C TYR D 145 5.53 -1.92 11.46
N PRO D 146 4.48 -1.20 10.99
CA PRO D 146 4.45 -0.56 9.66
C PRO D 146 5.24 0.74 9.42
N ARG D 147 5.16 1.24 8.19
CA ARG D 147 5.89 2.42 7.72
C ARG D 147 5.52 3.69 8.49
N GLU D 148 4.28 3.78 8.99
CA GLU D 148 3.82 4.98 9.68
C GLU D 148 4.64 5.17 10.95
N ALA D 149 5.42 6.26 10.99
CA ALA D 149 6.18 6.63 12.17
C ALA D 149 6.27 8.15 12.30
N LYS D 150 6.33 8.64 13.55
CA LYS D 150 6.42 10.07 13.84
C LYS D 150 7.70 10.39 14.63
N VAL D 151 8.50 11.32 14.07
CA VAL D 151 9.74 11.79 14.66
C VAL D 151 9.62 13.26 15.07
N GLN D 152 9.67 13.54 16.38
CA GLN D 152 9.62 14.90 16.88
C GLN D 152 10.95 15.30 17.51
N TRP D 153 11.68 16.22 16.86
CA TRP D 153 12.92 16.78 17.38
C TRP D 153 12.64 17.75 18.54
N LYS D 154 13.59 17.86 19.48
CA LYS D 154 13.38 18.62 20.72
C LYS D 154 14.68 19.19 21.26
N VAL D 155 14.85 20.52 21.15
CA VAL D 155 16.05 21.20 21.62
C VAL D 155 15.75 21.92 22.95
N ASP D 156 16.13 21.28 24.06
CA ASP D 156 15.75 21.72 25.40
C ASP D 156 14.23 21.76 25.53
N ASN D 157 13.56 20.77 24.93
CA ASN D 157 12.10 20.61 24.93
C ASN D 157 11.43 21.56 23.95
N ALA D 158 12.23 22.31 23.18
CA ALA D 158 11.71 23.14 22.11
C ALA D 158 11.31 22.25 20.93
N LEU D 159 10.00 22.03 20.76
CA LEU D 159 9.52 21.22 19.65
C LEU D 159 9.69 22.03 18.37
N GLN D 160 10.06 21.36 17.28
CA GLN D 160 10.67 22.00 16.12
C GLN D 160 9.87 21.69 14.85
N SER D 161 9.98 22.57 13.83
CA SER D 161 9.60 22.21 12.47
C SER D 161 10.17 23.20 11.47
N GLY D 162 10.22 22.77 10.19
CA GLY D 162 10.79 23.56 9.10
C GLY D 162 12.26 23.20 8.86
N ASN D 163 12.93 22.72 9.91
CA ASN D 163 14.38 22.67 10.00
C ASN D 163 14.93 21.27 9.75
N SER D 164 14.05 20.26 9.66
CA SER D 164 14.46 18.87 9.49
C SER D 164 13.81 18.28 8.24
N GLN D 165 14.43 17.20 7.72
CA GLN D 165 13.91 16.46 6.59
C GLN D 165 13.96 14.97 6.89
N GLU D 166 13.18 14.16 6.16
CA GLU D 166 13.10 12.73 6.38
C GLU D 166 13.39 11.96 5.09
N SER D 167 13.68 10.68 5.28
CA SER D 167 13.93 9.75 4.20
C SER D 167 13.67 8.35 4.75
N VAL D 168 13.18 7.45 3.90
CA VAL D 168 12.64 6.16 4.33
C VAL D 168 13.13 5.13 3.32
N THR D 169 13.58 3.96 3.80
CA THR D 169 14.04 2.92 2.89
C THR D 169 12.82 2.22 2.29
N GLU D 170 13.06 1.57 1.15
CA GLU D 170 12.12 0.60 0.62
C GLU D 170 12.09 -0.61 1.56
N GLN D 171 10.96 -1.34 1.54
CA GLN D 171 10.75 -2.48 2.40
C GLN D 171 11.90 -3.47 2.21
N ASP D 172 12.42 -3.98 3.33
CA ASP D 172 13.55 -4.90 3.30
C ASP D 172 13.10 -6.21 2.65
N SER D 173 14.04 -6.86 1.95
CA SER D 173 13.76 -8.07 1.20
C SER D 173 13.85 -9.33 2.07
N LYS D 174 14.42 -9.25 3.28
CA LYS D 174 14.41 -10.35 4.24
C LYS D 174 13.43 -10.11 5.40
N ASP D 175 13.60 -8.97 6.09
CA ASP D 175 12.80 -8.55 7.24
C ASP D 175 11.37 -8.19 6.84
N SER D 176 11.23 -7.53 5.68
CA SER D 176 10.00 -6.85 5.29
C SER D 176 9.76 -5.60 6.15
N THR D 177 10.83 -4.86 6.49
CA THR D 177 10.68 -3.70 7.36
C THR D 177 11.14 -2.42 6.66
N TYR D 178 10.82 -1.31 7.32
CA TYR D 178 11.24 0.01 6.86
C TYR D 178 12.23 0.54 7.89
N SER D 179 13.17 1.35 7.40
CA SER D 179 14.03 2.16 8.25
C SER D 179 13.93 3.60 7.78
N LEU D 180 14.08 4.53 8.72
CA LEU D 180 13.93 5.95 8.45
C LEU D 180 15.07 6.74 9.09
N SER D 181 15.59 7.75 8.36
CA SER D 181 16.56 8.69 8.90
C SER D 181 16.04 10.11 8.77
N SER D 182 16.11 10.85 9.90
CA SER D 182 15.63 12.22 10.00
C SER D 182 16.79 13.16 10.34
N THR D 183 17.16 14.04 9.41
CA THR D 183 18.28 14.95 9.58
C THR D 183 17.80 16.34 9.98
N LEU D 184 18.22 16.80 11.18
CA LEU D 184 17.89 18.13 11.67
C LEU D 184 19.03 19.12 11.39
N THR D 185 18.81 20.06 10.45
CA THR D 185 19.87 20.95 9.98
C THR D 185 19.81 22.30 10.69
N LEU D 186 20.92 22.65 11.37
CA LEU D 186 21.11 23.92 12.06
C LEU D 186 22.41 24.59 11.60
N SER D 187 22.46 25.93 11.69
CA SER D 187 23.69 26.68 11.53
C SER D 187 24.54 26.48 12.78
N LYS D 188 25.86 26.61 12.62
CA LYS D 188 26.81 26.30 13.69
C LYS D 188 26.49 27.13 14.93
N ALA D 189 26.14 28.41 14.70
CA ALA D 189 25.77 29.33 15.77
C ALA D 189 24.66 28.74 16.62
N ASP D 190 23.52 28.44 15.97
CA ASP D 190 22.32 27.97 16.65
C ASP D 190 22.64 26.75 17.50
N TYR D 191 23.39 25.79 16.94
CA TYR D 191 23.66 24.52 17.61
C TYR D 191 24.29 24.80 18.98
N GLU D 192 25.28 25.70 19.00
CA GLU D 192 26.11 25.92 20.17
C GLU D 192 25.34 26.65 21.28
N LYS D 193 24.25 27.36 20.93
CA LYS D 193 23.41 28.03 21.92
C LYS D 193 22.85 27.01 22.90
N HIS D 194 22.09 26.03 22.39
CA HIS D 194 21.28 25.15 23.22
C HIS D 194 22.10 23.93 23.63
N LYS D 195 21.55 23.10 24.52
CA LYS D 195 22.32 22.08 25.22
C LYS D 195 21.88 20.65 24.84
N VAL D 196 20.62 20.31 25.15
CA VAL D 196 20.11 18.94 25.06
C VAL D 196 19.39 18.75 23.71
N TYR D 197 19.96 17.88 22.87
CA TYR D 197 19.35 17.48 21.60
C TYR D 197 18.76 16.08 21.73
N ALA D 198 17.49 15.96 21.28
CA ALA D 198 16.67 14.81 21.59
C ALA D 198 15.80 14.45 20.38
N CYS D 199 15.43 13.16 20.34
CA CYS D 199 14.66 12.58 19.26
C CYS D 199 13.52 11.78 19.87
N GLU D 200 12.29 12.27 19.71
CA GLU D 200 11.08 11.60 20.16
C GLU D 200 10.48 10.81 18.98
N VAL D 201 10.40 9.49 19.17
CA VAL D 201 9.85 8.58 18.18
C VAL D 201 8.55 7.99 18.71
N THR D 202 7.48 8.11 17.89
CA THR D 202 6.21 7.46 18.17
C THR D 202 5.87 6.54 17.00
N HIS D 203 5.49 5.31 17.36
CA HIS D 203 5.28 4.24 16.40
C HIS D 203 4.47 3.14 17.08
N GLN D 204 3.59 2.52 16.29
CA GLN D 204 2.58 1.63 16.83
C GLN D 204 3.21 0.56 17.69
N GLY D 205 4.42 0.14 17.31
CA GLY D 205 5.08 -0.98 17.96
C GLY D 205 5.69 -0.62 19.31
N LEU D 206 5.56 0.66 19.72
CA LEU D 206 6.02 1.14 21.01
C LEU D 206 4.83 1.49 21.87
N SER D 207 4.81 0.99 23.12
CA SER D 207 3.70 1.24 24.03
C SER D 207 3.63 2.72 24.42
N SER D 208 4.77 3.42 24.36
CA SER D 208 4.80 4.87 24.51
C SER D 208 6.10 5.44 23.92
N PRO D 209 6.11 6.72 23.48
CA PRO D 209 7.20 7.26 22.66
C PRO D 209 8.62 7.14 23.22
N VAL D 210 9.50 6.50 22.44
CA VAL D 210 10.90 6.33 22.83
C VAL D 210 11.66 7.61 22.48
N THR D 211 12.53 8.04 23.41
CA THR D 211 13.36 9.21 23.20
C THR D 211 14.84 8.84 23.40
N LYS D 212 15.67 9.31 22.47
CA LYS D 212 17.11 9.16 22.52
C LYS D 212 17.72 10.54 22.35
N SER D 213 18.69 10.88 23.21
CA SER D 213 19.15 12.26 23.32
C SER D 213 20.60 12.30 23.77
N PHE D 214 21.27 13.41 23.44
CA PHE D 214 22.63 13.70 23.88
C PHE D 214 22.74 15.19 24.25
N ASN D 215 23.64 15.50 25.18
CA ASN D 215 23.99 16.88 25.52
C ASN D 215 25.36 17.19 24.92
N ARG D 216 25.45 18.32 24.19
CA ARG D 216 26.68 18.74 23.52
C ARG D 216 27.85 18.76 24.53
N GLY D 217 28.76 17.79 24.42
CA GLY D 217 29.79 17.54 25.43
C GLY D 217 29.32 16.54 26.49
N GLU E 1 -40.89 -11.80 1.79
CA GLU E 1 -40.28 -13.16 1.84
C GLU E 1 -39.76 -13.37 3.26
N VAL E 2 -38.58 -13.98 3.41
CA VAL E 2 -38.09 -14.33 4.73
C VAL E 2 -37.53 -13.06 5.36
N GLN E 3 -37.91 -12.78 6.60
CA GLN E 3 -37.51 -11.56 7.29
C GLN E 3 -37.14 -11.87 8.74
N LEU E 4 -36.08 -11.21 9.23
CA LEU E 4 -35.54 -11.45 10.55
C LEU E 4 -35.13 -10.12 11.18
N VAL E 5 -35.82 -9.76 12.29
CA VAL E 5 -35.50 -8.54 13.02
C VAL E 5 -34.79 -8.92 14.32
N GLU E 6 -33.61 -8.34 14.55
CA GLU E 6 -32.90 -8.48 15.81
C GLU E 6 -33.44 -7.44 16.79
N SER E 7 -33.15 -7.62 18.09
CA SER E 7 -33.65 -6.75 19.14
C SER E 7 -33.19 -7.25 20.51
N GLY E 8 -33.02 -6.31 21.45
CA GLY E 8 -32.59 -6.64 22.79
C GLY E 8 -31.22 -6.04 23.12
N GLY E 9 -30.58 -5.44 22.12
CA GLY E 9 -29.30 -4.78 22.33
C GLY E 9 -29.43 -3.63 23.34
N GLY E 10 -28.29 -3.21 23.88
CA GLY E 10 -28.24 -2.06 24.76
C GLY E 10 -26.90 -1.91 25.45
N LEU E 11 -26.90 -1.06 26.49
CA LEU E 11 -25.78 -0.93 27.41
C LEU E 11 -26.02 -1.85 28.59
N VAL E 12 -24.93 -2.37 29.17
CA VAL E 12 -25.02 -3.30 30.28
C VAL E 12 -23.68 -3.35 31.00
N GLN E 13 -23.73 -3.45 32.34
CA GLN E 13 -22.54 -3.50 33.18
C GLN E 13 -21.80 -4.81 32.92
N PRO E 14 -20.44 -4.83 32.95
CA PRO E 14 -19.69 -6.09 32.94
C PRO E 14 -20.28 -6.98 34.03
N GLY E 15 -20.42 -8.28 33.73
CA GLY E 15 -21.02 -9.22 34.67
C GLY E 15 -22.55 -9.31 34.55
N GLY E 16 -23.15 -8.43 33.73
CA GLY E 16 -24.59 -8.45 33.53
C GLY E 16 -25.00 -9.51 32.52
N SER E 17 -26.32 -9.61 32.31
CA SER E 17 -26.93 -10.50 31.34
C SER E 17 -27.72 -9.68 30.33
N LEU E 18 -28.13 -10.34 29.23
CA LEU E 18 -28.91 -9.69 28.19
C LEU E 18 -29.54 -10.77 27.34
N ARG E 19 -30.71 -10.49 26.76
CA ARG E 19 -31.45 -11.51 26.05
C ARG E 19 -31.92 -10.97 24.70
N LEU E 20 -31.20 -11.36 23.64
CA LEU E 20 -31.48 -10.92 22.28
C LEU E 20 -32.60 -11.76 21.68
N SER E 21 -33.31 -11.19 20.70
CA SER E 21 -34.36 -11.94 20.04
C SER E 21 -34.27 -11.77 18.52
N CYS E 22 -34.67 -12.84 17.83
CA CYS E 22 -34.76 -12.88 16.39
C CYS E 22 -36.19 -13.26 16.00
N ALA E 23 -36.99 -12.25 15.63
CA ALA E 23 -38.35 -12.47 15.16
C ALA E 23 -38.32 -12.79 13.67
N ALA E 24 -38.87 -13.95 13.33
CA ALA E 24 -38.79 -14.51 11.99
C ALA E 24 -40.18 -14.61 11.36
N SER E 25 -40.20 -14.53 10.03
CA SER E 25 -41.44 -14.55 9.26
C SER E 25 -41.13 -14.89 7.81
N GLY E 26 -42.14 -15.36 7.08
CA GLY E 26 -42.05 -15.57 5.64
C GLY E 26 -41.53 -16.96 5.27
N TYR E 27 -41.54 -17.91 6.23
CA TYR E 27 -41.12 -19.29 6.00
C TYR E 27 -41.65 -20.17 7.13
N SER E 28 -41.64 -21.52 6.97
CA SER E 28 -41.99 -22.44 8.05
C SER E 28 -40.95 -22.45 9.16
N PHE E 29 -41.21 -21.69 10.22
CA PHE E 29 -40.26 -21.45 11.30
C PHE E 29 -39.62 -22.74 11.81
N THR E 30 -40.39 -23.84 11.89
CA THR E 30 -39.92 -25.05 12.57
C THR E 30 -38.98 -25.87 11.67
N GLY E 31 -38.86 -25.52 10.38
CA GLY E 31 -38.12 -26.34 9.43
C GLY E 31 -36.67 -25.89 9.20
N TYR E 32 -36.23 -24.82 9.86
CA TYR E 32 -34.96 -24.19 9.53
C TYR E 32 -34.23 -23.64 10.75
N TYR E 33 -32.92 -23.93 10.82
CA TYR E 33 -32.02 -23.36 11.81
C TYR E 33 -31.90 -21.84 11.68
N ILE E 34 -31.76 -21.18 12.84
CA ILE E 34 -31.45 -19.77 12.91
C ILE E 34 -30.09 -19.65 13.55
N HIS E 35 -29.31 -18.68 13.09
CA HIS E 35 -27.91 -18.58 13.45
C HIS E 35 -27.65 -17.21 14.08
N TRP E 36 -26.81 -17.19 15.10
CA TRP E 36 -26.34 -15.95 15.67
C TRP E 36 -24.86 -15.78 15.32
N VAL E 37 -24.54 -14.61 14.75
CA VAL E 37 -23.17 -14.20 14.46
C VAL E 37 -22.98 -12.81 15.05
N ARG E 38 -21.73 -12.41 15.28
CA ARG E 38 -21.49 -11.10 15.87
C ARG E 38 -20.23 -10.47 15.30
N GLN E 39 -20.16 -9.14 15.40
CA GLN E 39 -19.02 -8.39 14.91
C GLN E 39 -18.66 -7.36 15.98
N ALA E 40 -17.54 -7.59 16.65
CA ALA E 40 -16.97 -6.59 17.52
C ALA E 40 -16.44 -5.46 16.64
N PRO E 41 -16.34 -4.20 17.15
CA PRO E 41 -15.85 -3.08 16.35
C PRO E 41 -14.45 -3.28 15.79
N GLY E 42 -14.31 -3.01 14.48
CA GLY E 42 -13.07 -3.15 13.75
C GLY E 42 -12.57 -4.59 13.74
N LYS E 43 -13.50 -5.56 13.73
CA LYS E 43 -13.16 -6.97 13.76
C LYS E 43 -14.07 -7.71 12.79
N GLY E 44 -13.70 -8.97 12.50
CA GLY E 44 -14.44 -9.80 11.56
C GLY E 44 -15.67 -10.44 12.22
N LEU E 45 -16.61 -10.88 11.40
CA LEU E 45 -17.74 -11.64 11.89
C LEU E 45 -17.20 -12.89 12.62
N GLU E 46 -17.94 -13.33 13.62
CA GLU E 46 -17.60 -14.51 14.41
C GLU E 46 -18.88 -15.29 14.68
N TRP E 47 -18.86 -16.58 14.33
CA TRP E 47 -20.05 -17.40 14.48
C TRP E 47 -20.21 -17.77 15.96
N VAL E 48 -21.47 -17.85 16.41
CA VAL E 48 -21.77 -17.97 17.82
C VAL E 48 -22.52 -19.28 18.08
N ALA E 49 -23.69 -19.44 17.45
CA ALA E 49 -24.51 -20.62 17.71
C ALA E 49 -25.67 -20.72 16.73
N ARG E 50 -26.38 -21.86 16.80
CA ARG E 50 -27.59 -22.03 16.02
C ARG E 50 -28.60 -22.88 16.77
N VAL E 51 -29.89 -22.73 16.42
CA VAL E 51 -30.96 -23.52 16.99
C VAL E 51 -31.98 -23.83 15.89
N ILE E 52 -32.52 -25.05 15.88
CA ILE E 52 -33.66 -25.37 15.04
C ILE E 52 -34.85 -25.63 15.95
N PRO E 53 -36.03 -25.03 15.65
CA PRO E 53 -37.16 -25.02 16.58
C PRO E 53 -37.94 -26.31 16.78
N ASN E 54 -37.66 -27.35 15.98
CA ASN E 54 -38.43 -28.58 16.08
C ASN E 54 -37.88 -29.43 17.23
N ALA E 55 -37.66 -28.77 18.38
CA ALA E 55 -36.91 -29.34 19.49
C ALA E 55 -35.72 -30.13 18.95
N GLY E 56 -35.21 -29.70 17.80
CA GLY E 56 -34.28 -30.49 17.00
C GLY E 56 -32.82 -30.19 17.36
N GLY E 57 -32.63 -29.29 18.34
CA GLY E 57 -31.35 -29.14 19.01
C GLY E 57 -30.57 -27.93 18.53
N THR E 58 -29.36 -27.79 19.07
CA THR E 58 -28.63 -26.55 19.04
C THR E 58 -27.13 -26.86 18.93
N SER E 59 -26.37 -25.86 18.50
CA SER E 59 -24.93 -25.97 18.37
C SER E 59 -24.34 -24.65 18.83
N TYR E 60 -23.18 -24.74 19.47
CA TYR E 60 -22.57 -23.60 20.11
C TYR E 60 -21.12 -23.52 19.66
N ASN E 61 -20.64 -22.31 19.37
CA ASN E 61 -19.21 -22.13 19.31
C ASN E 61 -18.67 -22.59 20.65
N GLN E 62 -17.48 -23.19 20.63
CA GLN E 62 -16.82 -23.68 21.83
C GLN E 62 -16.84 -22.60 22.91
N LYS E 63 -16.55 -21.35 22.54
CA LYS E 63 -16.18 -20.31 23.50
C LYS E 63 -17.37 -19.82 24.32
N PHE E 64 -18.58 -20.09 23.84
CA PHE E 64 -19.79 -19.61 24.48
C PHE E 64 -20.59 -20.78 25.06
N LYS E 65 -19.96 -21.94 25.24
CA LYS E 65 -20.66 -23.15 25.65
C LYS E 65 -21.27 -22.91 27.03
N GLY E 66 -20.46 -22.30 27.93
CA GLY E 66 -20.93 -21.99 29.27
C GLY E 66 -22.06 -20.96 29.26
N ARG E 67 -21.75 -19.77 28.75
CA ARG E 67 -22.43 -18.54 29.13
C ARG E 67 -23.66 -18.22 28.29
N PHE E 68 -23.68 -18.62 27.01
CA PHE E 68 -24.78 -18.21 26.15
C PHE E 68 -25.71 -19.41 25.92
N THR E 69 -27.00 -19.11 25.72
CA THR E 69 -28.03 -20.13 25.68
C THR E 69 -29.05 -19.77 24.60
N LEU E 70 -29.16 -20.64 23.59
CA LEU E 70 -30.22 -20.48 22.60
C LEU E 70 -31.49 -21.12 23.12
N SER E 71 -32.58 -20.80 22.44
CA SER E 71 -33.91 -20.90 23.01
C SER E 71 -34.91 -20.47 21.95
N VAL E 72 -36.11 -21.05 21.99
CA VAL E 72 -37.06 -20.81 20.92
C VAL E 72 -38.48 -20.81 21.50
N ASP E 73 -39.36 -20.03 20.85
CA ASP E 73 -40.76 -19.94 21.20
C ASP E 73 -41.56 -20.12 19.92
N ASN E 74 -41.97 -21.35 19.66
CA ASN E 74 -42.68 -21.67 18.44
C ASN E 74 -43.88 -20.75 18.25
N SER E 75 -44.62 -20.46 19.34
CA SER E 75 -45.85 -19.69 19.29
C SER E 75 -45.65 -18.32 18.63
N LYS E 76 -44.46 -17.71 18.82
CA LYS E 76 -44.20 -16.36 18.33
C LYS E 76 -43.18 -16.32 17.19
N ASN E 77 -42.77 -17.47 16.64
CA ASN E 77 -41.75 -17.56 15.59
C ASN E 77 -40.50 -16.75 15.95
N THR E 78 -39.94 -16.98 17.13
CA THR E 78 -38.87 -16.12 17.63
C THR E 78 -37.82 -16.97 18.32
N ALA E 79 -36.55 -16.55 18.17
CA ALA E 79 -35.43 -17.25 18.75
C ALA E 79 -34.71 -16.30 19.69
N TYR E 80 -34.10 -16.85 20.73
CA TYR E 80 -33.54 -16.05 21.80
C TYR E 80 -32.11 -16.52 22.09
N LEU E 81 -31.19 -15.55 22.17
CA LEU E 81 -29.83 -15.76 22.62
C LEU E 81 -29.70 -15.10 23.99
N GLN E 82 -29.65 -15.94 25.03
CA GLN E 82 -29.43 -15.51 26.39
C GLN E 82 -27.92 -15.39 26.63
N MET E 83 -27.46 -14.21 27.02
CA MET E 83 -26.04 -13.96 27.23
C MET E 83 -25.82 -13.55 28.68
N ASN E 84 -24.93 -14.26 29.40
CA ASN E 84 -24.67 -14.02 30.81
C ASN E 84 -23.18 -13.79 31.03
N SER E 85 -22.86 -13.19 32.19
CA SER E 85 -21.49 -12.94 32.61
C SER E 85 -20.73 -12.16 31.53
N LEU E 86 -21.37 -11.10 31.01
CA LEU E 86 -20.89 -10.37 29.85
C LEU E 86 -19.57 -9.65 30.15
N ARG E 87 -18.84 -9.34 29.08
CA ARG E 87 -17.50 -8.77 29.21
C ARG E 87 -17.33 -7.69 28.16
N ALA E 88 -16.18 -7.01 28.19
CA ALA E 88 -15.85 -6.01 27.20
C ALA E 88 -15.74 -6.66 25.82
N GLU E 89 -15.15 -7.87 25.78
CA GLU E 89 -14.96 -8.58 24.52
C GLU E 89 -16.32 -9.03 23.97
N ASP E 90 -17.41 -8.72 24.67
CA ASP E 90 -18.73 -9.08 24.15
C ASP E 90 -19.39 -7.89 23.47
N THR E 91 -18.79 -6.70 23.58
CA THR E 91 -19.29 -5.52 22.89
C THR E 91 -19.21 -5.78 21.40
N ALA E 92 -20.38 -5.89 20.74
CA ALA E 92 -20.47 -6.21 19.33
C ALA E 92 -21.88 -5.98 18.77
N VAL E 93 -21.99 -5.94 17.44
CA VAL E 93 -23.29 -5.99 16.79
C VAL E 93 -23.68 -7.45 16.62
N TYR E 94 -24.88 -7.80 17.04
CA TYR E 94 -25.29 -9.19 17.07
C TYR E 94 -26.28 -9.38 15.93
N TYR E 95 -25.88 -10.19 14.95
CA TYR E 95 -26.73 -10.45 13.79
C TYR E 95 -27.35 -11.86 13.92
N CYS E 96 -28.49 -12.00 13.24
CA CYS E 96 -29.24 -13.23 13.17
C CYS E 96 -29.34 -13.57 11.67
N ALA E 97 -29.60 -14.83 11.31
CA ALA E 97 -29.61 -15.24 9.90
C ALA E 97 -30.15 -16.65 9.80
N ARG E 98 -31.12 -16.87 8.90
CA ARG E 98 -31.65 -18.21 8.73
C ARG E 98 -30.73 -18.95 7.76
N GLU E 99 -30.60 -20.25 7.96
CA GLU E 99 -29.80 -21.05 7.05
C GLU E 99 -30.41 -20.94 5.66
N GLY E 100 -29.53 -20.87 4.64
CA GLY E 100 -29.98 -20.75 3.26
C GLY E 100 -30.30 -19.31 2.85
N ILE E 101 -30.18 -18.37 3.81
CA ILE E 101 -30.39 -16.96 3.58
C ILE E 101 -29.10 -16.23 3.94
N TYR E 102 -28.51 -15.55 2.94
CA TYR E 102 -27.10 -15.15 3.02
C TYR E 102 -26.96 -13.63 3.15
N TRP E 103 -28.09 -12.91 3.31
CA TRP E 103 -28.03 -11.49 3.53
C TRP E 103 -28.06 -11.19 5.02
N TRP E 104 -27.76 -9.94 5.38
CA TRP E 104 -27.73 -9.54 6.78
C TRP E 104 -28.76 -8.43 7.02
N GLY E 105 -29.38 -8.47 8.20
CA GLY E 105 -30.20 -7.37 8.69
C GLY E 105 -29.30 -6.32 9.35
N GLN E 106 -29.93 -5.46 10.18
CA GLN E 106 -29.22 -4.36 10.81
C GLN E 106 -28.53 -4.84 12.08
N GLY E 107 -28.91 -6.02 12.59
CA GLY E 107 -28.33 -6.53 13.82
C GLY E 107 -28.77 -5.65 14.99
N THR E 108 -28.26 -5.94 16.20
CA THR E 108 -28.57 -5.14 17.38
C THR E 108 -27.29 -4.92 18.20
N LEU E 109 -26.90 -3.65 18.38
CA LEU E 109 -25.64 -3.30 19.03
C LEU E 109 -25.74 -3.57 20.53
N VAL E 110 -24.67 -4.18 21.07
CA VAL E 110 -24.58 -4.49 22.48
C VAL E 110 -23.29 -3.89 22.99
N THR E 111 -23.42 -2.97 23.93
CA THR E 111 -22.26 -2.34 24.53
C THR E 111 -22.17 -2.80 25.97
N VAL E 112 -20.95 -3.19 26.38
CA VAL E 112 -20.71 -3.63 27.75
C VAL E 112 -19.68 -2.71 28.40
N SER E 113 -20.19 -1.85 29.31
CA SER E 113 -19.41 -0.79 29.94
C SER E 113 -20.04 -0.42 31.30
N SER E 114 -19.19 -0.14 32.28
CA SER E 114 -19.65 0.35 33.56
C SER E 114 -20.10 1.81 33.44
N ALA E 115 -19.46 2.54 32.51
CA ALA E 115 -19.73 3.95 32.26
C ALA E 115 -21.19 4.19 31.91
N SER E 116 -21.62 5.45 31.97
CA SER E 116 -23.03 5.80 32.07
C SER E 116 -23.52 6.47 30.79
N THR E 117 -24.81 6.26 30.52
CA THR E 117 -25.51 6.93 29.42
C THR E 117 -25.52 8.44 29.68
N LYS E 118 -24.87 9.20 28.79
CA LYS E 118 -24.88 10.65 28.82
C LYS E 118 -25.16 11.19 27.42
N GLY E 119 -26.02 12.21 27.34
CA GLY E 119 -26.28 12.92 26.10
C GLY E 119 -25.16 13.91 25.77
N PRO E 120 -25.13 14.46 24.53
CA PRO E 120 -24.05 15.33 24.10
C PRO E 120 -24.38 16.81 24.14
N SER E 121 -23.37 17.62 24.43
CA SER E 121 -23.43 19.03 24.10
C SER E 121 -23.25 19.16 22.59
N VAL E 122 -23.96 20.12 21.99
CA VAL E 122 -23.81 20.41 20.57
C VAL E 122 -23.39 21.87 20.42
N PHE E 123 -22.13 22.11 20.06
CA PHE E 123 -21.62 23.45 19.89
C PHE E 123 -21.49 23.79 18.42
N PRO E 124 -21.68 25.06 18.01
CA PRO E 124 -21.49 25.44 16.62
C PRO E 124 -20.01 25.51 16.25
N LEU E 125 -19.75 25.36 14.95
CA LEU E 125 -18.47 25.69 14.35
C LEU E 125 -18.77 26.74 13.30
N ALA E 126 -18.60 28.00 13.70
CA ALA E 126 -19.06 29.14 12.93
C ALA E 126 -18.04 29.52 11.87
N PRO E 127 -18.49 29.85 10.64
CA PRO E 127 -17.59 30.29 9.57
C PRO E 127 -16.89 31.57 10.00
N SER E 128 -15.62 31.74 9.62
CA SER E 128 -14.94 33.01 9.81
C SER E 128 -15.16 33.89 8.58
N SER E 129 -14.30 34.90 8.39
CA SER E 129 -14.35 35.73 7.20
C SER E 129 -12.92 36.16 6.81
N GLY E 135 -14.79 32.06 -2.30
CA GLY E 135 -15.85 31.30 -3.03
C GLY E 135 -16.50 30.22 -2.17
N THR E 136 -15.81 29.72 -1.14
CA THR E 136 -16.33 28.61 -0.34
C THR E 136 -16.14 28.89 1.15
N ALA E 137 -17.17 28.53 1.93
CA ALA E 137 -17.09 28.60 3.37
C ALA E 137 -17.43 27.25 3.97
N ALA E 138 -16.80 26.96 5.11
CA ALA E 138 -17.10 25.77 5.89
C ALA E 138 -17.73 26.19 7.22
N LEU E 139 -18.70 25.42 7.68
CA LEU E 139 -19.33 25.59 8.98
C LEU E 139 -19.74 24.22 9.49
N GLY E 140 -20.00 24.08 10.78
CA GLY E 140 -20.32 22.76 11.30
C GLY E 140 -20.83 22.76 12.73
N CYS E 141 -20.96 21.56 13.29
CA CYS E 141 -21.38 21.35 14.66
C CYS E 141 -20.43 20.38 15.34
N LEU E 142 -19.86 20.77 16.48
CA LEU E 142 -19.17 19.88 17.40
C LEU E 142 -20.20 19.19 18.30
N VAL E 143 -20.07 17.88 18.48
CA VAL E 143 -21.01 17.10 19.27
C VAL E 143 -20.21 16.37 20.35
N LYS E 144 -20.12 16.99 21.54
CA LYS E 144 -19.13 16.60 22.53
C LYS E 144 -19.75 15.87 23.72
N ASP E 145 -18.95 14.96 24.28
CA ASP E 145 -19.17 14.33 25.58
C ASP E 145 -20.52 13.61 25.65
N TYR E 146 -20.58 12.43 25.00
CA TYR E 146 -21.74 11.55 25.01
C TYR E 146 -21.29 10.09 25.11
N PHE E 147 -22.25 9.22 25.38
CA PHE E 147 -21.99 7.81 25.62
C PHE E 147 -23.31 7.05 25.76
N PRO E 148 -23.47 5.85 25.17
CA PRO E 148 -22.49 5.25 24.27
C PRO E 148 -22.72 5.71 22.84
N GLU E 149 -21.99 5.12 21.87
CA GLU E 149 -22.37 5.24 20.48
C GLU E 149 -23.76 4.66 20.30
N PRO E 150 -24.56 5.03 19.27
CA PRO E 150 -24.20 6.06 18.28
C PRO E 150 -24.99 7.38 18.25
N VAL E 151 -24.43 8.35 17.54
CA VAL E 151 -25.14 9.59 17.26
C VAL E 151 -25.36 9.68 15.75
N THR E 152 -26.44 10.36 15.35
CA THR E 152 -26.64 10.72 13.95
C THR E 152 -26.63 12.24 13.84
N VAL E 153 -26.24 12.74 12.66
CA VAL E 153 -26.26 14.16 12.35
C VAL E 153 -26.73 14.32 10.91
N SER E 154 -27.81 15.09 10.71
CA SER E 154 -28.22 15.53 9.38
C SER E 154 -28.17 17.06 9.33
N TRP E 155 -28.41 17.64 8.16
CA TRP E 155 -28.42 19.10 8.01
C TRP E 155 -29.71 19.56 7.34
N ASN E 156 -30.31 20.61 7.93
CA ASN E 156 -31.62 21.09 7.51
C ASN E 156 -32.54 19.89 7.25
N SER E 157 -32.68 18.99 8.23
CA SER E 157 -33.64 17.90 8.15
C SER E 157 -33.48 17.08 6.87
N GLY E 158 -32.23 16.82 6.46
CA GLY E 158 -31.97 15.95 5.32
C GLY E 158 -31.98 16.67 3.97
N ALA E 159 -32.38 17.95 3.94
CA ALA E 159 -32.41 18.71 2.70
C ALA E 159 -31.00 19.03 2.20
N LEU E 160 -30.02 19.07 3.10
CA LEU E 160 -28.66 19.43 2.73
C LEU E 160 -27.72 18.24 2.97
N THR E 161 -27.21 17.65 1.87
CA THR E 161 -26.33 16.49 1.93
C THR E 161 -25.02 16.72 1.17
N SER E 162 -25.04 17.49 0.08
CA SER E 162 -23.81 17.83 -0.61
C SER E 162 -22.87 18.59 0.32
N GLY E 163 -21.61 18.16 0.35
CA GLY E 163 -20.57 18.87 1.07
C GLY E 163 -20.42 18.36 2.50
N VAL E 164 -21.39 17.57 2.96
CA VAL E 164 -21.45 17.19 4.36
C VAL E 164 -20.38 16.13 4.65
N HIS E 165 -19.62 16.35 5.73
CA HIS E 165 -18.74 15.34 6.29
C HIS E 165 -18.98 15.21 7.79
N THR E 166 -19.67 14.12 8.17
CA THR E 166 -19.79 13.71 9.56
C THR E 166 -18.66 12.74 9.92
N PHE E 167 -17.77 13.14 10.82
CA PHE E 167 -16.59 12.35 11.10
C PHE E 167 -16.92 11.16 12.00
N PRO E 168 -16.10 10.08 11.92
CA PRO E 168 -16.14 9.02 12.93
C PRO E 168 -15.84 9.61 14.30
N ALA E 169 -16.57 9.12 15.31
CA ALA E 169 -16.37 9.48 16.70
C ALA E 169 -14.95 9.14 17.16
N VAL E 170 -14.47 9.88 18.16
CA VAL E 170 -13.27 9.52 18.92
C VAL E 170 -13.63 9.37 20.39
N LEU E 171 -13.02 8.38 21.05
CA LEU E 171 -13.13 8.19 22.48
C LEU E 171 -12.03 9.02 23.13
N GLN E 172 -12.44 9.97 23.98
CA GLN E 172 -11.51 10.89 24.62
C GLN E 172 -11.00 10.25 25.90
N SER E 173 -9.90 10.79 26.44
CA SER E 173 -9.32 10.22 27.64
C SER E 173 -10.32 10.28 28.80
N SER E 174 -11.29 11.19 28.67
CA SER E 174 -12.46 11.29 29.52
C SER E 174 -13.28 10.01 29.56
N GLY E 175 -13.19 9.18 28.51
CA GLY E 175 -14.05 8.01 28.36
C GLY E 175 -15.39 8.33 27.71
N LEU E 176 -15.47 9.51 27.06
CA LEU E 176 -16.68 9.97 26.40
C LEU E 176 -16.37 10.25 24.93
N TYR E 177 -17.41 10.15 24.09
CA TYR E 177 -17.27 10.27 22.64
C TYR E 177 -17.52 11.71 22.20
N SER E 178 -16.97 12.05 21.02
CA SER E 178 -17.02 13.41 20.49
C SER E 178 -16.72 13.42 19.00
N LEU E 179 -17.63 14.00 18.19
CA LEU E 179 -17.43 14.10 16.75
C LEU E 179 -17.85 15.46 16.23
N SER E 180 -17.32 15.79 15.06
CA SER E 180 -17.68 16.96 14.28
C SER E 180 -18.54 16.54 13.09
N SER E 181 -19.43 17.43 12.66
CA SER E 181 -20.03 17.34 11.33
C SER E 181 -19.91 18.70 10.68
N VAL E 182 -19.27 18.76 9.51
CA VAL E 182 -19.04 20.01 8.81
C VAL E 182 -19.69 19.92 7.45
N VAL E 183 -19.82 21.07 6.78
CA VAL E 183 -20.29 21.13 5.41
C VAL E 183 -19.66 22.34 4.72
N THR E 184 -19.48 22.23 3.40
CA THR E 184 -19.01 23.36 2.62
C THR E 184 -20.20 23.94 1.86
N VAL E 185 -20.26 25.27 1.83
CA VAL E 185 -21.33 25.98 1.16
C VAL E 185 -20.68 27.16 0.44
N PRO E 186 -21.35 27.76 -0.57
CA PRO E 186 -20.90 29.02 -1.15
C PRO E 186 -20.93 30.08 -0.05
N SER E 187 -19.95 31.00 -0.07
CA SER E 187 -19.88 32.05 0.94
C SER E 187 -21.01 33.06 0.72
N SER E 188 -21.42 33.23 -0.55
CA SER E 188 -22.53 34.10 -0.92
C SER E 188 -23.85 33.63 -0.33
N SER E 189 -23.89 32.41 0.20
CA SER E 189 -25.12 31.88 0.76
C SER E 189 -25.18 32.19 2.25
N LEU E 190 -24.04 32.50 2.86
CA LEU E 190 -24.00 32.83 4.27
C LEU E 190 -24.86 34.07 4.49
N GLY E 191 -25.74 33.99 5.50
CA GLY E 191 -26.62 35.09 5.82
C GLY E 191 -27.86 35.15 4.94
N THR E 192 -28.06 34.18 4.04
CA THR E 192 -29.30 34.11 3.28
C THR E 192 -29.97 32.78 3.59
N GLN E 193 -29.16 31.73 3.61
CA GLN E 193 -29.61 30.37 3.88
C GLN E 193 -29.43 30.08 5.36
N THR E 194 -30.42 29.42 5.96
CA THR E 194 -30.27 28.97 7.33
C THR E 194 -29.56 27.60 7.30
N TYR E 195 -28.61 27.40 8.22
CA TYR E 195 -27.94 26.11 8.38
C TYR E 195 -28.19 25.60 9.79
N ILE E 196 -28.96 24.52 9.90
CA ILE E 196 -29.22 23.88 11.18
C ILE E 196 -28.73 22.44 11.12
N CYS E 197 -27.83 22.07 12.04
CA CYS E 197 -27.47 20.67 12.18
C CYS E 197 -28.45 19.99 13.13
N ASN E 198 -28.96 18.82 12.71
CA ASN E 198 -29.92 18.04 13.49
C ASN E 198 -29.20 16.85 14.12
N VAL E 199 -28.91 16.95 15.43
CA VAL E 199 -28.29 15.86 16.18
C VAL E 199 -29.35 15.01 16.86
N ASN E 200 -29.11 13.69 16.94
CA ASN E 200 -29.99 12.80 17.67
C ASN E 200 -29.12 11.71 18.31
N HIS E 201 -29.43 11.37 19.57
CA HIS E 201 -28.67 10.37 20.31
C HIS E 201 -29.64 9.43 21.02
N LYS E 202 -30.23 8.49 20.28
CA LYS E 202 -31.29 7.62 20.77
C LYS E 202 -30.95 7.03 22.15
N PRO E 203 -29.70 6.60 22.42
CA PRO E 203 -29.37 6.00 23.72
C PRO E 203 -29.76 6.85 24.92
N SER E 204 -29.70 8.19 24.76
CA SER E 204 -30.06 9.12 25.83
C SER E 204 -31.32 9.92 25.47
N ASN E 205 -31.92 9.63 24.32
CA ASN E 205 -33.09 10.36 23.87
C ASN E 205 -32.85 11.87 23.80
N THR E 206 -31.70 12.27 23.25
CA THR E 206 -31.34 13.67 23.12
C THR E 206 -31.44 14.08 21.66
N LYS E 207 -32.32 15.04 21.36
CA LYS E 207 -32.54 15.49 20.01
C LYS E 207 -32.37 17.00 19.97
N VAL E 208 -31.15 17.44 19.66
CA VAL E 208 -30.83 18.86 19.49
C VAL E 208 -30.98 19.25 18.02
N ASP E 209 -31.49 20.46 17.78
CA ASP E 209 -31.39 21.12 16.49
C ASP E 209 -30.67 22.44 16.74
N LYS E 210 -29.58 22.67 16.01
CA LYS E 210 -28.70 23.79 16.29
C LYS E 210 -28.44 24.56 15.00
N LYS E 211 -28.82 25.84 15.02
CA LYS E 211 -28.59 26.76 13.92
C LYS E 211 -27.17 27.29 14.07
N VAL E 212 -26.37 27.24 13.00
CA VAL E 212 -25.02 27.78 13.08
C VAL E 212 -24.94 28.92 12.08
N GLU E 213 -24.51 30.07 12.59
CA GLU E 213 -24.47 31.31 11.83
C GLU E 213 -23.15 32.01 12.13
N PRO E 214 -22.71 32.94 11.26
CA PRO E 214 -21.52 33.77 11.54
C PRO E 214 -21.52 34.40 12.94
N LYS E 215 -20.34 34.63 13.51
CA LYS E 215 -20.20 35.29 14.80
C LYS E 215 -20.17 36.81 14.60
N SER E 216 -20.17 37.57 15.71
CA SER E 216 -20.16 39.02 15.66
C SER E 216 -18.93 39.59 16.40
N ASP F 1 -12.21 -25.98 12.74
CA ASP F 1 -12.74 -24.80 11.98
C ASP F 1 -12.09 -24.75 10.60
N ILE F 2 -12.93 -24.53 9.58
CA ILE F 2 -12.43 -24.29 8.24
C ILE F 2 -11.78 -22.90 8.18
N GLN F 3 -10.52 -22.87 7.77
CA GLN F 3 -9.74 -21.64 7.76
C GLN F 3 -9.85 -21.02 6.36
N MET F 4 -10.35 -19.77 6.31
CA MET F 4 -10.46 -18.98 5.08
C MET F 4 -9.29 -18.01 4.99
N THR F 5 -8.58 -18.02 3.86
CA THR F 5 -7.37 -17.22 3.67
C THR F 5 -7.57 -16.26 2.50
N GLN F 6 -7.71 -14.96 2.81
CA GLN F 6 -8.07 -13.98 1.79
C GLN F 6 -6.84 -13.19 1.39
N SER F 7 -6.77 -12.80 0.11
CA SER F 7 -5.70 -11.93 -0.33
C SER F 7 -6.20 -11.05 -1.47
N PRO F 8 -5.65 -9.84 -1.66
CA PRO F 8 -4.60 -9.29 -0.80
C PRO F 8 -5.24 -8.65 0.42
N SER F 9 -4.41 -8.04 1.27
CA SER F 9 -4.85 -7.48 2.54
C SER F 9 -5.53 -6.13 2.33
N SER F 10 -4.90 -5.33 1.47
CA SER F 10 -5.43 -4.05 1.04
C SER F 10 -4.96 -3.80 -0.39
N LEU F 11 -5.76 -3.10 -1.18
CA LEU F 11 -5.27 -2.68 -2.48
C LEU F 11 -5.83 -1.31 -2.84
N SER F 12 -5.23 -0.75 -3.87
CA SER F 12 -5.60 0.56 -4.34
C SER F 12 -5.54 0.58 -5.86
N ALA F 13 -6.67 0.92 -6.51
CA ALA F 13 -6.73 0.89 -7.96
C ALA F 13 -7.59 2.02 -8.50
N SER F 14 -7.36 2.31 -9.78
CA SER F 14 -8.00 3.42 -10.47
C SER F 14 -9.41 3.03 -10.89
N VAL F 15 -10.27 4.06 -11.01
CA VAL F 15 -11.62 3.88 -11.51
C VAL F 15 -11.57 3.25 -12.90
N GLY F 16 -12.38 2.21 -13.13
CA GLY F 16 -12.45 1.53 -14.42
C GLY F 16 -11.65 0.23 -14.46
N ASP F 17 -10.65 0.12 -13.58
CA ASP F 17 -9.73 -1.00 -13.54
C ASP F 17 -10.38 -2.25 -12.91
N ARG F 18 -9.95 -3.42 -13.40
CA ARG F 18 -10.29 -4.70 -12.79
C ARG F 18 -9.60 -4.84 -11.44
N VAL F 19 -10.31 -5.44 -10.47
CA VAL F 19 -9.79 -5.71 -9.14
C VAL F 19 -10.05 -7.17 -8.84
N THR F 20 -9.03 -7.84 -8.28
CA THR F 20 -9.10 -9.28 -8.07
C THR F 20 -8.82 -9.61 -6.62
N ILE F 21 -9.76 -10.29 -5.96
CA ILE F 21 -9.56 -10.75 -4.60
C ILE F 21 -9.67 -12.27 -4.59
N THR F 22 -8.82 -12.92 -3.78
CA THR F 22 -8.79 -14.36 -3.65
C THR F 22 -9.23 -14.78 -2.25
N CYS F 23 -10.08 -15.80 -2.16
CA CYS F 23 -10.22 -16.58 -0.94
C CYS F 23 -9.85 -18.02 -1.21
N ARG F 24 -8.99 -18.58 -0.35
CA ARG F 24 -8.76 -20.01 -0.27
C ARG F 24 -9.43 -20.58 0.97
N SER F 25 -9.76 -21.88 0.94
CA SER F 25 -10.26 -22.58 2.12
C SER F 25 -9.34 -23.76 2.43
N SER F 26 -9.28 -24.12 3.71
CA SER F 26 -8.39 -25.18 4.15
C SER F 26 -8.95 -26.54 3.78
N GLN F 27 -10.21 -26.59 3.36
CA GLN F 27 -10.78 -27.80 2.80
C GLN F 27 -11.97 -27.44 1.91
N SER F 28 -12.51 -28.46 1.23
CA SER F 28 -13.49 -28.26 0.19
C SER F 28 -14.75 -27.66 0.80
N LEU F 29 -15.31 -26.63 0.15
CA LEU F 29 -16.56 -26.08 0.64
C LEU F 29 -17.77 -26.73 -0.03
N VAL F 30 -17.52 -27.75 -0.87
CA VAL F 30 -18.61 -28.38 -1.61
C VAL F 30 -19.36 -29.32 -0.67
N HIS F 31 -20.66 -29.05 -0.48
CA HIS F 31 -21.56 -29.92 0.24
C HIS F 31 -21.73 -31.20 -0.57
N SER F 32 -22.13 -32.30 0.08
CA SER F 32 -22.26 -33.57 -0.58
C SER F 32 -23.46 -33.53 -1.54
N ASN F 33 -24.38 -32.59 -1.29
CA ASN F 33 -25.58 -32.46 -2.11
C ASN F 33 -25.30 -31.61 -3.35
N GLY F 34 -24.07 -31.09 -3.46
CA GLY F 34 -23.58 -30.55 -4.71
C GLY F 34 -23.30 -29.05 -4.65
N ASN F 35 -24.03 -28.33 -3.79
CA ASN F 35 -23.89 -26.90 -3.63
C ASN F 35 -22.55 -26.57 -2.98
N THR F 36 -22.05 -25.37 -3.26
CA THR F 36 -20.85 -24.84 -2.63
C THR F 36 -21.21 -23.50 -2.00
N PHE F 37 -21.20 -23.45 -0.68
CA PHE F 37 -21.70 -22.30 0.06
C PHE F 37 -20.57 -21.33 0.41
N LEU F 38 -20.02 -20.66 -0.60
CA LEU F 38 -19.03 -19.60 -0.44
C LEU F 38 -19.73 -18.33 -0.91
N HIS F 39 -19.54 -17.24 -0.17
CA HIS F 39 -20.26 -16.02 -0.48
C HIS F 39 -19.34 -14.82 -0.35
N TRP F 40 -19.72 -13.72 -0.99
CA TRP F 40 -18.89 -12.54 -0.97
C TRP F 40 -19.69 -11.34 -0.47
N TYR F 41 -19.06 -10.55 0.42
CA TYR F 41 -19.72 -9.42 1.05
C TYR F 41 -18.89 -8.17 0.79
N GLN F 42 -19.62 -7.04 0.73
CA GLN F 42 -19.05 -5.71 0.80
C GLN F 42 -19.49 -5.06 2.11
N GLN F 43 -18.54 -4.39 2.78
CA GLN F 43 -18.80 -3.75 4.05
C GLN F 43 -18.12 -2.38 4.11
N LYS F 44 -19.00 -1.37 4.27
CA LYS F 44 -18.62 0.03 4.43
C LYS F 44 -18.53 0.28 5.94
N PRO F 45 -17.55 1.08 6.42
CA PRO F 45 -17.50 1.45 7.84
C PRO F 45 -18.84 1.85 8.45
N GLY F 46 -19.24 1.18 9.54
CA GLY F 46 -20.41 1.55 10.30
C GLY F 46 -21.66 0.76 9.91
N LYS F 47 -21.67 0.15 8.72
CA LYS F 47 -22.88 -0.44 8.17
C LYS F 47 -22.81 -1.97 8.22
N ALA F 48 -23.95 -2.64 8.06
CA ALA F 48 -24.00 -4.10 8.00
C ALA F 48 -23.44 -4.61 6.67
N PRO F 49 -22.99 -5.89 6.57
CA PRO F 49 -22.43 -6.39 5.32
C PRO F 49 -23.50 -6.58 4.25
N LYS F 50 -23.23 -6.09 3.04
CA LYS F 50 -24.13 -6.26 1.92
C LYS F 50 -23.61 -7.40 1.04
N LEU F 51 -24.52 -8.36 0.75
CA LEU F 51 -24.25 -9.57 -0.05
C LEU F 51 -24.04 -9.19 -1.52
N LEU F 52 -22.90 -9.60 -2.11
CA LEU F 52 -22.61 -9.43 -3.53
C LEU F 52 -22.93 -10.73 -4.27
N ILE F 53 -22.26 -11.81 -3.87
CA ILE F 53 -22.36 -13.08 -4.54
C ILE F 53 -22.65 -14.17 -3.52
N TYR F 54 -23.63 -15.01 -3.83
CA TYR F 54 -23.93 -16.18 -3.04
C TYR F 54 -23.55 -17.42 -3.83
N THR F 55 -23.13 -18.47 -3.10
CA THR F 55 -22.82 -19.78 -3.64
C THR F 55 -21.91 -19.64 -4.86
N VAL F 56 -20.76 -19.00 -4.64
CA VAL F 56 -19.61 -18.97 -5.53
C VAL F 56 -19.79 -17.89 -6.60
N SER F 57 -20.92 -17.91 -7.32
CA SER F 57 -21.05 -17.16 -8.57
C SER F 57 -22.42 -16.51 -8.78
N ASN F 58 -23.46 -16.93 -8.05
CA ASN F 58 -24.78 -16.35 -8.29
C ASN F 58 -24.84 -14.93 -7.75
N ARG F 59 -25.01 -13.95 -8.65
CA ARG F 59 -24.95 -12.55 -8.23
C ARG F 59 -26.26 -12.19 -7.54
N PHE F 60 -26.21 -11.41 -6.47
CA PHE F 60 -27.43 -11.13 -5.72
C PHE F 60 -28.23 -10.04 -6.43
N SER F 61 -29.57 -10.23 -6.42
CA SER F 61 -30.52 -9.25 -6.90
C SER F 61 -30.11 -7.85 -6.46
N GLY F 62 -30.05 -6.92 -7.42
CA GLY F 62 -29.78 -5.53 -7.08
C GLY F 62 -28.31 -5.17 -7.27
N VAL F 63 -27.42 -6.17 -7.23
CA VAL F 63 -25.99 -5.93 -7.19
C VAL F 63 -25.50 -5.65 -8.60
N PRO F 64 -24.67 -4.59 -8.82
CA PRO F 64 -24.20 -4.22 -10.15
C PRO F 64 -23.49 -5.39 -10.80
N SER F 65 -23.52 -5.42 -12.13
CA SER F 65 -23.00 -6.56 -12.88
C SER F 65 -21.47 -6.63 -12.83
N ARG F 66 -20.78 -5.55 -12.46
CA ARG F 66 -19.33 -5.55 -12.44
C ARG F 66 -18.80 -6.48 -11.36
N PHE F 67 -19.66 -6.78 -10.37
CA PHE F 67 -19.32 -7.76 -9.35
C PHE F 67 -19.57 -9.16 -9.87
N SER F 68 -18.60 -10.04 -9.70
CA SER F 68 -18.86 -11.42 -10.02
C SER F 68 -17.87 -12.37 -9.34
N GLY F 69 -18.33 -13.60 -9.09
CA GLY F 69 -17.56 -14.61 -8.38
C GLY F 69 -17.33 -15.88 -9.21
N SER F 70 -16.16 -16.49 -8.98
CA SER F 70 -15.74 -17.67 -9.70
C SER F 70 -14.90 -18.59 -8.78
N GLY F 71 -14.56 -19.77 -9.31
CA GLY F 71 -13.76 -20.73 -8.60
C GLY F 71 -14.56 -21.97 -8.20
N SER F 72 -13.89 -22.90 -7.52
CA SER F 72 -14.52 -24.11 -6.98
C SER F 72 -13.62 -24.71 -5.91
N GLY F 73 -14.19 -25.59 -5.08
CA GLY F 73 -13.43 -26.44 -4.16
C GLY F 73 -12.82 -25.66 -2.99
N THR F 74 -11.57 -25.22 -3.15
CA THR F 74 -10.88 -24.51 -2.09
C THR F 74 -10.38 -23.16 -2.60
N ASP F 75 -10.78 -22.78 -3.82
CA ASP F 75 -10.14 -21.68 -4.52
C ASP F 75 -11.19 -20.78 -5.15
N PHE F 76 -11.33 -19.54 -4.64
CA PHE F 76 -12.40 -18.66 -5.07
C PHE F 76 -11.85 -17.28 -5.37
N THR F 77 -12.52 -16.59 -6.29
CA THR F 77 -12.10 -15.27 -6.73
C THR F 77 -13.31 -14.35 -6.80
N LEU F 78 -13.18 -13.18 -6.16
CA LEU F 78 -14.07 -12.06 -6.40
C LEU F 78 -13.37 -11.14 -7.39
N THR F 79 -14.08 -10.83 -8.49
CA THR F 79 -13.60 -9.86 -9.47
C THR F 79 -14.54 -8.65 -9.46
N ILE F 80 -13.95 -7.46 -9.51
CA ILE F 80 -14.72 -6.28 -9.85
C ILE F 80 -14.20 -5.76 -11.18
N SER F 81 -15.03 -5.84 -12.22
CA SER F 81 -14.57 -5.61 -13.59
C SER F 81 -14.18 -4.16 -13.82
N SER F 82 -14.80 -3.24 -13.07
CA SER F 82 -14.60 -1.82 -13.31
C SER F 82 -14.82 -1.02 -12.03
N LEU F 83 -13.74 -0.82 -11.28
CA LEU F 83 -13.85 -0.19 -9.99
C LEU F 83 -14.57 1.13 -10.15
N GLN F 84 -15.55 1.36 -9.28
CA GLN F 84 -16.24 2.64 -9.25
C GLN F 84 -15.92 3.35 -7.93
N PRO F 85 -16.09 4.69 -7.86
CA PRO F 85 -15.81 5.43 -6.64
C PRO F 85 -16.60 4.94 -5.44
N GLU F 86 -17.82 4.42 -5.68
CA GLU F 86 -18.70 3.99 -4.59
C GLU F 86 -18.27 2.64 -4.03
N ASP F 87 -17.18 2.07 -4.57
CA ASP F 87 -16.76 0.71 -4.26
C ASP F 87 -15.74 0.68 -3.11
N PHE F 88 -15.28 1.84 -2.63
CA PHE F 88 -14.45 1.91 -1.44
C PHE F 88 -15.15 1.17 -0.31
N ALA F 89 -14.48 0.15 0.24
CA ALA F 89 -15.11 -0.77 1.18
C ALA F 89 -14.14 -1.89 1.55
N THR F 90 -14.58 -2.76 2.46
CA THR F 90 -13.85 -3.96 2.80
C THR F 90 -14.67 -5.13 2.27
N TYR F 91 -14.04 -5.94 1.42
CA TYR F 91 -14.69 -7.10 0.84
C TYR F 91 -14.17 -8.33 1.59
N PHE F 92 -15.04 -9.31 1.78
CA PHE F 92 -14.62 -10.55 2.43
C PHE F 92 -15.53 -11.67 1.99
N CYS F 93 -15.00 -12.88 2.07
CA CYS F 93 -15.74 -14.09 1.77
C CYS F 93 -16.13 -14.80 3.06
N SER F 94 -17.01 -15.78 2.91
CA SER F 94 -17.74 -16.41 3.98
C SER F 94 -18.03 -17.84 3.58
N GLN F 95 -17.73 -18.83 4.43
CA GLN F 95 -18.17 -20.19 4.19
C GLN F 95 -19.32 -20.52 5.15
N THR F 96 -20.32 -21.19 4.59
CA THR F 96 -21.56 -21.52 5.27
C THR F 96 -21.83 -23.01 5.16
N THR F 97 -20.90 -23.78 4.57
CA THR F 97 -21.08 -25.20 4.37
C THR F 97 -20.99 -25.92 5.71
N HIS F 98 -20.01 -25.51 6.52
CA HIS F 98 -19.79 -26.14 7.81
C HIS F 98 -20.00 -25.12 8.90
N VAL F 99 -20.52 -25.59 10.02
CA VAL F 99 -20.52 -24.83 11.26
C VAL F 99 -19.24 -25.16 12.03
N PRO F 100 -18.61 -24.20 12.75
CA PRO F 100 -18.94 -22.78 12.69
C PRO F 100 -18.59 -22.07 11.40
N TRP F 101 -19.43 -21.11 11.01
CA TRP F 101 -19.20 -20.29 9.85
C TRP F 101 -17.91 -19.51 10.04
N THR F 102 -17.10 -19.45 8.99
CA THR F 102 -15.82 -18.78 9.07
C THR F 102 -15.69 -17.86 7.88
N PHE F 103 -14.83 -16.84 8.01
CA PHE F 103 -14.85 -15.65 7.18
C PHE F 103 -13.42 -15.26 6.85
N GLY F 104 -13.20 -14.78 5.62
CA GLY F 104 -11.90 -14.27 5.24
C GLY F 104 -11.56 -13.00 6.01
N GLN F 105 -10.26 -12.71 6.06
CA GLN F 105 -9.71 -11.60 6.83
C GLN F 105 -10.18 -10.29 6.21
N GLY F 106 -10.52 -10.32 4.94
CA GLY F 106 -11.05 -9.16 4.25
C GLY F 106 -9.96 -8.44 3.46
N THR F 107 -10.38 -7.68 2.45
CA THR F 107 -9.51 -6.88 1.63
C THR F 107 -10.04 -5.45 1.67
N LYS F 108 -9.14 -4.49 1.86
CA LYS F 108 -9.49 -3.09 1.89
C LYS F 108 -9.19 -2.47 0.53
N VAL F 109 -10.27 -2.18 -0.20
CA VAL F 109 -10.20 -1.59 -1.52
C VAL F 109 -10.32 -0.07 -1.41
N GLU F 110 -9.40 0.62 -2.09
CA GLU F 110 -9.37 2.08 -2.14
C GLU F 110 -9.20 2.53 -3.59
N ILE F 111 -9.80 3.66 -3.95
CA ILE F 111 -9.67 4.23 -5.27
C ILE F 111 -8.40 5.08 -5.32
N LYS F 112 -7.55 4.81 -6.30
CA LYS F 112 -6.48 5.72 -6.66
C LYS F 112 -7.05 6.77 -7.61
N ARG F 113 -6.81 8.06 -7.30
CA ARG F 113 -7.18 9.18 -8.16
C ARG F 113 -6.02 10.17 -8.16
N THR F 114 -6.20 11.29 -8.85
CA THR F 114 -5.14 12.29 -8.94
C THR F 114 -4.97 12.92 -7.57
N VAL F 115 -3.73 13.40 -7.31
CA VAL F 115 -3.44 14.13 -6.11
C VAL F 115 -4.40 15.32 -6.03
N ALA F 116 -4.86 15.65 -4.82
CA ALA F 116 -5.73 16.79 -4.62
C ALA F 116 -5.45 17.38 -3.24
N ALA F 117 -5.08 18.67 -3.21
CA ALA F 117 -4.73 19.35 -1.97
C ALA F 117 -5.96 19.60 -1.11
N PRO F 118 -5.82 19.63 0.23
CA PRO F 118 -6.92 20.07 1.09
C PRO F 118 -7.21 21.56 0.98
N SER F 119 -8.48 21.91 1.21
CA SER F 119 -8.90 23.17 1.78
C SER F 119 -8.81 23.09 3.30
N VAL F 120 -8.14 24.05 3.91
CA VAL F 120 -7.99 24.03 5.35
C VAL F 120 -8.83 25.15 5.96
N PHE F 121 -9.49 24.83 7.08
CA PHE F 121 -10.36 25.73 7.81
C PHE F 121 -10.12 25.53 9.31
N ILE F 122 -10.09 26.64 10.07
CA ILE F 122 -9.92 26.57 11.52
C ILE F 122 -11.16 27.14 12.17
N PHE F 123 -11.43 26.67 13.40
CA PHE F 123 -12.66 26.98 14.09
C PHE F 123 -12.35 27.27 15.56
N PRO F 124 -12.64 28.50 16.05
CA PRO F 124 -12.38 28.83 17.45
C PRO F 124 -13.42 28.08 18.28
N PRO F 125 -13.24 28.01 19.61
CA PRO F 125 -14.24 27.36 20.46
C PRO F 125 -15.40 28.33 20.58
N SER F 126 -16.60 27.77 20.77
CA SER F 126 -17.83 28.57 20.86
C SER F 126 -17.88 29.24 22.23
N ASP F 127 -18.33 30.50 22.28
CA ASP F 127 -18.52 31.19 23.55
C ASP F 127 -19.40 30.34 24.47
N GLU F 128 -20.40 29.65 23.90
CA GLU F 128 -21.32 28.80 24.65
C GLU F 128 -20.58 27.66 25.36
N GLN F 129 -19.44 27.25 24.79
CA GLN F 129 -18.62 26.18 25.35
C GLN F 129 -17.73 26.73 26.47
N LEU F 130 -17.32 28.01 26.36
CA LEU F 130 -16.45 28.64 27.34
C LEU F 130 -17.24 29.13 28.56
N LYS F 131 -18.54 28.84 28.64
CA LYS F 131 -19.22 28.81 29.92
C LYS F 131 -18.68 27.61 30.70
N SER F 132 -18.72 26.43 30.05
CA SER F 132 -18.45 25.16 30.68
C SER F 132 -16.99 25.03 31.12
N GLY F 133 -16.08 25.77 30.48
CA GLY F 133 -14.70 25.83 30.94
C GLY F 133 -13.79 24.84 30.23
N THR F 134 -14.28 24.23 29.14
CA THR F 134 -13.45 23.50 28.20
C THR F 134 -13.42 24.26 26.88
N ALA F 135 -12.34 24.09 26.10
CA ALA F 135 -12.19 24.79 24.82
C ALA F 135 -11.70 23.82 23.75
N SER F 136 -12.60 23.39 22.86
CA SER F 136 -12.23 22.59 21.70
C SER F 136 -11.97 23.51 20.50
N VAL F 137 -10.73 23.47 19.98
CA VAL F 137 -10.36 24.17 18.76
C VAL F 137 -10.24 23.16 17.62
N VAL F 138 -10.97 23.39 16.52
CA VAL F 138 -11.13 22.37 15.49
C VAL F 138 -10.55 22.85 14.17
N CYS F 139 -9.86 21.93 13.48
CA CYS F 139 -9.22 22.21 12.22
C CYS F 139 -9.67 21.15 11.22
N LEU F 140 -10.09 21.61 10.03
CA LEU F 140 -10.69 20.73 9.03
C LEU F 140 -9.85 20.75 7.76
N LEU F 141 -9.44 19.55 7.33
CA LEU F 141 -8.86 19.32 6.02
C LEU F 141 -9.94 18.70 5.14
N ASN F 142 -10.33 19.43 4.09
CA ASN F 142 -11.50 19.08 3.30
C ASN F 142 -11.09 18.54 1.92
N ASN F 143 -11.54 17.32 1.62
CA ASN F 143 -11.55 16.72 0.28
C ASN F 143 -10.16 16.65 -0.34
N PHE F 144 -9.29 15.81 0.23
CA PHE F 144 -7.94 15.66 -0.28
C PHE F 144 -7.68 14.21 -0.66
N TYR F 145 -6.64 14.04 -1.48
CA TYR F 145 -6.09 12.74 -1.82
C TYR F 145 -4.62 12.92 -2.13
N PRO F 146 -3.72 12.00 -1.71
CA PRO F 146 -4.08 10.80 -0.96
C PRO F 146 -4.35 11.04 0.52
N ARG F 147 -4.67 9.94 1.21
CA ARG F 147 -5.12 9.95 2.60
C ARG F 147 -4.05 10.42 3.58
N GLU F 148 -2.77 10.30 3.20
CA GLU F 148 -1.68 10.65 4.10
C GLU F 148 -1.65 12.15 4.26
N ALA F 149 -1.75 12.60 5.52
CA ALA F 149 -1.77 14.01 5.86
C ALA F 149 -1.26 14.17 7.28
N LYS F 150 -0.55 15.28 7.55
CA LYS F 150 -0.09 15.57 8.90
C LYS F 150 -0.55 16.97 9.30
N VAL F 151 -1.19 17.02 10.48
CA VAL F 151 -1.67 18.26 11.08
C VAL F 151 -0.83 18.56 12.32
N GLN F 152 -0.19 19.73 12.34
CA GLN F 152 0.52 20.24 13.50
C GLN F 152 -0.20 21.47 14.08
N TRP F 153 -0.51 21.42 15.38
CA TRP F 153 -1.10 22.54 16.11
C TRP F 153 -0.03 23.47 16.68
N LYS F 154 -0.35 24.77 16.77
CA LYS F 154 0.58 25.80 17.23
C LYS F 154 -0.12 26.88 18.05
N VAL F 155 0.38 27.11 19.27
CA VAL F 155 -0.22 28.03 20.24
C VAL F 155 0.81 29.08 20.64
N ASP F 156 0.73 30.25 19.99
CA ASP F 156 1.76 31.28 20.08
C ASP F 156 3.08 30.73 19.55
N ASN F 157 2.99 29.83 18.57
CA ASN F 157 4.15 29.42 17.79
C ASN F 157 4.85 28.24 18.48
N ALA F 158 4.23 27.67 19.52
CA ALA F 158 4.78 26.52 20.24
C ALA F 158 4.04 25.25 19.82
N LEU F 159 4.79 24.23 19.38
CA LEU F 159 4.18 23.02 18.83
C LEU F 159 3.58 22.18 19.96
N GLN F 160 2.35 21.71 19.73
CA GLN F 160 1.59 20.97 20.73
C GLN F 160 1.76 19.47 20.52
N SER F 161 1.32 18.70 21.52
CA SER F 161 1.46 17.25 21.50
C SER F 161 0.64 16.65 22.65
N GLY F 162 -0.10 15.57 22.35
CA GLY F 162 -0.78 14.79 23.36
C GLY F 162 -2.18 15.31 23.67
N ASN F 163 -2.52 16.52 23.17
CA ASN F 163 -3.76 17.20 23.51
C ASN F 163 -4.77 17.18 22.36
N SER F 164 -4.36 16.69 21.18
CA SER F 164 -5.19 16.71 19.97
C SER F 164 -5.52 15.28 19.50
N GLN F 165 -6.66 15.17 18.78
CA GLN F 165 -7.19 13.91 18.28
C GLN F 165 -7.72 14.09 16.85
N GLU F 166 -7.28 13.21 15.94
CA GLU F 166 -7.66 13.24 14.53
C GLU F 166 -8.83 12.29 14.28
N SER F 167 -9.44 12.41 13.10
CA SER F 167 -10.55 11.55 12.64
C SER F 167 -10.68 11.70 11.14
N VAL F 168 -10.92 10.60 10.41
CA VAL F 168 -10.89 10.64 8.94
C VAL F 168 -12.11 9.97 8.34
N THR F 169 -12.64 10.53 7.25
CA THR F 169 -13.82 10.02 6.59
C THR F 169 -13.44 8.82 5.73
N GLU F 170 -14.42 7.96 5.49
CA GLU F 170 -14.35 7.00 4.39
C GLU F 170 -14.16 7.80 3.09
N GLN F 171 -13.50 7.17 2.12
CA GLN F 171 -13.29 7.78 0.81
C GLN F 171 -14.67 8.05 0.20
N ASP F 172 -14.78 9.19 -0.47
CA ASP F 172 -16.03 9.74 -0.97
C ASP F 172 -16.57 8.96 -2.19
N SER F 173 -17.89 8.73 -2.20
CA SER F 173 -18.61 8.10 -3.30
C SER F 173 -18.36 8.75 -4.66
N LYS F 174 -17.99 10.03 -4.70
CA LYS F 174 -17.98 10.79 -5.94
C LYS F 174 -16.63 11.47 -6.21
N ASP F 175 -16.00 12.00 -5.16
CA ASP F 175 -14.68 12.63 -5.21
C ASP F 175 -13.54 11.61 -5.21
N SER F 176 -13.73 10.49 -4.48
CA SER F 176 -12.64 9.60 -4.10
C SER F 176 -11.61 10.33 -3.23
N THR F 177 -12.05 11.29 -2.40
CA THR F 177 -11.13 12.05 -1.55
C THR F 177 -11.40 11.68 -0.10
N TYR F 178 -10.52 12.15 0.78
CA TYR F 178 -10.77 12.04 2.21
C TYR F 178 -10.93 13.44 2.81
N SER F 179 -11.52 13.47 4.01
CA SER F 179 -11.55 14.69 4.81
C SER F 179 -11.16 14.32 6.24
N LEU F 180 -10.46 15.24 6.92
CA LEU F 180 -9.95 14.97 8.26
C LEU F 180 -10.33 16.12 9.20
N SER F 181 -10.66 15.79 10.45
CA SER F 181 -10.90 16.78 11.49
C SER F 181 -9.92 16.57 12.64
N SER F 182 -9.25 17.65 13.05
CA SER F 182 -8.41 17.63 14.23
C SER F 182 -8.98 18.55 15.32
N THR F 183 -9.36 17.96 16.46
CA THR F 183 -9.80 18.72 17.62
C THR F 183 -8.61 18.92 18.57
N LEU F 184 -8.21 20.18 18.80
CA LEU F 184 -7.31 20.55 19.87
C LEU F 184 -8.10 20.88 21.14
N THR F 185 -7.94 20.08 22.19
CA THR F 185 -8.70 20.30 23.40
C THR F 185 -7.83 20.95 24.48
N LEU F 186 -8.35 22.03 25.08
CA LEU F 186 -7.70 22.79 26.14
C LEU F 186 -8.70 23.14 27.24
N SER F 187 -8.18 23.62 28.37
CA SER F 187 -8.99 24.18 29.44
C SER F 187 -9.08 25.70 29.28
N LYS F 188 -10.23 26.26 29.68
CA LYS F 188 -10.52 27.68 29.54
C LYS F 188 -9.32 28.48 30.01
N ALA F 189 -8.81 28.12 31.20
CA ALA F 189 -7.61 28.72 31.75
C ALA F 189 -6.54 28.82 30.67
N ASP F 190 -6.11 27.65 30.15
CA ASP F 190 -4.96 27.52 29.27
C ASP F 190 -5.22 28.21 27.92
N TYR F 191 -6.50 28.24 27.53
CA TYR F 191 -6.89 28.85 26.28
C TYR F 191 -6.72 30.37 26.38
N GLU F 192 -7.10 30.92 27.54
CA GLU F 192 -7.15 32.37 27.73
C GLU F 192 -5.76 32.97 27.93
N LYS F 193 -4.77 32.16 28.32
CA LYS F 193 -3.39 32.64 28.45
C LYS F 193 -2.81 33.00 27.08
N HIS F 194 -3.14 32.23 26.05
CA HIS F 194 -2.49 32.33 24.76
C HIS F 194 -3.43 32.98 23.74
N LYS F 195 -2.86 33.49 22.64
CA LYS F 195 -3.53 34.47 21.79
C LYS F 195 -3.70 33.96 20.36
N VAL F 196 -2.59 33.62 19.69
CA VAL F 196 -2.63 33.15 18.31
C VAL F 196 -2.74 31.63 18.29
N TYR F 197 -3.80 31.13 17.63
CA TYR F 197 -4.06 29.70 17.48
C TYR F 197 -4.03 29.33 16.00
N ALA F 198 -3.29 28.26 15.68
CA ALA F 198 -2.93 27.95 14.30
C ALA F 198 -2.94 26.44 14.03
N CYS F 199 -3.11 26.12 12.74
CA CYS F 199 -3.21 24.76 12.25
C CYS F 199 -2.31 24.62 11.03
N GLU F 200 -1.27 23.78 11.15
CA GLU F 200 -0.34 23.51 10.06
C GLU F 200 -0.65 22.16 9.42
N VAL F 201 -0.89 22.17 8.11
CA VAL F 201 -1.25 20.96 7.38
C VAL F 201 -0.18 20.62 6.35
N THR F 202 0.31 19.38 6.39
CA THR F 202 1.29 18.86 5.45
C THR F 202 0.67 17.77 4.58
N HIS F 203 0.82 17.91 3.26
CA HIS F 203 0.18 17.03 2.29
C HIS F 203 0.83 17.18 0.92
N GLN F 204 0.92 16.05 0.22
CA GLN F 204 1.64 15.95 -1.04
C GLN F 204 1.16 16.97 -2.08
N GLY F 205 -0.14 17.28 -2.06
CA GLY F 205 -0.72 18.24 -3.00
C GLY F 205 -0.42 19.69 -2.63
N LEU F 206 0.14 19.93 -1.43
CA LEU F 206 0.55 21.27 -1.04
C LEU F 206 2.06 21.36 -1.22
N SER F 207 2.49 22.34 -2.05
CA SER F 207 3.89 22.48 -2.40
C SER F 207 4.71 22.77 -1.14
N SER F 208 4.29 23.79 -0.38
CA SER F 208 4.79 24.03 0.96
C SER F 208 3.64 23.94 1.97
N PRO F 209 3.89 23.58 3.24
CA PRO F 209 2.83 23.47 4.24
C PRO F 209 1.97 24.72 4.32
N VAL F 210 0.70 24.54 4.70
CA VAL F 210 -0.26 25.65 4.73
C VAL F 210 -0.76 25.78 6.16
N THR F 211 -0.87 27.04 6.62
CA THR F 211 -1.34 27.31 7.97
C THR F 211 -2.56 28.23 7.91
N LYS F 212 -3.54 27.91 8.76
CA LYS F 212 -4.68 28.77 9.05
C LYS F 212 -4.65 29.04 10.54
N SER F 213 -5.07 30.26 10.92
CA SER F 213 -4.97 30.66 12.30
C SER F 213 -6.04 31.70 12.62
N PHE F 214 -6.25 31.93 13.92
CA PHE F 214 -7.12 32.98 14.41
C PHE F 214 -6.52 33.58 15.69
N ASN F 215 -7.06 34.73 16.09
CA ASN F 215 -6.72 35.40 17.34
C ASN F 215 -7.91 35.36 18.29
N ARG F 216 -7.65 35.02 19.56
CA ARG F 216 -8.68 34.75 20.56
C ARG F 216 -9.75 35.86 20.58
N GLY F 217 -9.36 37.11 20.33
CA GLY F 217 -10.31 38.22 20.17
C GLY F 217 -11.15 38.10 18.90
N GLU G 1 -59.38 19.35 -12.81
CA GLU G 1 -60.19 20.53 -13.22
C GLU G 1 -59.92 20.81 -14.70
N VAL G 2 -59.77 22.09 -15.08
CA VAL G 2 -59.89 22.52 -16.47
C VAL G 2 -58.52 22.76 -17.08
N GLN G 3 -58.26 22.15 -18.26
CA GLN G 3 -56.97 22.22 -18.92
C GLN G 3 -57.13 22.90 -20.27
N LEU G 4 -56.19 23.79 -20.62
CA LEU G 4 -56.13 24.39 -21.93
C LEU G 4 -54.71 24.26 -22.46
N VAL G 5 -54.53 23.59 -23.61
CA VAL G 5 -53.22 23.36 -24.18
C VAL G 5 -53.07 24.21 -25.44
N GLU G 6 -52.17 25.19 -25.36
CA GLU G 6 -51.73 25.96 -26.51
C GLU G 6 -50.95 25.01 -27.41
N SER G 7 -50.91 25.33 -28.70
CA SER G 7 -50.41 24.43 -29.72
C SER G 7 -50.45 25.10 -31.09
N GLY G 8 -49.37 24.96 -31.86
CA GLY G 8 -49.39 25.30 -33.28
C GLY G 8 -48.45 26.43 -33.67
N GLY G 9 -47.49 26.76 -32.81
CA GLY G 9 -46.60 27.88 -33.05
C GLY G 9 -45.27 27.45 -33.67
N GLY G 10 -44.57 28.41 -34.28
CA GLY G 10 -43.21 28.20 -34.72
C GLY G 10 -42.65 29.38 -35.49
N LEU G 11 -41.67 29.09 -36.37
CA LEU G 11 -41.10 30.09 -37.27
C LEU G 11 -42.00 30.20 -38.49
N VAL G 12 -42.01 31.41 -39.07
CA VAL G 12 -42.78 31.69 -40.27
C VAL G 12 -42.26 33.02 -40.81
N GLN G 13 -42.45 33.25 -42.12
CA GLN G 13 -41.90 34.41 -42.78
C GLN G 13 -42.93 35.53 -42.78
N PRO G 14 -42.50 36.81 -42.72
CA PRO G 14 -43.41 37.94 -42.96
C PRO G 14 -44.41 37.63 -44.07
N GLY G 15 -45.66 38.08 -43.89
CA GLY G 15 -46.72 37.81 -44.83
C GLY G 15 -47.29 36.40 -44.68
N GLY G 16 -46.65 35.57 -43.84
CA GLY G 16 -47.11 34.20 -43.64
C GLY G 16 -48.51 34.14 -43.02
N SER G 17 -49.02 32.91 -42.88
CA SER G 17 -50.16 32.64 -42.02
C SER G 17 -49.79 31.51 -41.08
N LEU G 18 -50.61 31.33 -40.04
CA LEU G 18 -50.35 30.35 -39.00
C LEU G 18 -51.64 30.16 -38.21
N ARG G 19 -51.79 28.98 -37.60
CA ARG G 19 -53.09 28.58 -37.06
C ARG G 19 -52.88 27.94 -35.68
N LEU G 20 -53.10 28.74 -34.63
CA LEU G 20 -52.90 28.29 -33.25
C LEU G 20 -54.16 27.58 -32.79
N SER G 21 -54.00 26.57 -31.93
CA SER G 21 -55.12 25.82 -31.42
C SER G 21 -55.08 25.79 -29.90
N CYS G 22 -56.28 25.78 -29.30
CA CYS G 22 -56.45 25.64 -27.87
C CYS G 22 -57.44 24.52 -27.58
N ALA G 23 -56.98 23.46 -26.90
CA ALA G 23 -57.82 22.31 -26.61
C ALA G 23 -58.25 22.31 -25.14
N ALA G 24 -59.57 22.20 -24.93
CA ALA G 24 -60.16 22.41 -23.62
C ALA G 24 -60.59 21.09 -22.98
N SER G 25 -60.44 21.02 -21.64
CA SER G 25 -60.84 19.88 -20.84
C SER G 25 -61.46 20.38 -19.55
N GLY G 26 -62.11 19.47 -18.80
CA GLY G 26 -62.49 19.70 -17.42
C GLY G 26 -63.81 20.46 -17.23
N TYR G 27 -64.45 20.89 -18.33
CA TYR G 27 -65.59 21.79 -18.26
C TYR G 27 -66.47 21.61 -19.50
N SER G 28 -67.72 22.09 -19.39
CA SER G 28 -68.71 22.01 -20.46
C SER G 28 -68.43 23.03 -21.56
N PHE G 29 -67.80 22.56 -22.65
CA PHE G 29 -67.08 23.40 -23.60
C PHE G 29 -67.87 24.58 -24.16
N THR G 30 -69.19 24.40 -24.35
CA THR G 30 -69.97 25.30 -25.19
C THR G 30 -70.60 26.45 -24.41
N GLY G 31 -70.29 26.59 -23.11
CA GLY G 31 -70.93 27.59 -22.26
C GLY G 31 -70.01 28.74 -21.86
N TYR G 32 -68.83 28.85 -22.47
CA TYR G 32 -67.75 29.68 -21.93
C TYR G 32 -66.88 30.19 -23.08
N TYR G 33 -66.51 31.47 -23.01
CA TYR G 33 -65.61 32.07 -23.98
C TYR G 33 -64.21 31.47 -23.84
N ILE G 34 -63.43 31.56 -24.92
CA ILE G 34 -62.00 31.34 -24.80
C ILE G 34 -61.32 32.59 -25.34
N HIS G 35 -60.42 33.16 -24.53
CA HIS G 35 -59.74 34.38 -24.89
C HIS G 35 -58.34 34.03 -25.38
N TRP G 36 -57.81 34.85 -26.29
CA TRP G 36 -56.43 34.74 -26.70
C TRP G 36 -55.70 36.00 -26.27
N VAL G 37 -54.58 35.79 -25.57
CA VAL G 37 -53.70 36.87 -25.16
C VAL G 37 -52.30 36.55 -25.67
N ARG G 38 -51.46 37.57 -25.83
CA ARG G 38 -50.11 37.33 -26.29
C ARG G 38 -49.12 38.20 -25.52
N GLN G 39 -47.83 37.88 -25.67
CA GLN G 39 -46.78 38.63 -25.01
C GLN G 39 -45.52 38.67 -25.86
N ALA G 40 -45.27 39.85 -26.45
CA ALA G 40 -44.02 40.11 -27.15
C ALA G 40 -42.85 40.03 -26.18
N PRO G 41 -41.64 39.60 -26.61
CA PRO G 41 -40.53 39.45 -25.67
C PRO G 41 -40.18 40.85 -25.20
N GLY G 42 -39.98 40.99 -23.88
CA GLY G 42 -39.59 42.26 -23.26
C GLY G 42 -40.78 43.12 -22.87
N LYS G 43 -42.01 42.58 -23.02
CA LYS G 43 -43.22 43.37 -22.94
C LYS G 43 -44.29 42.62 -22.12
N GLY G 44 -45.45 43.25 -21.98
CA GLY G 44 -46.51 42.75 -21.12
C GLY G 44 -47.67 42.21 -21.93
N LEU G 45 -48.55 41.46 -21.28
CA LEU G 45 -49.68 40.82 -21.94
C LEU G 45 -50.50 41.84 -22.75
N GLU G 46 -50.99 41.36 -23.91
CA GLU G 46 -51.87 42.10 -24.78
C GLU G 46 -53.02 41.19 -25.21
N TRP G 47 -54.25 41.63 -24.96
CA TRP G 47 -55.43 40.86 -25.28
C TRP G 47 -55.62 40.86 -26.79
N VAL G 48 -56.08 39.73 -27.33
CA VAL G 48 -56.22 39.54 -28.76
C VAL G 48 -57.69 39.38 -29.11
N ALA G 49 -58.33 38.35 -28.53
CA ALA G 49 -59.67 38.06 -28.97
C ALA G 49 -60.32 37.03 -28.05
N ARG G 50 -61.62 36.83 -28.28
CA ARG G 50 -62.37 35.81 -27.58
C ARG G 50 -63.41 35.20 -28.52
N VAL G 51 -63.86 33.99 -28.17
CA VAL G 51 -64.88 33.31 -28.94
C VAL G 51 -65.62 32.37 -28.00
N ILE G 52 -66.95 32.34 -28.10
CA ILE G 52 -67.73 31.37 -27.35
C ILE G 52 -68.33 30.36 -28.33
N PRO G 53 -68.29 29.05 -28.00
CA PRO G 53 -68.72 27.99 -28.91
C PRO G 53 -70.18 27.59 -28.75
N ASN G 54 -71.07 28.52 -29.10
CA ASN G 54 -72.47 28.19 -29.30
C ASN G 54 -72.99 29.06 -30.44
N ALA G 55 -72.07 29.35 -31.39
CA ALA G 55 -72.26 30.36 -32.42
C ALA G 55 -72.52 31.75 -31.82
N GLY G 56 -72.40 31.85 -30.49
CA GLY G 56 -72.83 33.02 -29.74
C GLY G 56 -71.92 34.22 -29.98
N GLY G 57 -70.72 33.95 -30.55
CA GLY G 57 -70.01 34.97 -31.30
C GLY G 57 -68.56 35.14 -30.85
N THR G 58 -67.98 36.22 -31.39
CA THR G 58 -66.57 36.55 -31.27
C THR G 58 -66.45 38.04 -30.91
N SER G 59 -65.28 38.41 -30.40
CA SER G 59 -64.90 39.81 -30.25
C SER G 59 -63.41 39.92 -30.51
N TYR G 60 -63.03 40.94 -31.28
CA TYR G 60 -61.65 41.10 -31.72
C TYR G 60 -61.12 42.39 -31.11
N ASN G 61 -59.81 42.43 -30.85
CA ASN G 61 -59.14 43.68 -30.58
C ASN G 61 -59.19 44.51 -31.86
N GLN G 62 -59.17 45.84 -31.72
CA GLN G 62 -59.19 46.76 -32.86
C GLN G 62 -58.01 46.49 -33.79
N LYS G 63 -56.85 46.22 -33.19
CA LYS G 63 -55.59 46.17 -33.91
C LYS G 63 -55.57 44.99 -34.89
N PHE G 64 -56.27 43.90 -34.56
CA PHE G 64 -56.21 42.66 -35.31
C PHE G 64 -57.51 42.38 -36.04
N LYS G 65 -58.37 43.40 -36.22
CA LYS G 65 -59.73 43.18 -36.68
C LYS G 65 -59.72 42.56 -38.09
N GLY G 66 -58.82 43.09 -38.94
CA GLY G 66 -58.67 42.56 -40.29
C GLY G 66 -58.09 41.15 -40.30
N ARG G 67 -56.95 40.96 -39.64
CA ARG G 67 -56.00 39.95 -40.03
C ARG G 67 -56.24 38.60 -39.33
N PHE G 68 -56.76 38.64 -38.11
CA PHE G 68 -56.89 37.43 -37.29
C PHE G 68 -58.34 36.95 -37.37
N THR G 69 -58.54 35.64 -37.28
CA THR G 69 -59.88 35.07 -37.29
C THR G 69 -59.98 33.96 -36.25
N LEU G 70 -61.03 34.00 -35.43
CA LEU G 70 -61.28 32.96 -34.45
C LEU G 70 -62.27 31.95 -35.02
N SER G 71 -62.28 30.77 -34.41
CA SER G 71 -62.83 29.59 -35.04
C SER G 71 -62.88 28.48 -34.00
N VAL G 72 -63.77 27.49 -34.19
CA VAL G 72 -64.04 26.51 -33.15
C VAL G 72 -64.56 25.21 -33.76
N ASP G 73 -64.16 24.08 -33.17
CA ASP G 73 -64.62 22.76 -33.60
C ASP G 73 -65.19 21.98 -32.42
N ASN G 74 -66.51 22.06 -32.21
CA ASN G 74 -67.18 21.61 -30.99
C ASN G 74 -66.98 20.12 -30.74
N SER G 75 -66.66 19.35 -31.79
CA SER G 75 -66.49 17.91 -31.66
C SER G 75 -65.20 17.56 -30.92
N LYS G 76 -64.16 18.40 -31.09
CA LYS G 76 -62.86 18.19 -30.47
C LYS G 76 -62.58 19.28 -29.43
N ASN G 77 -63.65 19.92 -28.92
CA ASN G 77 -63.59 20.92 -27.86
C ASN G 77 -62.32 21.74 -28.00
N THR G 78 -62.16 22.39 -29.15
CA THR G 78 -60.94 23.12 -29.44
C THR G 78 -61.29 24.46 -30.07
N ALA G 79 -60.35 25.42 -30.01
CA ALA G 79 -60.59 26.77 -30.51
C ALA G 79 -59.35 27.25 -31.25
N TYR G 80 -59.55 27.78 -32.46
CA TYR G 80 -58.43 28.06 -33.35
C TYR G 80 -58.31 29.57 -33.54
N LEU G 81 -57.07 30.07 -33.46
CA LEU G 81 -56.75 31.42 -33.87
C LEU G 81 -55.98 31.37 -35.18
N GLN G 82 -56.65 31.81 -36.26
CA GLN G 82 -56.07 31.95 -37.59
C GLN G 82 -55.49 33.35 -37.75
N MET G 83 -54.16 33.44 -37.91
CA MET G 83 -53.47 34.72 -38.04
C MET G 83 -52.87 34.82 -39.43
N ASN G 84 -53.04 35.98 -40.09
CA ASN G 84 -52.50 36.20 -41.43
C ASN G 84 -51.63 37.44 -41.45
N SER G 85 -51.06 37.76 -42.63
CA SER G 85 -50.22 38.95 -42.83
C SER G 85 -49.37 39.23 -41.60
N LEU G 86 -48.61 38.23 -41.16
CA LEU G 86 -47.82 38.30 -39.94
C LEU G 86 -46.68 39.29 -40.12
N ARG G 87 -46.31 39.95 -39.03
CA ARG G 87 -45.21 40.89 -39.02
C ARG G 87 -44.22 40.46 -37.96
N ALA G 88 -43.10 41.20 -37.88
CA ALA G 88 -42.08 40.97 -36.88
C ALA G 88 -42.65 41.22 -35.47
N GLU G 89 -43.67 42.08 -35.38
CA GLU G 89 -44.23 42.49 -34.11
C GLU G 89 -45.41 41.59 -33.72
N ASP G 90 -45.66 40.53 -34.49
CA ASP G 90 -46.54 39.47 -34.02
C ASP G 90 -45.73 38.38 -33.33
N THR G 91 -44.39 38.54 -33.31
CA THR G 91 -43.52 37.64 -32.59
C THR G 91 -43.84 37.75 -31.11
N ALA G 92 -44.41 36.67 -30.56
CA ALA G 92 -44.79 36.66 -29.17
C ALA G 92 -45.17 35.24 -28.76
N VAL G 93 -45.35 35.04 -27.45
CA VAL G 93 -45.95 33.83 -26.92
C VAL G 93 -47.45 34.05 -26.87
N TYR G 94 -48.22 33.08 -27.38
CA TYR G 94 -49.66 33.20 -27.46
C TYR G 94 -50.28 32.25 -26.45
N TYR G 95 -51.03 32.83 -25.51
CA TYR G 95 -51.61 32.10 -24.40
C TYR G 95 -53.12 32.03 -24.59
N CYS G 96 -53.69 30.99 -23.98
CA CYS G 96 -55.08 30.66 -24.13
C CYS G 96 -55.70 30.68 -22.73
N ALA G 97 -56.92 31.22 -22.59
CA ALA G 97 -57.58 31.30 -21.29
C ALA G 97 -59.07 31.17 -21.47
N ARG G 98 -59.74 30.49 -20.52
CA ARG G 98 -61.19 30.49 -20.56
C ARG G 98 -61.67 31.49 -19.52
N GLU G 99 -62.83 32.09 -19.79
CA GLU G 99 -63.33 33.13 -18.92
C GLU G 99 -63.49 32.51 -17.52
N GLY G 100 -63.25 33.33 -16.48
CA GLY G 100 -63.47 32.92 -15.11
C GLY G 100 -62.29 32.13 -14.54
N ILE G 101 -61.31 31.77 -15.38
CA ILE G 101 -60.13 31.04 -14.96
C ILE G 101 -58.93 31.96 -15.15
N TYR G 102 -58.17 32.23 -14.07
CA TYR G 102 -57.21 33.32 -14.14
C TYR G 102 -55.76 32.84 -14.08
N TRP G 103 -55.49 31.55 -14.39
CA TRP G 103 -54.11 31.08 -14.47
C TRP G 103 -53.69 30.90 -15.94
N TRP G 104 -52.39 30.64 -16.15
CA TRP G 104 -51.82 30.55 -17.49
C TRP G 104 -51.11 29.21 -17.70
N GLY G 105 -51.19 28.70 -18.94
CA GLY G 105 -50.38 27.59 -19.40
C GLY G 105 -49.02 28.08 -19.91
N GLN G 106 -48.32 27.23 -20.68
CA GLN G 106 -46.96 27.51 -21.11
C GLN G 106 -46.97 28.49 -22.28
N GLY G 107 -48.07 28.49 -23.05
CA GLY G 107 -48.17 29.30 -24.25
C GLY G 107 -47.66 28.52 -25.45
N THR G 108 -47.63 29.17 -26.60
CA THR G 108 -46.95 28.64 -27.76
C THR G 108 -46.23 29.78 -28.46
N LEU G 109 -44.89 29.70 -28.50
CA LEU G 109 -44.09 30.75 -29.07
C LEU G 109 -44.34 30.84 -30.57
N VAL G 110 -44.52 32.07 -31.06
CA VAL G 110 -44.62 32.35 -32.48
C VAL G 110 -43.52 33.35 -32.81
N THR G 111 -42.59 32.93 -33.68
CA THR G 111 -41.57 33.83 -34.19
C THR G 111 -41.92 34.18 -35.62
N VAL G 112 -41.64 35.42 -36.03
CA VAL G 112 -41.88 35.84 -37.40
C VAL G 112 -40.64 36.57 -37.90
N SER G 113 -39.89 35.88 -38.78
CA SER G 113 -38.63 36.39 -39.29
C SER G 113 -38.35 35.83 -40.68
N SER G 114 -37.47 36.53 -41.40
CA SER G 114 -37.02 36.15 -42.73
C SER G 114 -36.10 34.95 -42.65
N ALA G 115 -34.97 35.12 -41.92
CA ALA G 115 -33.87 34.17 -41.88
C ALA G 115 -34.33 32.81 -41.32
N SER G 116 -33.46 31.79 -41.43
CA SER G 116 -33.87 30.40 -41.43
C SER G 116 -33.49 29.68 -40.14
N THR G 117 -34.29 28.64 -39.82
CA THR G 117 -34.00 27.66 -38.79
C THR G 117 -32.53 27.22 -38.89
N LYS G 118 -31.90 26.96 -37.74
CA LYS G 118 -30.47 26.66 -37.69
C LYS G 118 -30.11 26.00 -36.35
N GLY G 119 -29.29 24.94 -36.43
CA GLY G 119 -28.72 24.31 -35.26
C GLY G 119 -27.56 25.13 -34.72
N PRO G 120 -27.27 25.05 -33.39
CA PRO G 120 -26.14 25.75 -32.79
C PRO G 120 -24.86 24.92 -32.71
N SER G 121 -23.71 25.60 -32.58
CA SER G 121 -22.43 24.92 -32.45
C SER G 121 -21.92 24.95 -31.01
N VAL G 122 -22.15 23.84 -30.30
CA VAL G 122 -21.80 23.71 -28.88
C VAL G 122 -20.29 23.53 -28.73
N PHE G 123 -19.63 24.36 -27.92
CA PHE G 123 -18.21 24.25 -27.62
C PHE G 123 -17.99 24.15 -26.12
N PRO G 124 -16.97 23.42 -25.61
CA PRO G 124 -16.72 23.34 -24.18
C PRO G 124 -16.12 24.66 -23.70
N LEU G 125 -16.41 24.99 -22.44
CA LEU G 125 -15.69 26.00 -21.68
C LEU G 125 -14.85 25.26 -20.66
N ALA G 126 -13.53 25.32 -20.85
CA ALA G 126 -12.65 24.33 -20.28
C ALA G 126 -12.06 24.84 -18.98
N PRO G 127 -12.20 24.11 -17.85
CA PRO G 127 -11.62 24.53 -16.57
C PRO G 127 -10.10 24.48 -16.57
N SER G 128 -9.47 25.55 -16.04
CA SER G 128 -8.02 25.69 -16.02
C SER G 128 -7.37 24.62 -15.14
N SER G 129 -6.03 24.53 -15.21
CA SER G 129 -5.26 23.67 -14.32
C SER G 129 -3.93 24.35 -13.95
N GLY G 135 -10.47 25.20 -3.99
CA GLY G 135 -11.84 24.86 -3.54
C GLY G 135 -12.81 24.76 -4.72
N THR G 136 -13.00 25.88 -5.43
CA THR G 136 -14.04 25.97 -6.44
C THR G 136 -13.42 26.22 -7.81
N ALA G 137 -13.87 25.45 -8.80
CA ALA G 137 -13.55 25.68 -10.19
C ALA G 137 -14.84 25.86 -10.98
N ALA G 138 -14.71 26.24 -12.26
CA ALA G 138 -15.86 26.47 -13.10
C ALA G 138 -15.60 25.93 -14.50
N LEU G 139 -16.67 25.39 -15.09
CA LEU G 139 -16.68 24.88 -16.44
C LEU G 139 -18.04 25.21 -17.06
N GLY G 140 -18.17 25.05 -18.38
CA GLY G 140 -19.41 25.38 -19.06
C GLY G 140 -19.44 24.88 -20.50
N CYS G 141 -20.50 25.28 -21.20
CA CYS G 141 -20.66 25.09 -22.63
C CYS G 141 -21.07 26.40 -23.30
N LEU G 142 -20.41 26.72 -24.42
CA LEU G 142 -20.75 27.88 -25.24
C LEU G 142 -21.59 27.48 -26.44
N VAL G 143 -22.88 27.86 -26.46
CA VAL G 143 -23.80 27.49 -27.51
C VAL G 143 -23.95 28.65 -28.51
N LYS G 144 -23.45 28.46 -29.73
CA LYS G 144 -23.28 29.57 -30.66
C LYS G 144 -24.07 29.31 -31.96
N ASP G 145 -24.71 30.39 -32.45
CA ASP G 145 -25.24 30.52 -33.81
C ASP G 145 -26.40 29.56 -34.06
N TYR G 146 -27.59 29.97 -33.59
CA TYR G 146 -28.84 29.26 -33.81
C TYR G 146 -29.94 30.28 -34.09
N PHE G 147 -31.15 29.77 -34.31
CA PHE G 147 -32.34 30.57 -34.58
C PHE G 147 -33.52 29.63 -34.80
N PRO G 148 -34.74 29.93 -34.31
CA PRO G 148 -34.98 30.99 -33.34
C PRO G 148 -34.80 30.41 -31.95
N GLU G 149 -35.13 31.19 -30.91
CA GLU G 149 -35.34 30.63 -29.59
C GLU G 149 -36.53 29.67 -29.66
N PRO G 150 -36.70 28.68 -28.74
CA PRO G 150 -35.85 28.50 -27.57
C PRO G 150 -34.81 27.38 -27.62
N VAL G 151 -33.73 27.56 -26.85
CA VAL G 151 -32.77 26.49 -26.57
C VAL G 151 -32.89 26.13 -25.08
N THR G 152 -32.98 24.84 -24.78
CA THR G 152 -32.87 24.36 -23.40
C THR G 152 -31.43 23.88 -23.18
N VAL G 153 -30.94 24.04 -21.94
CA VAL G 153 -29.64 23.56 -21.52
C VAL G 153 -29.80 22.97 -20.13
N SER G 154 -29.44 21.71 -19.96
CA SER G 154 -29.33 21.14 -18.63
C SER G 154 -27.94 20.52 -18.49
N TRP G 155 -27.65 19.98 -17.30
CA TRP G 155 -26.37 19.34 -17.07
C TRP G 155 -26.60 17.95 -16.48
N ASN G 156 -25.85 16.96 -17.00
CA ASN G 156 -26.04 15.57 -16.62
C ASN G 156 -27.54 15.24 -16.73
N SER G 157 -28.11 15.68 -17.85
CA SER G 157 -29.53 15.61 -18.14
C SER G 157 -30.39 15.88 -16.90
N GLY G 158 -30.10 17.00 -16.22
CA GLY G 158 -30.97 17.54 -15.19
C GLY G 158 -30.57 17.16 -13.77
N ALA G 159 -29.65 16.21 -13.63
CA ALA G 159 -29.23 15.75 -12.30
C ALA G 159 -28.44 16.84 -11.58
N LEU G 160 -27.88 17.79 -12.35
CA LEU G 160 -27.07 18.87 -11.79
C LEU G 160 -27.74 20.23 -12.04
N THR G 161 -28.16 20.89 -10.96
CA THR G 161 -28.83 22.18 -11.04
C THR G 161 -28.12 23.20 -10.14
N SER G 162 -27.75 22.80 -8.92
CA SER G 162 -26.94 23.63 -8.05
C SER G 162 -25.74 24.21 -8.81
N GLY G 163 -25.59 25.52 -8.70
CA GLY G 163 -24.40 26.20 -9.20
C GLY G 163 -24.55 26.61 -10.66
N VAL G 164 -25.59 26.12 -11.34
CA VAL G 164 -25.75 26.34 -12.77
C VAL G 164 -26.22 27.77 -13.04
N HIS G 165 -25.66 28.40 -14.07
CA HIS G 165 -26.10 29.71 -14.54
C HIS G 165 -26.17 29.72 -16.06
N THR G 166 -27.21 29.07 -16.62
CA THR G 166 -27.61 29.24 -18.01
C THR G 166 -27.91 30.72 -18.24
N PHE G 167 -27.03 31.42 -18.98
CA PHE G 167 -27.25 32.85 -19.23
C PHE G 167 -28.35 33.02 -20.27
N PRO G 168 -28.97 34.22 -20.39
CA PRO G 168 -29.98 34.46 -21.43
C PRO G 168 -29.33 34.76 -22.78
N ALA G 169 -30.09 34.47 -23.85
CA ALA G 169 -29.61 34.53 -25.22
C ALA G 169 -29.14 35.94 -25.58
N VAL G 170 -28.22 36.02 -26.55
CA VAL G 170 -27.68 37.29 -26.99
C VAL G 170 -27.66 37.28 -28.54
N LEU G 171 -28.25 38.33 -29.13
CA LEU G 171 -28.33 38.48 -30.57
C LEU G 171 -27.08 39.23 -31.07
N GLN G 172 -26.33 38.59 -31.97
CA GLN G 172 -25.07 39.11 -32.50
C GLN G 172 -25.37 39.93 -33.76
N SER G 173 -24.36 40.68 -34.24
CA SER G 173 -24.46 41.38 -35.52
C SER G 173 -24.60 40.37 -36.67
N SER G 174 -24.24 39.11 -36.38
CA SER G 174 -24.56 37.96 -37.20
C SER G 174 -26.08 37.82 -37.43
N GLY G 175 -26.89 38.17 -36.43
CA GLY G 175 -28.33 37.94 -36.49
C GLY G 175 -28.73 36.54 -36.00
N LEU G 176 -27.81 35.91 -35.25
CA LEU G 176 -28.01 34.60 -34.62
C LEU G 176 -27.74 34.70 -33.12
N TYR G 177 -28.28 33.73 -32.35
CA TYR G 177 -28.23 33.76 -30.90
C TYR G 177 -27.00 33.02 -30.38
N SER G 178 -26.59 33.33 -29.14
CA SER G 178 -25.30 32.92 -28.62
C SER G 178 -25.26 33.08 -27.09
N LEU G 179 -25.73 32.05 -26.37
CA LEU G 179 -25.68 32.02 -24.92
C LEU G 179 -24.59 31.07 -24.44
N SER G 180 -24.04 31.35 -23.26
CA SER G 180 -23.20 30.40 -22.54
C SER G 180 -23.92 29.93 -21.28
N SER G 181 -23.54 28.74 -20.79
CA SER G 181 -24.11 28.12 -19.60
C SER G 181 -22.98 27.49 -18.79
N VAL G 182 -22.83 27.89 -17.52
CA VAL G 182 -21.65 27.55 -16.74
C VAL G 182 -22.08 26.86 -15.45
N VAL G 183 -21.12 26.17 -14.80
CA VAL G 183 -21.34 25.59 -13.49
C VAL G 183 -20.09 25.79 -12.66
N THR G 184 -20.28 26.19 -11.41
CA THR G 184 -19.22 26.12 -10.41
C THR G 184 -19.41 24.81 -9.64
N VAL G 185 -18.29 24.08 -9.46
CA VAL G 185 -18.26 22.77 -8.84
C VAL G 185 -16.97 22.68 -8.04
N PRO G 186 -16.83 21.71 -7.10
CA PRO G 186 -15.59 21.54 -6.34
C PRO G 186 -14.51 21.09 -7.31
N SER G 187 -13.31 21.68 -7.16
CA SER G 187 -12.18 21.32 -8.00
C SER G 187 -11.82 19.85 -7.80
N SER G 188 -11.93 19.39 -6.55
CA SER G 188 -11.74 17.99 -6.20
C SER G 188 -12.57 17.09 -7.10
N SER G 189 -13.68 17.58 -7.64
CA SER G 189 -14.55 16.79 -8.49
C SER G 189 -14.08 16.79 -9.95
N LEU G 190 -13.18 17.69 -10.33
CA LEU G 190 -12.61 17.68 -11.69
C LEU G 190 -11.95 16.33 -11.96
N GLY G 191 -12.31 15.72 -13.08
CA GLY G 191 -11.62 14.55 -13.59
C GLY G 191 -12.05 13.23 -12.93
N THR G 192 -13.04 13.27 -12.02
CA THR G 192 -13.49 12.09 -11.28
C THR G 192 -14.99 11.92 -11.43
N GLN G 193 -15.68 13.07 -11.32
CA GLN G 193 -17.08 13.25 -11.63
C GLN G 193 -17.14 13.81 -13.05
N THR G 194 -18.18 13.44 -13.81
CA THR G 194 -18.19 13.71 -15.24
C THR G 194 -19.31 14.71 -15.57
N TYR G 195 -19.03 15.65 -16.49
CA TYR G 195 -19.89 16.81 -16.68
C TYR G 195 -20.32 16.93 -18.15
N ILE G 196 -21.55 16.48 -18.45
CA ILE G 196 -22.18 16.63 -19.75
C ILE G 196 -23.20 17.77 -19.70
N CYS G 197 -23.14 18.67 -20.68
CA CYS G 197 -24.16 19.71 -20.82
C CYS G 197 -25.11 19.36 -21.97
N ASN G 198 -26.42 19.33 -21.68
CA ASN G 198 -27.42 18.89 -22.64
C ASN G 198 -28.08 20.10 -23.29
N VAL G 199 -27.56 20.51 -24.45
CA VAL G 199 -28.20 21.52 -25.29
C VAL G 199 -29.25 20.83 -26.17
N ASN G 200 -30.46 21.38 -26.18
CA ASN G 200 -31.53 20.93 -27.04
C ASN G 200 -32.04 22.15 -27.82
N HIS G 201 -32.61 21.89 -29.00
CA HIS G 201 -33.08 22.95 -29.88
C HIS G 201 -34.21 22.36 -30.71
N LYS G 202 -35.43 22.42 -30.19
CA LYS G 202 -36.60 21.85 -30.83
C LYS G 202 -36.76 22.38 -32.26
N PRO G 203 -36.56 23.70 -32.53
CA PRO G 203 -36.77 24.27 -33.87
C PRO G 203 -35.98 23.70 -35.05
N SER G 204 -34.70 23.36 -34.83
CA SER G 204 -33.88 22.69 -35.83
C SER G 204 -33.70 21.21 -35.48
N ASN G 205 -34.39 20.75 -34.44
CA ASN G 205 -34.36 19.36 -34.00
C ASN G 205 -32.91 18.87 -33.83
N THR G 206 -32.06 19.65 -33.14
CA THR G 206 -30.67 19.26 -32.94
C THR G 206 -30.37 19.14 -31.44
N LYS G 207 -30.47 17.91 -30.90
CA LYS G 207 -29.88 17.57 -29.61
C LYS G 207 -28.36 17.39 -29.74
N VAL G 208 -27.63 17.92 -28.75
CA VAL G 208 -26.19 17.70 -28.63
C VAL G 208 -25.90 17.43 -27.17
N ASP G 209 -25.02 16.45 -26.91
CA ASP G 209 -24.45 16.24 -25.58
C ASP G 209 -22.94 16.48 -25.67
N LYS G 210 -22.45 17.42 -24.87
CA LYS G 210 -21.03 17.74 -24.80
C LYS G 210 -20.51 17.40 -23.40
N LYS G 211 -19.52 16.51 -23.36
CA LYS G 211 -18.73 16.28 -22.18
C LYS G 211 -17.68 17.40 -22.10
N VAL G 212 -17.46 17.88 -20.88
CA VAL G 212 -16.49 18.94 -20.62
C VAL G 212 -15.47 18.36 -19.66
N GLU G 213 -14.19 18.59 -19.97
CA GLU G 213 -13.12 18.11 -19.11
C GLU G 213 -11.86 18.95 -19.38
N PRO G 214 -10.89 18.99 -18.44
CA PRO G 214 -9.66 19.75 -18.65
C PRO G 214 -8.93 19.43 -19.97
N LYS G 215 -8.10 20.39 -20.41
CA LYS G 215 -7.24 20.25 -21.59
C LYS G 215 -5.90 19.63 -21.19
N SER G 216 -4.86 19.79 -22.03
CA SER G 216 -3.52 19.33 -21.69
C SER G 216 -2.47 20.37 -22.13
N ASP H 1 -60.83 50.87 -24.01
CA ASP H 1 -59.95 50.06 -23.12
C ASP H 1 -59.83 50.78 -21.78
N ILE H 2 -59.78 50.01 -20.70
CA ILE H 2 -59.58 50.54 -19.36
C ILE H 2 -58.09 50.62 -19.07
N GLN H 3 -57.60 51.82 -18.73
CA GLN H 3 -56.20 52.02 -18.40
C GLN H 3 -55.90 51.54 -16.98
N MET H 4 -54.94 50.63 -16.86
CA MET H 4 -54.41 50.27 -15.55
C MET H 4 -53.08 51.02 -15.33
N THR H 5 -52.94 51.65 -14.16
CA THR H 5 -51.74 52.41 -13.81
C THR H 5 -51.09 51.76 -12.58
N GLN H 6 -49.99 51.04 -12.83
CA GLN H 6 -49.27 50.35 -11.77
C GLN H 6 -48.08 51.19 -11.32
N SER H 7 -47.74 51.07 -10.04
CA SER H 7 -46.61 51.77 -9.46
C SER H 7 -46.14 50.97 -8.24
N PRO H 8 -44.86 51.05 -7.82
CA PRO H 8 -43.84 51.78 -8.57
C PRO H 8 -43.44 50.95 -9.78
N SER H 9 -42.41 51.44 -10.49
CA SER H 9 -41.87 50.79 -11.66
C SER H 9 -40.84 49.74 -11.25
N SER H 10 -39.96 50.13 -10.33
CA SER H 10 -38.86 49.32 -9.80
C SER H 10 -38.76 49.53 -8.29
N LEU H 11 -38.45 48.44 -7.57
CA LEU H 11 -38.05 48.61 -6.19
C LEU H 11 -37.05 47.54 -5.76
N SER H 12 -36.30 47.91 -4.72
CA SER H 12 -35.30 47.10 -4.09
C SER H 12 -35.57 47.12 -2.59
N ALA H 13 -35.59 45.93 -1.95
CA ALA H 13 -36.02 45.82 -0.58
C ALA H 13 -35.32 44.67 0.12
N SER H 14 -35.13 44.81 1.44
CA SER H 14 -34.43 43.79 2.21
C SER H 14 -35.37 42.61 2.45
N VAL H 15 -34.75 41.43 2.64
CA VAL H 15 -35.44 40.22 3.04
C VAL H 15 -36.13 40.48 4.38
N GLY H 16 -37.41 40.12 4.45
CA GLY H 16 -38.21 40.25 5.65
C GLY H 16 -39.09 41.49 5.61
N ASP H 17 -38.75 42.45 4.73
CA ASP H 17 -39.41 43.75 4.67
C ASP H 17 -40.73 43.69 3.91
N ARG H 18 -41.63 44.63 4.23
CA ARG H 18 -42.90 44.80 3.51
C ARG H 18 -42.66 45.52 2.20
N VAL H 19 -43.24 44.98 1.11
CA VAL H 19 -43.19 45.58 -0.22
C VAL H 19 -44.62 45.85 -0.64
N THR H 20 -44.86 47.03 -1.23
CA THR H 20 -46.22 47.48 -1.49
C THR H 20 -46.29 47.99 -2.92
N ILE H 21 -47.28 47.46 -3.65
CA ILE H 21 -47.49 47.76 -5.06
C ILE H 21 -48.93 48.23 -5.27
N THR H 22 -49.11 49.25 -6.15
CA THR H 22 -50.42 49.81 -6.41
C THR H 22 -50.82 49.58 -7.86
N CYS H 23 -52.10 49.24 -8.08
CA CYS H 23 -52.73 49.37 -9.39
C CYS H 23 -54.01 50.19 -9.27
N ARG H 24 -54.09 51.23 -10.12
CA ARG H 24 -55.27 52.04 -10.31
C ARG H 24 -55.90 51.69 -11.65
N SER H 25 -57.23 51.62 -11.71
CA SER H 25 -57.96 51.44 -12.95
C SER H 25 -58.60 52.76 -13.35
N SER H 26 -58.74 52.99 -14.66
CA SER H 26 -59.26 54.25 -15.17
C SER H 26 -60.75 54.40 -14.87
N GLN H 27 -61.41 53.29 -14.51
CA GLN H 27 -62.81 53.29 -14.10
C GLN H 27 -63.10 52.05 -13.25
N SER H 28 -64.30 52.01 -12.64
CA SER H 28 -64.65 50.94 -11.73
C SER H 28 -64.44 49.58 -12.39
N LEU H 29 -63.83 48.64 -11.65
CA LEU H 29 -63.63 47.29 -12.15
C LEU H 29 -64.71 46.37 -11.61
N VAL H 30 -65.77 46.93 -11.04
CA VAL H 30 -66.78 46.10 -10.40
C VAL H 30 -67.83 45.70 -11.44
N HIS H 31 -68.01 44.39 -11.60
CA HIS H 31 -69.12 43.86 -12.38
C HIS H 31 -70.44 44.15 -11.65
N SER H 32 -71.50 44.34 -12.44
CA SER H 32 -72.84 44.59 -11.92
C SER H 32 -73.34 43.37 -11.12
N ASN H 33 -72.74 42.21 -11.32
CA ASN H 33 -73.09 41.04 -10.51
C ASN H 33 -72.31 41.00 -9.20
N GLY H 34 -71.37 41.94 -9.00
CA GLY H 34 -70.77 42.18 -7.69
C GLY H 34 -69.27 41.85 -7.63
N ASN H 35 -68.83 40.90 -8.46
CA ASN H 35 -67.45 40.47 -8.47
C ASN H 35 -66.61 41.61 -9.01
N THR H 36 -65.36 41.71 -8.54
CA THR H 36 -64.37 42.64 -9.08
C THR H 36 -63.22 41.81 -9.65
N PHE H 37 -63.04 41.87 -10.98
CA PHE H 37 -62.13 40.96 -11.66
C PHE H 37 -60.79 41.64 -11.86
N LEU H 38 -60.13 41.91 -10.74
CA LEU H 38 -58.77 42.40 -10.69
C LEU H 38 -57.92 41.29 -10.10
N HIS H 39 -56.79 40.98 -10.72
CA HIS H 39 -55.98 39.83 -10.31
C HIS H 39 -54.50 40.22 -10.34
N TRP H 40 -53.69 39.52 -9.54
CA TRP H 40 -52.26 39.81 -9.43
C TRP H 40 -51.42 38.65 -9.92
N TYR H 41 -50.32 38.97 -10.63
CA TYR H 41 -49.46 37.96 -11.21
C TYR H 41 -48.01 38.17 -10.76
N GLN H 42 -47.25 37.08 -10.85
CA GLN H 42 -45.81 37.08 -10.68
C GLN H 42 -45.20 36.50 -11.95
N GLN H 43 -44.19 37.17 -12.49
CA GLN H 43 -43.57 36.70 -13.71
C GLN H 43 -42.06 36.79 -13.57
N LYS H 44 -41.45 35.60 -13.44
CA LYS H 44 -40.01 35.44 -13.55
C LYS H 44 -39.66 35.47 -15.04
N PRO H 45 -38.41 35.82 -15.40
CA PRO H 45 -37.99 35.82 -16.81
C PRO H 45 -38.07 34.45 -17.48
N GLY H 46 -38.41 34.44 -18.78
CA GLY H 46 -38.51 33.21 -19.55
C GLY H 46 -39.79 32.43 -19.25
N LYS H 47 -40.36 32.66 -18.07
CA LYS H 47 -41.48 31.87 -17.58
C LYS H 47 -42.79 32.62 -17.82
N ALA H 48 -43.90 31.89 -17.64
CA ALA H 48 -45.25 32.42 -17.79
C ALA H 48 -45.70 33.09 -16.50
N PRO H 49 -46.77 33.93 -16.51
CA PRO H 49 -47.26 34.54 -15.29
C PRO H 49 -47.85 33.49 -14.36
N LYS H 50 -47.57 33.62 -13.07
CA LYS H 50 -48.16 32.76 -12.05
C LYS H 50 -49.17 33.58 -11.24
N LEU H 51 -50.39 33.08 -11.15
CA LEU H 51 -51.47 33.73 -10.43
C LEU H 51 -51.14 33.70 -8.93
N LEU H 52 -51.14 34.90 -8.32
CA LEU H 52 -50.94 35.07 -6.89
C LEU H 52 -52.30 35.24 -6.23
N ILE H 53 -53.06 36.22 -6.73
CA ILE H 53 -54.34 36.62 -6.15
C ILE H 53 -55.34 36.75 -7.29
N TYR H 54 -56.57 36.27 -7.06
CA TYR H 54 -57.67 36.51 -7.97
C TYR H 54 -58.77 37.30 -7.25
N THR H 55 -59.56 38.01 -8.06
CA THR H 55 -60.71 38.80 -7.61
C THR H 55 -60.34 39.59 -6.35
N VAL H 56 -59.28 40.38 -6.44
CA VAL H 56 -58.92 41.39 -5.46
C VAL H 56 -58.14 40.79 -4.29
N SER H 57 -58.77 39.90 -3.51
CA SER H 57 -58.19 39.47 -2.24
C SER H 57 -58.03 37.95 -2.12
N ASN H 58 -58.72 37.18 -2.96
CA ASN H 58 -58.70 35.72 -2.84
C ASN H 58 -57.35 35.19 -3.32
N ARG H 59 -56.54 34.70 -2.37
CA ARG H 59 -55.22 34.16 -2.63
C ARG H 59 -55.31 32.77 -3.25
N PHE H 60 -54.67 32.58 -4.42
CA PHE H 60 -54.70 31.33 -5.15
C PHE H 60 -54.05 30.20 -4.35
N SER H 61 -54.58 28.98 -4.51
CA SER H 61 -54.11 27.81 -3.79
C SER H 61 -52.61 27.64 -3.98
N GLY H 62 -51.88 27.45 -2.87
CA GLY H 62 -50.48 27.10 -2.94
C GLY H 62 -49.56 28.32 -2.92
N VAL H 63 -50.15 29.50 -3.08
CA VAL H 63 -49.43 30.76 -2.97
C VAL H 63 -49.15 31.03 -1.48
N PRO H 64 -47.91 31.41 -1.11
CA PRO H 64 -47.60 31.80 0.26
C PRO H 64 -48.47 32.91 0.86
N SER H 65 -48.66 32.84 2.18
CA SER H 65 -49.56 33.74 2.89
C SER H 65 -49.03 35.17 2.86
N ARG H 66 -47.71 35.35 2.70
CA ARG H 66 -47.11 36.67 2.65
C ARG H 66 -47.63 37.50 1.46
N PHE H 67 -48.21 36.84 0.45
CA PHE H 67 -48.88 37.55 -0.64
C PHE H 67 -50.35 37.77 -0.29
N SER H 68 -50.79 39.03 -0.38
CA SER H 68 -52.18 39.38 -0.15
C SER H 68 -52.53 40.65 -0.90
N GLY H 69 -53.74 40.68 -1.47
CA GLY H 69 -54.24 41.84 -2.18
C GLY H 69 -55.41 42.46 -1.44
N SER H 70 -55.57 43.77 -1.62
CA SER H 70 -56.63 44.53 -0.99
C SER H 70 -57.16 45.59 -1.95
N GLY H 71 -58.09 46.43 -1.46
CA GLY H 71 -58.64 47.53 -2.24
C GLY H 71 -60.02 47.19 -2.81
N SER H 72 -60.50 48.10 -3.66
CA SER H 72 -61.83 48.00 -4.24
C SER H 72 -61.98 49.09 -5.30
N GLY H 73 -62.95 48.92 -6.18
CA GLY H 73 -63.37 50.00 -7.05
C GLY H 73 -62.34 50.29 -8.13
N THR H 74 -61.53 51.34 -7.94
CA THR H 74 -60.51 51.71 -8.90
C THR H 74 -59.11 51.64 -8.30
N ASP H 75 -59.03 51.11 -7.07
CA ASP H 75 -57.86 51.31 -6.24
C ASP H 75 -57.49 50.00 -5.52
N PHE H 76 -56.36 49.42 -5.94
CA PHE H 76 -55.97 48.09 -5.50
C PHE H 76 -54.49 48.07 -5.12
N THR H 77 -54.16 47.24 -4.12
CA THR H 77 -52.81 47.13 -3.58
C THR H 77 -52.43 45.67 -3.47
N LEU H 78 -51.21 45.34 -3.92
CA LEU H 78 -50.57 44.05 -3.69
C LEU H 78 -49.54 44.24 -2.60
N THR H 79 -49.60 43.40 -1.57
CA THR H 79 -48.64 43.49 -0.48
C THR H 79 -47.90 42.16 -0.35
N ILE H 80 -46.57 42.26 -0.34
CA ILE H 80 -45.70 41.18 0.07
C ILE H 80 -45.23 41.51 1.48
N SER H 81 -45.75 40.77 2.47
CA SER H 81 -45.52 41.10 3.88
C SER H 81 -44.07 40.92 4.29
N SER H 82 -43.41 39.87 3.78
CA SER H 82 -42.05 39.56 4.20
C SER H 82 -41.21 39.09 3.02
N LEU H 83 -40.54 40.01 2.34
CA LEU H 83 -39.94 39.72 1.05
C LEU H 83 -38.89 38.62 1.21
N GLN H 84 -39.00 37.59 0.35
CA GLN H 84 -38.12 36.43 0.39
C GLN H 84 -37.25 36.41 -0.87
N PRO H 85 -36.07 35.75 -0.86
CA PRO H 85 -35.15 35.80 -1.99
C PRO H 85 -35.81 35.28 -3.27
N GLU H 86 -36.76 34.34 -3.12
CA GLU H 86 -37.41 33.72 -4.26
C GLU H 86 -38.49 34.62 -4.85
N ASP H 87 -38.66 35.84 -4.32
CA ASP H 87 -39.71 36.75 -4.77
C ASP H 87 -39.18 37.77 -5.77
N PHE H 88 -37.88 37.75 -6.03
CA PHE H 88 -37.35 38.41 -7.21
C PHE H 88 -38.23 37.96 -8.37
N ALA H 89 -38.88 38.94 -9.02
CA ALA H 89 -39.79 38.74 -10.15
C ALA H 89 -40.31 40.10 -10.63
N THR H 90 -41.14 40.07 -11.67
CA THR H 90 -41.90 41.23 -12.08
C THR H 90 -43.35 40.94 -11.76
N TYR H 91 -43.97 41.84 -10.97
CA TYR H 91 -45.35 41.66 -10.55
C TYR H 91 -46.23 42.56 -11.39
N PHE H 92 -47.44 42.09 -11.70
CA PHE H 92 -48.34 42.95 -12.46
C PHE H 92 -49.79 42.55 -12.17
N CYS H 93 -50.67 43.53 -12.34
CA CYS H 93 -52.08 43.34 -12.12
C CYS H 93 -52.78 43.19 -13.47
N SER H 94 -54.01 42.69 -13.43
CA SER H 94 -54.78 42.32 -14.60
C SER H 94 -56.23 42.69 -14.34
N GLN H 95 -56.93 43.21 -15.37
CA GLN H 95 -58.35 43.49 -15.29
C GLN H 95 -59.10 42.62 -16.31
N THR H 96 -60.14 41.94 -15.84
CA THR H 96 -60.85 40.91 -16.59
C THR H 96 -62.35 41.17 -16.61
N THR H 97 -62.78 42.30 -16.01
CA THR H 97 -64.18 42.65 -15.95
C THR H 97 -64.67 43.11 -17.32
N HIS H 98 -63.76 43.69 -18.12
CA HIS H 98 -64.11 44.23 -19.43
C HIS H 98 -63.09 43.79 -20.48
N VAL H 99 -63.61 43.29 -21.60
CA VAL H 99 -62.84 43.15 -22.82
C VAL H 99 -62.60 44.53 -23.40
N PRO H 100 -61.43 44.86 -24.00
CA PRO H 100 -60.22 44.06 -23.92
C PRO H 100 -59.67 44.00 -22.50
N TRP H 101 -59.15 42.83 -22.12
CA TRP H 101 -58.36 42.72 -20.91
C TRP H 101 -57.17 43.66 -21.02
N THR H 102 -56.86 44.33 -19.90
CA THR H 102 -55.75 45.25 -19.85
C THR H 102 -54.93 44.94 -18.60
N PHE H 103 -53.71 45.50 -18.53
CA PHE H 103 -52.72 45.06 -17.56
C PHE H 103 -51.87 46.23 -17.08
N GLY H 104 -51.39 46.11 -15.83
CA GLY H 104 -50.42 47.05 -15.30
C GLY H 104 -49.09 46.91 -16.00
N GLN H 105 -48.25 47.95 -15.92
CA GLN H 105 -46.97 47.97 -16.60
C GLN H 105 -45.93 47.22 -15.78
N GLY H 106 -46.36 46.58 -14.69
CA GLY H 106 -45.52 45.71 -13.89
C GLY H 106 -44.56 46.48 -12.98
N THR H 107 -44.16 45.83 -11.88
CA THR H 107 -43.17 46.34 -10.96
C THR H 107 -42.08 45.28 -10.86
N LYS H 108 -40.81 45.72 -11.00
CA LYS H 108 -39.68 44.81 -10.91
C LYS H 108 -39.16 44.83 -9.48
N VAL H 109 -39.34 43.70 -8.79
CA VAL H 109 -38.93 43.60 -7.39
C VAL H 109 -37.56 42.93 -7.35
N GLU H 110 -36.67 43.52 -6.55
CA GLU H 110 -35.33 42.99 -6.36
C GLU H 110 -35.04 42.95 -4.85
N ILE H 111 -34.21 41.98 -4.42
CA ILE H 111 -33.78 41.89 -3.04
C ILE H 111 -32.50 42.67 -2.83
N LYS H 112 -32.47 43.45 -1.77
CA LYS H 112 -31.23 44.06 -1.31
C LYS H 112 -30.60 43.14 -0.28
N ARG H 113 -29.29 42.92 -0.42
CA ARG H 113 -28.51 42.08 0.47
C ARG H 113 -27.10 42.66 0.63
N THR H 114 -26.30 42.00 1.46
CA THR H 114 -24.94 42.43 1.76
C THR H 114 -24.10 42.35 0.49
N VAL H 115 -22.95 43.03 0.50
CA VAL H 115 -22.12 43.08 -0.69
C VAL H 115 -21.47 41.70 -0.82
N ALA H 116 -21.38 41.23 -2.06
CA ALA H 116 -20.80 39.95 -2.37
C ALA H 116 -19.90 40.08 -3.60
N ALA H 117 -18.59 39.94 -3.35
CA ALA H 117 -17.59 39.89 -4.41
C ALA H 117 -17.90 38.76 -5.38
N PRO H 118 -17.58 38.91 -6.68
CA PRO H 118 -17.63 37.77 -7.60
C PRO H 118 -16.37 36.90 -7.47
N SER H 119 -16.54 35.61 -7.77
CA SER H 119 -15.47 34.74 -8.23
C SER H 119 -15.30 34.97 -9.73
N VAL H 120 -14.05 35.01 -10.20
CA VAL H 120 -13.76 35.30 -11.59
C VAL H 120 -13.09 34.10 -12.25
N PHE H 121 -13.52 33.78 -13.47
CA PHE H 121 -13.01 32.65 -14.22
C PHE H 121 -12.92 33.01 -15.70
N ILE H 122 -11.81 32.60 -16.35
CA ILE H 122 -11.58 32.89 -17.77
C ILE H 122 -11.49 31.59 -18.55
N PHE H 123 -11.96 31.60 -19.81
CA PHE H 123 -12.14 30.39 -20.58
C PHE H 123 -11.60 30.55 -22.00
N PRO H 124 -10.45 29.91 -22.34
CA PRO H 124 -9.90 29.97 -23.70
C PRO H 124 -10.90 29.39 -24.69
N PRO H 125 -10.79 29.75 -25.99
CA PRO H 125 -11.61 29.13 -27.02
C PRO H 125 -11.17 27.69 -27.29
N SER H 126 -12.16 26.85 -27.62
CA SER H 126 -11.93 25.44 -27.87
C SER H 126 -11.15 25.28 -29.17
N ASP H 127 -10.16 24.36 -29.21
CA ASP H 127 -9.51 24.03 -30.47
C ASP H 127 -10.58 23.63 -31.48
N GLU H 128 -11.60 22.91 -30.97
CA GLU H 128 -12.72 22.40 -31.74
C GLU H 128 -13.41 23.52 -32.53
N GLN H 129 -13.11 24.79 -32.19
CA GLN H 129 -13.82 25.94 -32.72
C GLN H 129 -12.91 26.80 -33.60
N LEU H 130 -11.60 26.86 -33.29
CA LEU H 130 -10.62 27.53 -34.14
C LEU H 130 -10.68 26.98 -35.57
N LYS H 131 -11.17 25.73 -35.70
CA LYS H 131 -11.61 25.19 -36.98
C LYS H 131 -12.51 26.23 -37.67
N SER H 132 -13.73 26.40 -37.13
CA SER H 132 -14.75 27.26 -37.71
C SER H 132 -14.14 28.56 -38.27
N GLY H 133 -13.21 29.16 -37.52
CA GLY H 133 -12.50 30.36 -37.96
C GLY H 133 -12.72 31.55 -37.02
N THR H 134 -13.74 31.47 -36.17
CA THR H 134 -14.00 32.44 -35.12
C THR H 134 -13.42 31.92 -33.79
N ALA H 135 -13.16 32.82 -32.82
CA ALA H 135 -12.49 32.46 -31.58
C ALA H 135 -13.07 33.23 -30.39
N SER H 136 -14.10 32.65 -29.74
CA SER H 136 -14.80 33.27 -28.64
C SER H 136 -14.07 33.01 -27.32
N VAL H 137 -13.67 34.10 -26.63
CA VAL H 137 -13.12 34.04 -25.28
C VAL H 137 -14.25 34.41 -24.30
N VAL H 138 -14.19 33.91 -23.06
CA VAL H 138 -15.30 34.05 -22.12
C VAL H 138 -14.76 34.32 -20.72
N CYS H 139 -15.35 35.34 -20.08
CA CYS H 139 -15.08 35.69 -18.69
C CYS H 139 -16.36 35.50 -17.89
N LEU H 140 -16.23 34.90 -16.70
CA LEU H 140 -17.36 34.61 -15.83
C LEU H 140 -17.19 35.38 -14.54
N LEU H 141 -18.19 36.17 -14.17
CA LEU H 141 -18.30 36.74 -12.83
C LEU H 141 -19.44 36.03 -12.12
N ASN H 142 -19.11 35.36 -11.02
CA ASN H 142 -20.02 34.38 -10.45
C ASN H 142 -20.52 34.89 -9.09
N ASN H 143 -21.84 35.01 -8.95
CA ASN H 143 -22.53 35.16 -7.67
C ASN H 143 -22.04 36.38 -6.90
N PHE H 144 -22.42 37.58 -7.38
CA PHE H 144 -21.97 38.85 -6.80
C PHE H 144 -23.16 39.75 -6.46
N TYR H 145 -22.88 40.79 -5.66
CA TYR H 145 -23.90 41.77 -5.34
C TYR H 145 -23.25 43.08 -4.96
N PRO H 146 -23.70 44.24 -5.50
CA PRO H 146 -24.84 44.33 -6.42
C PRO H 146 -24.55 44.19 -7.91
N ARG H 147 -25.64 44.30 -8.71
CA ARG H 147 -25.69 43.99 -10.13
C ARG H 147 -24.60 44.69 -10.94
N GLU H 148 -24.04 45.80 -10.45
CA GLU H 148 -23.17 46.65 -11.25
C GLU H 148 -21.74 46.13 -11.16
N ALA H 149 -21.18 45.72 -12.30
CA ALA H 149 -19.77 45.35 -12.39
C ALA H 149 -19.16 45.75 -13.73
N LYS H 150 -17.83 45.98 -13.72
CA LYS H 150 -17.12 46.41 -14.91
C LYS H 150 -16.08 45.37 -15.32
N VAL H 151 -16.18 44.93 -16.57
CA VAL H 151 -15.35 43.89 -17.16
C VAL H 151 -14.43 44.49 -18.24
N GLN H 152 -13.14 44.61 -17.94
CA GLN H 152 -12.19 45.14 -18.90
C GLN H 152 -11.33 44.02 -19.49
N TRP H 153 -11.63 43.66 -20.75
CA TRP H 153 -10.89 42.72 -21.57
C TRP H 153 -9.55 43.29 -22.04
N LYS H 154 -8.42 42.68 -21.65
CA LYS H 154 -7.10 43.25 -21.90
C LYS H 154 -6.18 42.27 -22.66
N VAL H 155 -6.18 42.36 -23.99
CA VAL H 155 -5.48 41.45 -24.90
C VAL H 155 -4.03 41.87 -25.11
N ASP H 156 -3.08 41.11 -24.52
CA ASP H 156 -1.65 41.45 -24.53
C ASP H 156 -1.40 42.67 -23.64
N ASN H 157 -2.43 43.52 -23.55
CA ASN H 157 -2.47 44.74 -22.75
C ASN H 157 -3.49 45.71 -23.36
N ALA H 158 -4.09 45.31 -24.50
CA ALA H 158 -4.94 46.15 -25.34
C ALA H 158 -6.40 46.08 -24.91
N LEU H 159 -6.90 47.18 -24.34
CA LEU H 159 -8.29 47.26 -23.94
C LEU H 159 -9.16 47.37 -25.19
N GLN H 160 -10.14 46.46 -25.31
CA GLN H 160 -10.89 46.26 -26.54
C GLN H 160 -12.04 47.26 -26.64
N SER H 161 -12.93 47.05 -27.63
CA SER H 161 -14.06 47.93 -27.91
C SER H 161 -14.98 47.26 -28.94
N GLY H 162 -16.29 47.24 -28.65
CA GLY H 162 -17.30 46.93 -29.65
C GLY H 162 -17.32 45.45 -30.07
N ASN H 163 -16.36 44.65 -29.60
CA ASN H 163 -16.25 43.24 -29.95
C ASN H 163 -16.94 42.36 -28.89
N SER H 164 -16.91 42.81 -27.62
CA SER H 164 -17.34 42.04 -26.47
C SER H 164 -18.79 42.38 -26.11
N GLN H 165 -19.63 41.34 -25.96
CA GLN H 165 -20.96 41.44 -25.40
C GLN H 165 -20.93 41.03 -23.92
N GLU H 166 -21.94 41.46 -23.13
CA GLU H 166 -22.18 41.01 -21.76
C GLU H 166 -23.59 40.46 -21.66
N SER H 167 -23.78 39.45 -20.82
CA SER H 167 -25.10 39.00 -20.42
C SER H 167 -25.13 38.97 -18.90
N VAL H 168 -26.33 38.96 -18.30
CA VAL H 168 -26.46 38.87 -16.86
C VAL H 168 -27.66 38.00 -16.53
N THR H 169 -27.48 37.16 -15.50
CA THR H 169 -28.56 36.32 -14.97
C THR H 169 -29.56 37.18 -14.21
N GLU H 170 -30.74 36.63 -14.00
CA GLU H 170 -31.66 37.24 -13.07
C GLU H 170 -31.01 37.10 -11.70
N GLN H 171 -31.59 37.74 -10.68
CA GLN H 171 -31.16 37.51 -9.30
C GLN H 171 -31.48 36.06 -8.94
N ASP H 172 -30.70 35.47 -8.04
CA ASP H 172 -30.85 34.07 -7.64
C ASP H 172 -31.95 33.91 -6.58
N SER H 173 -32.73 32.81 -6.66
CA SER H 173 -33.78 32.45 -5.71
C SER H 173 -33.26 32.16 -4.30
N LYS H 174 -31.94 32.05 -4.10
CA LYS H 174 -31.40 31.69 -2.79
C LYS H 174 -30.31 32.66 -2.34
N ASP H 175 -29.41 33.04 -3.24
CA ASP H 175 -28.26 33.90 -2.97
C ASP H 175 -28.66 35.38 -2.97
N SER H 176 -29.67 35.73 -3.78
CA SER H 176 -29.95 37.10 -4.16
C SER H 176 -28.72 37.75 -4.82
N THR H 177 -27.97 36.94 -5.59
CA THR H 177 -26.81 37.44 -6.32
C THR H 177 -27.11 37.42 -7.81
N TYR H 178 -26.21 38.08 -8.55
CA TYR H 178 -26.21 38.10 -10.01
C TYR H 178 -24.92 37.44 -10.51
N SER H 179 -24.96 36.96 -11.76
CA SER H 179 -23.79 36.49 -12.48
C SER H 179 -23.74 37.10 -13.88
N LEU H 180 -22.52 37.24 -14.41
CA LEU H 180 -22.25 37.90 -15.68
C LEU H 180 -21.26 37.10 -16.54
N SER H 181 -21.49 37.06 -17.87
CA SER H 181 -20.53 36.51 -18.83
C SER H 181 -20.16 37.54 -19.91
N SER H 182 -18.87 37.86 -20.02
CA SER H 182 -18.40 38.74 -21.08
C SER H 182 -17.69 37.92 -22.16
N THR H 183 -18.22 37.97 -23.39
CA THR H 183 -17.89 37.06 -24.48
C THR H 183 -17.17 37.80 -25.61
N LEU H 184 -15.84 37.95 -25.46
CA LEU H 184 -15.00 38.64 -26.44
C LEU H 184 -14.83 37.81 -27.71
N THR H 185 -15.48 38.21 -28.81
CA THR H 185 -15.42 37.46 -30.07
C THR H 185 -14.35 38.07 -30.99
N LEU H 186 -13.34 37.25 -31.33
CA LEU H 186 -12.34 37.55 -32.33
C LEU H 186 -12.48 36.57 -33.50
N SER H 187 -11.52 36.60 -34.44
CA SER H 187 -11.43 35.58 -35.48
C SER H 187 -10.06 34.89 -35.41
N LYS H 188 -10.00 33.68 -35.98
CA LYS H 188 -8.87 32.79 -35.82
C LYS H 188 -7.57 33.60 -35.99
N ALA H 189 -7.56 34.45 -37.01
CA ALA H 189 -6.40 35.25 -37.38
C ALA H 189 -5.94 36.13 -36.22
N ASP H 190 -6.84 37.02 -35.77
CA ASP H 190 -6.56 38.03 -34.77
C ASP H 190 -6.09 37.37 -33.47
N TYR H 191 -6.83 36.33 -33.07
CA TYR H 191 -6.53 35.58 -31.86
C TYR H 191 -5.11 35.01 -31.96
N GLU H 192 -4.74 34.52 -33.15
CA GLU H 192 -3.48 33.83 -33.35
C GLU H 192 -2.30 34.79 -33.21
N LYS H 193 -2.54 36.08 -33.44
CA LYS H 193 -1.49 37.11 -33.33
C LYS H 193 -1.03 37.26 -31.88
N HIS H 194 -1.94 37.72 -31.02
CA HIS H 194 -1.60 38.23 -29.70
C HIS H 194 -1.47 37.09 -28.68
N LYS H 195 -0.66 37.33 -27.63
CA LYS H 195 -0.26 36.32 -26.67
C LYS H 195 -1.21 36.25 -25.46
N VAL H 196 -1.07 37.18 -24.49
CA VAL H 196 -1.74 37.11 -23.20
C VAL H 196 -3.19 37.60 -23.34
N TYR H 197 -4.09 36.97 -22.56
CA TYR H 197 -5.51 37.31 -22.54
C TYR H 197 -5.97 37.40 -21.09
N ALA H 198 -6.27 38.63 -20.65
CA ALA H 198 -6.63 38.89 -19.26
C ALA H 198 -8.09 39.32 -19.17
N CYS H 199 -8.65 39.19 -17.96
CA CYS H 199 -9.96 39.69 -17.62
C CYS H 199 -9.85 40.50 -16.33
N GLU H 200 -10.25 41.79 -16.40
CA GLU H 200 -10.16 42.68 -15.25
C GLU H 200 -11.57 43.03 -14.78
N VAL H 201 -11.89 42.61 -13.56
CA VAL H 201 -13.19 42.85 -12.97
C VAL H 201 -13.04 43.88 -11.85
N THR H 202 -13.89 44.92 -11.93
CA THR H 202 -14.08 45.88 -10.85
C THR H 202 -15.53 45.81 -10.36
N HIS H 203 -15.65 45.84 -9.02
CA HIS H 203 -16.92 45.66 -8.33
C HIS H 203 -16.72 46.05 -6.87
N GLN H 204 -17.75 46.68 -6.31
CA GLN H 204 -17.71 47.25 -4.97
C GLN H 204 -17.21 46.21 -3.97
N GLY H 205 -17.41 44.93 -4.28
CA GLY H 205 -17.08 43.84 -3.37
C GLY H 205 -15.59 43.56 -3.30
N LEU H 206 -14.87 43.89 -4.38
CA LEU H 206 -13.42 43.71 -4.43
C LEU H 206 -12.79 45.07 -4.18
N SER H 207 -11.85 45.12 -3.22
CA SER H 207 -11.15 46.37 -2.91
C SER H 207 -10.35 46.83 -4.13
N SER H 208 -9.19 46.21 -4.38
CA SER H 208 -8.46 46.39 -5.63
C SER H 208 -9.06 45.46 -6.69
N PRO H 209 -9.07 45.83 -8.00
CA PRO H 209 -9.63 44.95 -9.03
C PRO H 209 -8.87 43.62 -9.08
N VAL H 210 -9.48 42.62 -9.72
CA VAL H 210 -8.89 41.30 -9.79
C VAL H 210 -8.82 40.91 -11.26
N THR H 211 -7.72 40.25 -11.62
CA THR H 211 -7.42 39.91 -13.01
C THR H 211 -7.16 38.41 -13.15
N LYS H 212 -7.75 37.85 -14.21
CA LYS H 212 -7.65 36.43 -14.54
C LYS H 212 -7.17 36.31 -15.98
N SER H 213 -6.03 35.62 -16.18
CA SER H 213 -5.35 35.61 -17.47
C SER H 213 -4.92 34.21 -17.91
N PHE H 214 -4.76 34.06 -19.22
CA PHE H 214 -4.08 32.93 -19.85
C PHE H 214 -3.30 33.46 -21.05
N ASN H 215 -2.47 32.61 -21.68
CA ASN H 215 -1.74 32.98 -22.90
C ASN H 215 -2.11 32.04 -24.07
N PRO I 2 75.30 -37.72 -9.07
CA PRO I 2 74.70 -38.45 -7.95
C PRO I 2 75.82 -38.68 -6.95
N PRO I 3 75.53 -39.06 -5.68
CA PRO I 3 76.54 -39.14 -4.62
C PRO I 3 77.43 -40.39 -4.64
N THR I 4 78.74 -40.21 -4.41
CA THR I 4 79.68 -41.32 -4.37
C THR I 4 79.91 -41.71 -2.91
N ALA I 5 80.74 -40.94 -2.17
CA ALA I 5 81.00 -41.21 -0.76
C ALA I 5 80.02 -40.41 0.09
N CYS I 6 80.09 -40.65 1.41
CA CYS I 6 79.29 -39.97 2.40
C CYS I 6 80.24 -39.52 3.50
N ARG I 7 79.70 -38.87 4.53
CA ARG I 7 80.51 -38.39 5.63
C ARG I 7 80.64 -39.45 6.72
N GLU I 8 81.34 -39.09 7.79
CA GLU I 8 81.50 -39.98 8.91
C GLU I 8 80.11 -40.27 9.48
N LYS I 9 79.92 -41.49 9.97
CA LYS I 9 78.71 -41.93 10.65
C LYS I 9 77.55 -42.01 9.66
N GLN I 10 77.85 -42.27 8.39
CA GLN I 10 76.86 -42.35 7.35
C GLN I 10 77.25 -43.45 6.36
N TYR I 11 76.31 -43.90 5.55
CA TYR I 11 76.61 -44.91 4.54
C TYR I 11 75.74 -44.60 3.32
N LEU I 12 76.23 -45.05 2.16
CA LEU I 12 75.53 -44.81 0.91
C LEU I 12 74.54 -45.95 0.68
N ILE I 13 73.30 -45.59 0.35
CA ILE I 13 72.25 -46.55 0.07
C ILE I 13 71.24 -45.86 -0.84
N ASN I 14 70.85 -46.56 -1.92
CA ASN I 14 70.00 -46.03 -2.98
C ASN I 14 70.47 -44.63 -3.37
N SER I 15 71.75 -44.51 -3.70
CA SER I 15 72.30 -43.27 -4.24
C SER I 15 72.06 -42.10 -3.28
N GLN I 16 72.04 -42.39 -1.98
CA GLN I 16 71.81 -41.35 -0.98
C GLN I 16 72.52 -41.72 0.32
N CYS I 17 72.99 -40.70 1.02
CA CYS I 17 73.62 -40.90 2.32
C CYS I 17 72.58 -41.05 3.42
N CYS I 18 72.77 -42.07 4.25
CA CYS I 18 71.93 -42.31 5.41
C CYS I 18 72.79 -42.49 6.65
N SER I 19 72.16 -42.36 7.80
CA SER I 19 72.91 -42.40 9.03
C SER I 19 73.20 -43.84 9.41
N LEU I 20 74.42 -44.05 9.90
CA LEU I 20 74.77 -45.27 10.61
C LEU I 20 74.09 -45.23 11.96
N CYS I 21 73.92 -46.42 12.55
CA CYS I 21 73.41 -46.57 13.90
C CYS I 21 74.55 -46.29 14.87
N GLN I 22 74.23 -45.52 15.91
CA GLN I 22 75.22 -45.14 16.89
C GLN I 22 75.69 -46.36 17.66
N PRO I 23 76.85 -46.25 18.33
CA PRO I 23 77.30 -47.30 19.24
C PRO I 23 76.23 -47.59 20.28
N GLY I 24 75.92 -48.87 20.47
CA GLY I 24 74.91 -49.29 21.42
C GLY I 24 73.64 -49.76 20.73
N GLN I 25 73.55 -49.51 19.43
CA GLN I 25 72.34 -49.83 18.67
C GLN I 25 72.73 -50.54 17.38
N LYS I 26 71.80 -51.38 16.90
CA LYS I 26 71.96 -52.13 15.67
C LYS I 26 70.93 -51.67 14.66
N LEU I 27 71.21 -51.90 13.38
CA LEU I 27 70.29 -51.55 12.32
C LEU I 27 69.06 -52.47 12.39
N VAL I 28 67.88 -51.90 12.17
CA VAL I 28 66.66 -52.69 12.15
C VAL I 28 65.90 -52.43 10.85
N SER I 29 65.92 -51.18 10.33
CA SER I 29 65.27 -50.82 9.08
C SER I 29 66.07 -49.75 8.34
N ASP I 30 66.21 -49.95 7.02
CA ASP I 30 66.86 -49.01 6.14
C ASP I 30 66.13 -47.66 6.16
N CYS I 31 66.91 -46.59 5.99
CA CYS I 31 66.39 -45.24 5.79
C CYS I 31 65.58 -45.19 4.50
N THR I 32 64.76 -44.14 4.35
CA THR I 32 64.17 -43.75 3.07
C THR I 32 64.60 -42.33 2.74
N GLU I 33 64.00 -41.74 1.70
CA GLU I 33 64.28 -40.36 1.32
C GLU I 33 63.60 -39.40 2.28
N PHE I 34 62.69 -39.91 3.14
CA PHE I 34 61.94 -39.06 4.07
C PHE I 34 62.18 -39.41 5.53
N THR I 35 62.80 -40.56 5.79
CA THR I 35 62.96 -41.07 7.14
C THR I 35 64.39 -41.60 7.27
N GLU I 36 65.00 -41.36 8.42
CA GLU I 36 66.40 -41.69 8.64
C GLU I 36 66.47 -43.13 9.16
N THR I 37 67.66 -43.75 9.05
CA THR I 37 67.88 -45.13 9.48
C THR I 37 67.24 -45.38 10.84
N GLU I 38 66.60 -46.56 11.00
CA GLU I 38 65.94 -46.94 12.24
C GLU I 38 66.79 -47.99 12.96
N CYS I 39 67.00 -47.81 14.27
CA CYS I 39 67.90 -48.67 15.02
C CYS I 39 67.29 -49.11 16.35
N LEU I 40 67.91 -50.09 16.98
CA LEU I 40 67.38 -50.62 18.23
C LEU I 40 68.55 -50.85 19.19
N PRO I 41 68.43 -50.46 20.48
CA PRO I 41 69.50 -50.72 21.45
C PRO I 41 69.78 -52.21 21.52
N CYS I 42 71.07 -52.55 21.77
CA CYS I 42 71.50 -53.92 21.93
C CYS I 42 70.88 -54.49 23.20
N GLY I 43 70.47 -55.76 23.15
CA GLY I 43 69.88 -56.43 24.29
C GLY I 43 70.92 -56.73 25.37
N GLU I 44 70.47 -57.39 26.44
CA GLU I 44 71.36 -57.72 27.55
C GLU I 44 72.41 -58.72 27.06
N SER I 45 73.66 -58.53 27.50
CA SER I 45 74.76 -59.43 27.19
C SER I 45 75.43 -59.08 25.87
N GLU I 46 74.81 -58.19 25.09
CA GLU I 46 75.21 -57.90 23.71
C GLU I 46 75.74 -56.48 23.66
N PHE I 47 76.49 -56.15 22.59
CA PHE I 47 77.08 -54.82 22.45
C PHE I 47 77.55 -54.58 21.02
N LEU I 48 77.80 -53.29 20.72
CA LEU I 48 78.30 -52.81 19.44
C LEU I 48 79.02 -51.51 19.76
N ASP I 49 80.32 -51.45 19.44
CA ASP I 49 81.14 -50.36 19.96
C ASP I 49 81.49 -49.36 18.85
N THR I 50 80.87 -49.49 17.68
CA THR I 50 81.12 -48.50 16.63
C THR I 50 79.80 -48.04 16.03
N TRP I 51 79.88 -46.89 15.35
CA TRP I 51 78.89 -46.54 14.35
C TRP I 51 78.86 -47.65 13.30
N ASN I 52 77.66 -48.19 13.04
CA ASN I 52 77.55 -49.45 12.34
C ASN I 52 76.22 -49.56 11.61
N ARG I 53 76.17 -50.58 10.74
CA ARG I 53 75.00 -50.97 9.96
C ARG I 53 74.72 -52.46 10.17
N GLU I 54 75.17 -52.99 11.31
CA GLU I 54 75.02 -54.39 11.65
C GLU I 54 73.57 -54.69 12.04
N THR I 55 73.08 -55.91 11.75
CA THR I 55 71.69 -56.26 12.02
C THR I 55 71.59 -57.09 13.30
N HIS I 56 72.75 -57.55 13.78
CA HIS I 56 72.83 -58.28 15.04
CA HIS I 56 72.84 -58.27 15.05
C HIS I 56 73.93 -57.63 15.88
N CYS I 57 73.76 -57.62 17.20
CA CYS I 57 74.83 -57.16 18.10
C CYS I 57 75.79 -58.32 18.38
N HIS I 58 76.90 -58.01 19.05
CA HIS I 58 77.89 -59.01 19.44
C HIS I 58 77.72 -59.41 20.90
N GLN I 59 78.14 -60.63 21.23
CA GLN I 59 78.09 -61.15 22.59
C GLN I 59 79.28 -60.60 23.38
N HIS I 60 79.05 -60.29 24.66
CA HIS I 60 80.13 -59.87 25.52
C HIS I 60 81.16 -60.99 25.64
N LYS I 61 82.45 -60.63 25.65
CA LYS I 61 83.51 -61.62 25.84
C LYS I 61 83.45 -62.10 27.29
N TYR I 62 83.83 -63.37 27.48
CA TYR I 62 84.00 -63.98 28.80
C TYR I 62 85.47 -63.81 29.19
N CYS I 63 85.70 -63.47 30.47
CA CYS I 63 87.05 -63.29 30.97
C CYS I 63 87.64 -64.65 31.34
N ASP I 64 88.68 -65.06 30.59
CA ASP I 64 89.19 -66.42 30.63
C ASP I 64 89.82 -66.70 31.99
N PRO I 65 89.23 -67.59 32.84
CA PRO I 65 89.82 -67.92 34.14
C PRO I 65 91.15 -68.66 34.03
N ASN I 66 91.35 -69.34 32.89
CA ASN I 66 92.56 -70.11 32.62
C ASN I 66 93.80 -69.23 32.53
N LEU I 67 93.64 -67.91 32.41
CA LEU I 67 94.77 -66.99 32.34
C LEU I 67 94.81 -66.14 33.61
N GLY I 68 94.04 -66.54 34.63
CA GLY I 68 93.96 -65.83 35.90
C GLY I 68 93.13 -64.55 35.82
N LEU I 69 92.17 -64.53 34.87
CA LEU I 69 91.42 -63.34 34.52
C LEU I 69 90.01 -63.40 35.13
N ARG I 70 89.51 -62.19 35.46
CA ARG I 70 88.18 -62.02 36.03
C ARG I 70 87.52 -60.76 35.49
N VAL I 71 86.18 -60.77 35.49
CA VAL I 71 85.36 -59.63 35.16
C VAL I 71 85.70 -58.48 36.11
N GLN I 72 85.99 -57.29 35.56
CA GLN I 72 86.14 -56.09 36.35
C GLN I 72 84.89 -55.22 36.16
N GLN I 73 84.67 -54.72 34.94
CA GLN I 73 83.44 -54.03 34.58
C GLN I 73 82.69 -54.94 33.61
N LYS I 74 81.44 -55.27 33.93
CA LYS I 74 80.62 -56.04 33.00
C LYS I 74 80.36 -55.17 31.78
N GLY I 75 80.11 -55.81 30.63
CA GLY I 75 79.96 -55.10 29.37
C GLY I 75 78.64 -54.35 29.32
N THR I 76 78.70 -53.10 28.83
CA THR I 76 77.50 -52.33 28.51
C THR I 76 77.09 -52.68 27.08
N SER I 77 76.18 -51.89 26.50
CA SER I 77 75.74 -52.08 25.14
C SER I 77 76.68 -51.41 24.13
N GLU I 78 77.61 -50.59 24.63
CA GLU I 78 78.55 -49.85 23.79
C GLU I 78 79.98 -50.31 24.01
N THR I 79 80.15 -51.25 24.96
CA THR I 79 81.43 -51.56 25.59
C THR I 79 81.48 -53.06 25.86
N ASP I 80 82.64 -53.68 25.60
CA ASP I 80 82.81 -55.10 25.92
C ASP I 80 83.11 -55.26 27.41
N THR I 81 83.00 -56.51 27.90
CA THR I 81 83.50 -56.84 29.21
C THR I 81 84.92 -56.32 29.34
N ILE I 82 85.24 -55.68 30.46
CA ILE I 82 86.61 -55.35 30.79
C ILE I 82 87.08 -56.37 31.82
N CYS I 83 88.23 -57.01 31.57
CA CYS I 83 88.78 -57.99 32.49
C CYS I 83 89.88 -57.38 33.36
N THR I 84 90.21 -58.12 34.42
CA THR I 84 91.42 -57.84 35.19
C THR I 84 91.92 -59.15 35.79
N CYS I 85 93.00 -59.05 36.57
CA CYS I 85 93.64 -60.21 37.20
C CYS I 85 93.18 -60.32 38.64
N GLU I 86 93.57 -61.40 39.34
CA GLU I 86 93.24 -61.59 40.74
C GLU I 86 94.09 -60.66 41.61
N GLU I 87 93.72 -60.55 42.90
CA GLU I 87 94.54 -59.91 43.91
C GLU I 87 95.94 -60.53 43.93
N GLY I 88 96.98 -59.69 43.81
CA GLY I 88 98.36 -60.14 43.88
C GLY I 88 98.97 -60.45 42.50
N TRP I 89 98.16 -60.37 41.43
CA TRP I 89 98.63 -60.51 40.06
C TRP I 89 98.40 -59.22 39.27
N HIS I 90 99.16 -59.06 38.18
CA HIS I 90 98.99 -57.91 37.29
C HIS I 90 98.82 -58.38 35.84
N CYS I 91 98.12 -57.54 35.06
CA CYS I 91 97.97 -57.72 33.62
C CYS I 91 99.31 -57.50 32.92
N THR I 92 99.58 -58.34 31.91
CA THR I 92 100.85 -58.30 31.19
C THR I 92 100.96 -57.01 30.38
N SER I 93 99.80 -56.48 29.95
CA SER I 93 99.72 -55.30 29.10
C SER I 93 98.62 -54.38 29.64
N GLU I 94 98.47 -53.20 29.04
CA GLU I 94 97.27 -52.42 29.26
C GLU I 94 96.03 -53.25 28.89
N ALA I 95 96.14 -54.10 27.86
CA ALA I 95 94.98 -54.78 27.28
C ALA I 95 94.64 -56.06 28.07
N CYS I 96 95.52 -56.42 29.01
CA CYS I 96 95.20 -57.41 30.03
C CYS I 96 94.83 -58.75 29.38
N GLU I 97 95.77 -59.32 28.61
CA GLU I 97 95.55 -60.56 27.87
C GLU I 97 95.95 -61.78 28.71
N SER I 98 96.81 -61.57 29.72
CA SER I 98 97.27 -62.62 30.61
C SER I 98 97.75 -62.03 31.93
N CYS I 99 97.74 -62.87 32.97
CA CYS I 99 98.04 -62.45 34.34
C CYS I 99 99.35 -63.06 34.83
N VAL I 100 100.18 -62.25 35.51
CA VAL I 100 101.50 -62.63 36.00
C VAL I 100 101.64 -62.18 37.45
N LEU I 101 102.20 -63.06 38.29
CA LEU I 101 102.45 -62.75 39.70
C LEU I 101 103.44 -61.59 39.82
N HIS I 102 103.28 -60.78 40.88
CA HIS I 102 104.09 -59.59 41.07
C HIS I 102 105.53 -59.96 41.45
N ARG I 103 106.49 -59.22 40.88
CA ARG I 103 107.89 -59.39 41.23
C ARG I 103 108.09 -58.98 42.67
N SER I 104 108.81 -59.82 43.43
CA SER I 104 109.36 -59.48 44.75
C SER I 104 110.76 -58.89 44.61
N CYS I 105 110.99 -57.75 45.27
CA CYS I 105 112.31 -57.16 45.30
C CYS I 105 113.15 -57.90 46.34
N SER I 106 114.26 -58.49 45.87
CA SER I 106 115.03 -59.49 46.61
C SER I 106 115.91 -58.83 47.69
N PRO I 107 116.66 -59.60 48.51
CA PRO I 107 117.65 -59.01 49.42
C PRO I 107 118.64 -58.09 48.71
N GLY I 108 118.87 -56.90 49.28
CA GLY I 108 119.75 -55.90 48.70
C GLY I 108 119.02 -54.96 47.74
N PHE I 109 117.71 -55.18 47.53
CA PHE I 109 116.88 -54.34 46.68
C PHE I 109 115.62 -53.94 47.45
N GLY I 110 114.90 -52.94 46.93
CA GLY I 110 113.64 -52.48 47.51
C GLY I 110 112.74 -51.83 46.47
N VAL I 111 111.43 -51.76 46.77
CA VAL I 111 110.44 -51.34 45.79
C VAL I 111 110.59 -49.83 45.60
N LYS I 112 110.95 -49.42 44.38
CA LYS I 112 110.89 -48.01 44.01
C LYS I 112 109.44 -47.66 43.67
N GLN I 113 108.67 -48.67 43.25
CA GLN I 113 107.29 -48.47 42.85
C GLN I 113 106.50 -49.72 43.25
N ILE I 114 105.31 -49.51 43.81
CA ILE I 114 104.47 -50.63 44.22
C ILE I 114 103.75 -51.18 43.00
N ALA I 115 103.50 -52.49 43.01
CA ALA I 115 102.77 -53.15 41.94
C ALA I 115 101.34 -52.60 41.87
N THR I 116 100.85 -52.37 40.64
CA THR I 116 99.48 -51.99 40.37
C THR I 116 98.71 -53.25 39.94
N GLY I 117 97.51 -53.05 39.39
CA GLY I 117 96.74 -54.16 38.80
C GLY I 117 96.99 -54.28 37.30
N VAL I 118 97.74 -53.33 36.72
CA VAL I 118 97.94 -53.28 35.27
C VAL I 118 99.45 -53.28 34.95
N SER I 119 100.30 -52.96 35.92
CA SER I 119 101.75 -52.96 35.71
C SER I 119 102.44 -53.60 36.93
N ASP I 120 103.78 -53.66 36.91
CA ASP I 120 104.54 -54.54 37.78
C ASP I 120 105.43 -53.74 38.72
N THR I 121 105.97 -54.43 39.74
CA THR I 121 106.87 -53.85 40.73
C THR I 121 108.17 -53.44 40.04
N ILE I 122 108.56 -52.16 40.18
CA ILE I 122 109.92 -51.72 39.91
C ILE I 122 110.75 -51.97 41.18
N CYS I 123 111.99 -52.47 41.01
CA CYS I 123 112.93 -52.57 42.13
C CYS I 123 114.10 -51.61 41.91
N GLU I 124 114.76 -51.23 43.01
CA GLU I 124 115.99 -50.46 42.99
C GLU I 124 117.02 -51.16 43.88
N PRO I 125 118.34 -51.12 43.56
CA PRO I 125 119.36 -51.59 44.49
C PRO I 125 119.45 -50.61 45.65
N CYS I 126 119.54 -51.12 46.88
CA CYS I 126 119.55 -50.29 48.07
C CYS I 126 120.84 -49.44 48.09
N PRO I 127 120.75 -48.09 48.04
CA PRO I 127 121.94 -47.25 47.91
C PRO I 127 122.77 -47.22 49.18
N VAL I 128 123.80 -46.36 49.20
CA VAL I 128 124.57 -46.11 50.40
C VAL I 128 123.65 -45.43 51.43
N GLY I 129 123.63 -45.98 52.66
CA GLY I 129 122.83 -45.43 53.74
C GLY I 129 121.57 -46.26 54.03
N PHE I 130 121.21 -47.19 53.12
CA PHE I 130 119.95 -47.93 53.17
C PHE I 130 120.20 -49.43 52.97
N PHE I 131 119.29 -50.27 53.49
CA PHE I 131 119.48 -51.73 53.45
C PHE I 131 118.14 -52.46 53.28
N SER I 132 118.23 -53.73 52.81
CA SER I 132 117.12 -54.67 52.87
C SER I 132 117.67 -56.10 52.89
N ASN I 133 117.02 -56.97 53.70
CA ASN I 133 117.51 -58.32 53.97
C ASN I 133 116.48 -59.40 53.63
N VAL I 134 115.38 -59.03 52.96
CA VAL I 134 114.30 -59.97 52.69
C VAL I 134 113.74 -59.69 51.29
N SER I 135 113.16 -60.73 50.67
CA SER I 135 112.45 -60.58 49.40
C SER I 135 110.99 -60.25 49.69
N SER I 136 110.53 -59.11 49.16
CA SER I 136 109.19 -58.61 49.42
C SER I 136 108.74 -57.70 48.28
N ALA I 137 107.48 -57.89 47.85
CA ALA I 137 106.88 -57.07 46.80
C ALA I 137 106.31 -55.76 47.37
N PHE I 138 106.44 -55.58 48.70
CA PHE I 138 105.89 -54.43 49.40
C PHE I 138 107.01 -53.59 50.02
N GLU I 139 107.97 -54.25 50.68
CA GLU I 139 108.95 -53.60 51.55
C GLU I 139 110.00 -52.84 50.74
N LYS I 140 110.44 -51.70 51.30
CA LYS I 140 111.41 -50.81 50.67
C LYS I 140 112.73 -50.90 51.43
N CYS I 141 113.73 -50.09 51.03
CA CYS I 141 115.03 -50.05 51.68
C CYS I 141 114.96 -49.22 52.98
N HIS I 142 115.26 -49.87 54.11
CA HIS I 142 115.30 -49.19 55.40
C HIS I 142 116.61 -48.41 55.55
N PRO I 143 116.62 -47.23 56.22
CA PRO I 143 117.89 -46.55 56.54
C PRO I 143 118.68 -47.19 57.69
N TRP I 144 120.02 -47.00 57.68
CA TRP I 144 120.89 -47.52 58.72
C TRP I 144 120.59 -46.80 60.04
N THR I 145 120.67 -47.54 61.16
CA THR I 145 120.64 -46.92 62.47
C THR I 145 121.73 -45.84 62.50
N SER I 146 121.30 -44.59 62.72
CA SER I 146 122.19 -43.44 62.84
C SER I 146 123.00 -43.54 64.13
N CYS I 147 124.20 -42.93 64.14
CA CYS I 147 125.18 -43.14 65.19
C CYS I 147 125.31 -41.94 66.13
N GLU I 148 124.33 -41.01 66.10
CA GLU I 148 124.14 -40.05 67.18
C GLU I 148 123.36 -40.78 68.30
N THR I 149 124.11 -41.57 69.08
CA THR I 149 123.56 -42.64 69.90
C THR I 149 122.41 -42.09 70.74
N GLY I 158 127.91 -51.05 57.95
CA GLY I 158 126.62 -51.43 57.36
C GLY I 158 126.70 -51.51 55.83
N THR I 159 125.89 -52.41 55.26
CA THR I 159 125.98 -52.74 53.84
C THR I 159 124.66 -52.40 53.15
N ASN I 160 124.56 -52.77 51.86
CA ASN I 160 123.32 -52.70 51.10
C ASN I 160 122.41 -53.86 51.48
N LYS I 161 122.77 -54.57 52.56
CA LYS I 161 122.08 -55.78 53.00
C LYS I 161 121.93 -55.81 54.53
N THR I 162 122.99 -55.43 55.26
CA THR I 162 123.02 -55.53 56.72
C THR I 162 122.95 -54.14 57.36
N ASP I 163 122.38 -54.10 58.57
CA ASP I 163 122.29 -52.91 59.41
C ASP I 163 123.60 -52.77 60.17
N VAL I 164 124.17 -51.55 60.16
CA VAL I 164 125.42 -51.27 60.86
C VAL I 164 125.18 -51.39 62.36
N VAL I 165 126.21 -51.82 63.11
CA VAL I 165 126.15 -51.88 64.56
C VAL I 165 127.01 -50.74 65.10
N CYS I 166 126.40 -49.87 65.92
CA CYS I 166 127.03 -48.62 66.34
C CYS I 166 128.29 -48.90 67.18
N PRO J 2 -34.93 -38.77 -7.79
CA PRO J 2 -34.20 -38.48 -6.57
C PRO J 2 -33.13 -39.56 -6.34
N PRO J 3 -32.14 -39.35 -5.43
CA PRO J 3 -31.00 -40.28 -5.27
C PRO J 3 -31.32 -41.54 -4.45
N THR J 4 -30.61 -42.65 -4.71
CA THR J 4 -30.80 -43.86 -3.92
C THR J 4 -29.51 -44.23 -3.18
N ALA J 5 -28.34 -43.90 -3.75
CA ALA J 5 -27.04 -44.20 -3.13
C ALA J 5 -26.11 -42.99 -3.28
N CYS J 6 -25.04 -42.98 -2.49
CA CYS J 6 -24.13 -41.85 -2.37
C CYS J 6 -22.71 -42.33 -2.58
N ARG J 7 -21.75 -41.41 -2.58
CA ARG J 7 -20.37 -41.76 -2.80
C ARG J 7 -19.71 -42.24 -1.50
N GLU J 8 -18.43 -42.60 -1.60
CA GLU J 8 -17.59 -42.80 -0.45
C GLU J 8 -17.81 -41.63 0.50
N LYS J 9 -17.78 -41.92 1.81
CA LYS J 9 -17.67 -40.92 2.86
C LYS J 9 -18.95 -40.10 2.97
N GLN J 10 -20.07 -40.71 2.57
CA GLN J 10 -21.35 -40.03 2.55
C GLN J 10 -22.43 -41.04 2.89
N TYR J 11 -23.59 -40.54 3.32
CA TYR J 11 -24.72 -41.40 3.54
C TYR J 11 -25.96 -40.62 3.09
N LEU J 12 -27.04 -41.37 2.85
CA LEU J 12 -28.27 -40.81 2.35
C LEU J 12 -29.19 -40.47 3.53
N ILE J 13 -29.76 -39.26 3.47
CA ILE J 13 -30.56 -38.69 4.55
C ILE J 13 -31.43 -37.60 3.95
N ASN J 14 -32.75 -37.75 4.12
CA ASN J 14 -33.74 -36.82 3.57
C ASN J 14 -33.49 -36.64 2.06
N SER J 15 -33.53 -37.76 1.32
CA SER J 15 -33.46 -37.77 -0.13
C SER J 15 -32.26 -36.97 -0.62
N GLN J 16 -31.18 -36.96 0.16
CA GLN J 16 -29.98 -36.20 -0.18
C GLN J 16 -28.78 -36.87 0.48
N CYS J 17 -27.58 -36.60 -0.07
CA CYS J 17 -26.34 -37.15 0.42
C CYS J 17 -25.67 -36.17 1.39
N CYS J 18 -25.15 -36.70 2.50
CA CYS J 18 -24.44 -35.90 3.48
C CYS J 18 -23.15 -36.61 3.87
N SER J 19 -22.17 -35.83 4.30
CA SER J 19 -20.86 -36.37 4.67
C SER J 19 -20.99 -37.24 5.92
N LEU J 20 -20.28 -38.37 5.92
CA LEU J 20 -20.00 -39.12 7.13
C LEU J 20 -19.03 -38.33 8.01
N CYS J 21 -18.97 -38.68 9.29
CA CYS J 21 -17.94 -38.14 10.17
C CYS J 21 -16.64 -38.92 10.00
N GLN J 22 -15.54 -38.17 9.89
CA GLN J 22 -14.20 -38.73 9.76
C GLN J 22 -13.84 -39.57 10.98
N PRO J 23 -12.89 -40.52 10.85
CA PRO J 23 -12.42 -41.29 12.00
C PRO J 23 -11.86 -40.35 13.05
N GLY J 24 -12.27 -40.61 14.30
CA GLY J 24 -11.89 -39.78 15.43
C GLY J 24 -13.01 -38.84 15.86
N GLN J 25 -14.11 -38.80 15.08
CA GLN J 25 -15.25 -37.95 15.38
C GLN J 25 -16.56 -38.72 15.28
N LYS J 26 -17.56 -38.22 16.01
CA LYS J 26 -18.88 -38.81 16.01
C LYS J 26 -19.91 -37.78 15.55
N LEU J 27 -21.12 -38.23 15.24
CA LEU J 27 -22.17 -37.36 14.74
C LEU J 27 -22.89 -36.71 15.91
N VAL J 28 -23.14 -35.42 15.77
CA VAL J 28 -23.79 -34.61 16.78
C VAL J 28 -25.06 -33.98 16.21
N SER J 29 -25.04 -33.59 14.94
CA SER J 29 -26.21 -33.06 14.26
C SER J 29 -26.21 -33.50 12.79
N ASP J 30 -27.38 -33.94 12.34
CA ASP J 30 -27.63 -34.25 10.95
C ASP J 30 -27.36 -33.01 10.09
N CYS J 31 -26.98 -33.23 8.84
CA CYS J 31 -26.89 -32.17 7.86
C CYS J 31 -28.28 -31.59 7.56
N THR J 32 -28.30 -30.39 6.97
CA THR J 32 -29.49 -29.84 6.33
C THR J 32 -29.15 -29.68 4.86
N GLU J 33 -30.06 -29.06 4.09
CA GLU J 33 -29.79 -28.80 2.69
C GLU J 33 -28.83 -27.62 2.53
N PHE J 34 -28.48 -26.93 3.63
CA PHE J 34 -27.62 -25.75 3.56
C PHE J 34 -26.34 -25.88 4.39
N THR J 35 -26.28 -26.94 5.21
CA THR J 35 -25.17 -27.14 6.13
C THR J 35 -24.83 -28.63 6.11
N GLU J 36 -23.55 -28.94 6.12
CA GLU J 36 -23.08 -30.31 6.10
C GLU J 36 -23.18 -30.91 7.51
N THR J 37 -22.97 -32.23 7.60
CA THR J 37 -23.07 -32.97 8.85
C THR J 37 -22.12 -32.37 9.89
N GLU J 38 -22.59 -32.26 11.15
CA GLU J 38 -21.79 -31.72 12.25
C GLU J 38 -21.28 -32.87 13.14
N CYS J 39 -19.97 -32.86 13.43
CA CYS J 39 -19.34 -33.94 14.17
C CYS J 39 -18.50 -33.36 15.32
N LEU J 40 -18.09 -34.22 16.25
CA LEU J 40 -17.32 -33.81 17.40
C LEU J 40 -16.27 -34.87 17.69
N PRO J 41 -15.01 -34.50 18.05
CA PRO J 41 -13.97 -35.49 18.34
C PRO J 41 -14.41 -36.40 19.48
N CYS J 42 -13.98 -37.67 19.44
CA CYS J 42 -14.24 -38.62 20.51
C CYS J 42 -13.57 -38.16 21.81
N GLY J 43 -14.19 -38.52 22.94
CA GLY J 43 -13.61 -38.29 24.26
C GLY J 43 -12.32 -39.09 24.48
N GLU J 44 -11.71 -38.95 25.66
CA GLU J 44 -10.63 -39.86 26.03
C GLU J 44 -11.29 -41.17 26.47
N SER J 45 -10.61 -42.29 26.17
CA SER J 45 -11.10 -43.64 26.43
C SER J 45 -12.01 -44.15 25.31
N GLU J 46 -12.19 -43.32 24.27
CA GLU J 46 -13.15 -43.64 23.22
C GLU J 46 -12.49 -43.57 21.85
N PHE J 47 -13.11 -44.23 20.87
CA PHE J 47 -12.62 -44.16 19.51
C PHE J 47 -13.75 -44.48 18.52
N LEU J 48 -13.49 -44.09 17.27
CA LEU J 48 -14.21 -44.55 16.09
C LEU J 48 -13.17 -44.57 14.98
N ASP J 49 -13.02 -45.74 14.34
CA ASP J 49 -11.89 -45.98 13.45
C ASP J 49 -12.32 -45.92 11.99
N THR J 50 -13.59 -45.60 11.73
CA THR J 50 -14.07 -45.52 10.35
C THR J 50 -14.87 -44.23 10.17
N TRP J 51 -14.95 -43.79 8.90
CA TRP J 51 -15.96 -42.85 8.48
C TRP J 51 -17.31 -43.40 8.94
N ASN J 52 -18.09 -42.58 9.65
CA ASN J 52 -19.20 -43.10 10.43
C ASN J 52 -20.28 -42.05 10.61
N ARG J 53 -21.43 -42.52 11.10
CA ARG J 53 -22.53 -41.66 11.54
C ARG J 53 -23.02 -42.12 12.92
N GLU J 54 -22.08 -42.59 13.75
CA GLU J 54 -22.38 -43.03 15.09
C GLU J 54 -22.53 -41.80 15.99
N THR J 55 -23.55 -41.78 16.84
CA THR J 55 -23.74 -40.65 17.76
C THR J 55 -23.00 -40.86 19.08
N HIS J 56 -22.48 -42.09 19.28
CA HIS J 56 -21.65 -42.41 20.44
CA HIS J 56 -21.64 -42.41 20.44
C HIS J 56 -20.35 -43.04 19.93
N CYS J 57 -19.22 -42.70 20.58
CA CYS J 57 -17.96 -43.35 20.23
C CYS J 57 -17.89 -44.73 20.91
N HIS J 58 -16.98 -45.59 20.42
CA HIS J 58 -16.75 -46.90 21.02
C HIS J 58 -15.78 -46.76 22.18
N GLN J 59 -15.94 -47.63 23.19
CA GLN J 59 -15.06 -47.68 24.34
C GLN J 59 -13.80 -48.49 24.01
N HIS J 60 -12.63 -47.97 24.44
CA HIS J 60 -11.36 -48.67 24.26
C HIS J 60 -11.40 -50.06 24.91
N LYS J 61 -10.90 -51.07 24.16
CA LYS J 61 -10.80 -52.43 24.66
C LYS J 61 -9.73 -52.47 25.75
N TYR J 62 -9.77 -53.54 26.56
CA TYR J 62 -8.77 -53.81 27.59
C TYR J 62 -7.85 -54.93 27.12
N CYS J 63 -6.86 -55.26 27.94
CA CYS J 63 -5.91 -56.34 27.66
C CYS J 63 -5.97 -57.36 28.80
N ASP J 64 -6.44 -58.58 28.49
CA ASP J 64 -6.80 -59.55 29.51
C ASP J 64 -5.54 -60.05 30.21
N PRO J 65 -5.29 -59.70 31.49
CA PRO J 65 -4.13 -60.21 32.23
C PRO J 65 -4.18 -61.73 32.33
N ASN J 66 -5.39 -62.27 32.53
CA ASN J 66 -5.65 -63.70 32.62
C ASN J 66 -5.15 -64.43 31.38
N LEU J 67 -4.85 -63.70 30.29
CA LEU J 67 -4.31 -64.31 29.08
C LEU J 67 -2.84 -63.93 28.86
N GLY J 68 -2.28 -63.12 29.76
CA GLY J 68 -0.88 -62.74 29.71
C GLY J 68 -0.67 -61.43 28.96
N LEU J 69 -1.73 -60.62 28.86
CA LEU J 69 -1.75 -59.45 27.99
C LEU J 69 -1.63 -58.18 28.82
N ARG J 70 -0.92 -57.19 28.26
CA ARG J 70 -0.89 -55.84 28.81
C ARG J 70 -0.93 -54.83 27.68
N VAL J 71 -1.26 -53.58 28.04
CA VAL J 71 -1.29 -52.47 27.10
C VAL J 71 0.11 -52.28 26.50
N GLN J 72 0.16 -52.17 25.17
CA GLN J 72 1.37 -51.77 24.48
C GLN J 72 1.28 -50.29 24.15
N GLN J 73 0.23 -49.92 23.40
CA GLN J 73 -0.08 -48.53 23.08
C GLN J 73 -1.54 -48.33 23.43
N LYS J 74 -1.82 -47.38 24.32
CA LYS J 74 -3.20 -47.04 24.63
C LYS J 74 -3.81 -46.48 23.35
N GLY J 75 -5.11 -46.65 23.19
CA GLY J 75 -5.76 -46.25 21.96
C GLY J 75 -6.02 -44.75 21.92
N THR J 76 -6.01 -44.19 20.70
CA THR J 76 -6.37 -42.80 20.45
C THR J 76 -7.86 -42.73 20.06
N SER J 77 -8.27 -41.56 19.55
CA SER J 77 -9.62 -41.36 19.08
C SER J 77 -9.89 -42.12 17.78
N GLU J 78 -8.83 -42.58 17.08
CA GLU J 78 -8.99 -43.25 15.79
C GLU J 78 -8.63 -44.73 15.87
N THR J 79 -8.20 -45.17 17.07
CA THR J 79 -7.41 -46.37 17.23
C THR J 79 -7.72 -47.02 18.57
N ASP J 80 -7.92 -48.33 18.55
CA ASP J 80 -8.17 -49.07 19.78
C ASP J 80 -6.84 -49.40 20.45
N THR J 81 -6.92 -49.66 21.77
CA THR J 81 -5.80 -50.18 22.55
C THR J 81 -5.15 -51.30 21.75
N ILE J 82 -3.83 -51.20 21.52
CA ILE J 82 -3.04 -52.36 21.13
C ILE J 82 -2.57 -53.03 22.42
N CYS J 83 -2.65 -54.38 22.46
CA CYS J 83 -2.12 -55.17 23.55
C CYS J 83 -0.88 -55.94 23.12
N THR J 84 -0.07 -56.34 24.11
CA THR J 84 1.06 -57.23 23.87
C THR J 84 1.25 -58.15 25.07
N CYS J 85 2.26 -59.02 24.97
CA CYS J 85 2.59 -59.98 26.01
C CYS J 85 3.74 -59.46 26.88
N GLU J 86 4.00 -60.16 27.98
CA GLU J 86 5.09 -59.85 28.89
C GLU J 86 6.40 -60.34 28.28
N GLU J 87 7.52 -59.89 28.84
CA GLU J 87 8.83 -60.24 28.34
C GLU J 87 8.99 -61.76 28.37
N GLY J 88 9.39 -62.35 27.23
CA GLY J 88 9.62 -63.77 27.11
C GLY J 88 8.46 -64.52 26.47
N TRP J 89 7.27 -63.91 26.50
CA TRP J 89 6.08 -64.46 25.87
C TRP J 89 5.83 -63.74 24.54
N HIS J 90 5.13 -64.40 23.62
CA HIS J 90 4.81 -63.83 22.33
C HIS J 90 3.33 -64.03 22.00
N CYS J 91 2.81 -63.16 21.12
CA CYS J 91 1.41 -63.18 20.76
C CYS J 91 1.14 -64.36 19.83
N THR J 92 0.16 -65.19 20.18
CA THR J 92 -0.26 -66.33 19.38
C THR J 92 -0.56 -65.90 17.94
N SER J 93 -0.97 -64.65 17.78
CA SER J 93 -1.40 -64.12 16.50
C SER J 93 -0.85 -62.70 16.35
N GLU J 94 -1.04 -62.12 15.17
CA GLU J 94 -0.89 -60.69 14.98
C GLU J 94 -1.85 -59.95 15.92
N ALA J 95 -3.02 -60.56 16.19
CA ALA J 95 -4.07 -59.89 16.92
C ALA J 95 -3.79 -59.87 18.42
N CYS J 96 -2.80 -60.65 18.88
CA CYS J 96 -2.51 -60.74 20.30
C CYS J 96 -3.77 -61.07 21.09
N GLU J 97 -4.34 -62.25 20.82
CA GLU J 97 -5.49 -62.75 21.56
C GLU J 97 -5.01 -63.52 22.78
N SER J 98 -3.77 -64.06 22.71
CA SER J 98 -3.21 -64.83 23.80
C SER J 98 -1.67 -64.87 23.72
N CYS J 99 -1.06 -65.31 24.83
CA CYS J 99 0.39 -65.26 25.04
C CYS J 99 0.96 -66.65 25.34
N VAL J 100 1.83 -67.15 24.44
CA VAL J 100 2.57 -68.39 24.65
C VAL J 100 4.02 -68.05 25.01
N LEU J 101 4.71 -68.96 25.69
CA LEU J 101 6.10 -68.74 26.05
C LEU J 101 6.98 -69.03 24.84
N HIS J 102 8.07 -68.24 24.67
CA HIS J 102 9.00 -68.42 23.56
C HIS J 102 9.57 -69.83 23.60
N ARG J 103 9.63 -70.50 22.43
CA ARG J 103 10.08 -71.88 22.35
C ARG J 103 11.57 -71.97 22.03
N SER J 104 12.23 -72.94 22.68
CA SER J 104 13.66 -73.19 22.51
C SER J 104 13.89 -74.28 21.45
N CYS J 105 15.16 -74.45 21.04
CA CYS J 105 15.57 -75.52 20.14
C CYS J 105 17.07 -75.80 20.32
N GLY J 110 18.99 -74.75 15.85
CA GLY J 110 19.49 -73.41 16.17
C GLY J 110 18.55 -72.32 15.66
N VAL J 111 18.59 -71.16 16.33
CA VAL J 111 17.70 -70.05 16.05
C VAL J 111 17.90 -69.60 14.60
N LYS J 112 16.92 -69.89 13.73
CA LYS J 112 16.93 -69.35 12.38
C LYS J 112 16.24 -67.99 12.34
N GLN J 113 15.44 -67.69 13.37
CA GLN J 113 14.92 -66.36 13.60
C GLN J 113 14.51 -66.29 15.08
N ILE J 114 14.97 -65.25 15.78
CA ILE J 114 14.74 -65.11 17.21
C ILE J 114 13.27 -64.85 17.48
N ALA J 115 12.81 -65.19 18.69
CA ALA J 115 11.44 -64.90 19.11
C ALA J 115 11.26 -63.39 19.23
N THR J 116 10.14 -62.88 18.68
CA THR J 116 9.76 -61.48 18.80
C THR J 116 8.58 -61.38 19.77
N GLY J 117 7.99 -60.18 19.87
CA GLY J 117 6.78 -59.98 20.66
C GLY J 117 5.51 -60.30 19.88
N VAL J 118 5.66 -60.65 18.59
CA VAL J 118 4.55 -61.08 17.74
C VAL J 118 5.01 -62.24 16.84
N SER J 119 5.98 -63.03 17.31
CA SER J 119 6.50 -64.12 16.49
C SER J 119 7.36 -65.03 17.37
N ASP J 120 7.35 -66.33 17.05
CA ASP J 120 8.08 -67.34 17.81
C ASP J 120 9.39 -67.66 17.09
N THR J 121 10.09 -68.69 17.60
CA THR J 121 11.42 -69.03 17.15
C THR J 121 11.32 -70.04 16.01
N ILE J 122 11.92 -69.71 14.85
CA ILE J 122 12.03 -70.64 13.73
C ILE J 122 13.28 -71.50 13.98
N CYS J 123 13.22 -72.77 13.55
CA CYS J 123 14.32 -73.71 13.79
C CYS J 123 14.25 -74.85 12.77
N GLU J 124 15.18 -74.85 11.81
CA GLU J 124 15.25 -75.91 10.82
C GLU J 124 16.28 -76.96 11.26
N PRO K 2 5.72 -23.97 -44.71
CA PRO K 2 5.71 -22.51 -44.62
C PRO K 2 4.54 -22.06 -45.48
N PRO K 3 3.79 -21.00 -45.09
CA PRO K 3 2.47 -20.73 -45.68
C PRO K 3 2.57 -20.08 -47.05
N THR K 4 1.48 -20.18 -47.83
CA THR K 4 1.37 -19.48 -49.10
C THR K 4 0.43 -18.29 -48.94
N ALA K 5 -0.66 -18.50 -48.20
CA ALA K 5 -1.69 -17.49 -48.02
C ALA K 5 -1.67 -17.01 -46.59
N CYS K 6 -2.28 -15.83 -46.41
CA CYS K 6 -2.51 -15.21 -45.12
C CYS K 6 -4.00 -15.07 -44.94
N ARG K 7 -4.42 -14.28 -43.94
CA ARG K 7 -5.82 -14.10 -43.66
C ARG K 7 -6.25 -12.70 -44.07
N GLU K 8 -7.53 -12.40 -43.80
CA GLU K 8 -8.06 -11.07 -44.03
C GLU K 8 -7.19 -10.09 -43.26
N LYS K 9 -6.83 -8.98 -43.92
CA LYS K 9 -6.16 -7.86 -43.29
C LYS K 9 -4.70 -8.21 -43.01
N GLN K 10 -4.15 -9.16 -43.78
CA GLN K 10 -2.76 -9.58 -43.65
C GLN K 10 -2.17 -9.70 -45.06
N TYR K 11 -0.84 -9.89 -45.14
CA TYR K 11 -0.19 -10.18 -46.41
C TYR K 11 1.10 -10.96 -46.15
N LEU K 12 1.49 -11.78 -47.14
CA LEU K 12 2.65 -12.64 -47.02
C LEU K 12 3.92 -11.86 -47.34
N ILE K 13 4.90 -11.95 -46.42
CA ILE K 13 6.18 -11.30 -46.57
C ILE K 13 7.23 -12.05 -45.76
N ASN K 14 8.35 -12.40 -46.39
CA ASN K 14 9.43 -13.15 -45.76
C ASN K 14 8.87 -14.44 -45.16
N SER K 15 7.96 -15.07 -45.91
CA SER K 15 7.41 -16.38 -45.60
C SER K 15 6.58 -16.39 -44.32
N GLN K 16 6.16 -15.22 -43.85
CA GLN K 16 5.26 -15.12 -42.71
C GLN K 16 4.16 -14.10 -43.05
N CYS K 17 3.04 -14.21 -42.34
CA CYS K 17 1.97 -13.27 -42.50
C CYS K 17 2.21 -12.06 -41.60
N CYS K 18 1.77 -10.91 -42.08
CA CYS K 18 1.87 -9.66 -41.34
C CYS K 18 0.63 -8.83 -41.64
N SER K 19 0.42 -7.83 -40.80
CA SER K 19 -0.83 -7.09 -40.85
C SER K 19 -0.71 -5.98 -41.89
N LEU K 20 -1.80 -5.83 -42.65
CA LEU K 20 -2.02 -4.64 -43.44
C LEU K 20 -2.28 -3.49 -42.49
N CYS K 21 -2.00 -2.27 -42.95
CA CYS K 21 -2.44 -1.06 -42.28
C CYS K 21 -3.93 -0.84 -42.49
N GLN K 22 -4.59 -0.32 -41.46
CA GLN K 22 -6.00 -0.01 -41.50
C GLN K 22 -6.30 1.07 -42.53
N PRO K 23 -7.58 1.17 -42.96
CA PRO K 23 -8.05 2.37 -43.64
C PRO K 23 -7.67 3.58 -42.81
N GLY K 24 -7.10 4.58 -43.47
CA GLY K 24 -6.79 5.84 -42.84
C GLY K 24 -5.33 5.92 -42.44
N GLN K 25 -4.55 4.92 -42.90
CA GLN K 25 -3.18 4.73 -42.49
C GLN K 25 -2.37 4.09 -43.62
N LYS K 26 -1.06 4.34 -43.63
CA LYS K 26 -0.17 3.87 -44.68
C LYS K 26 1.03 3.16 -44.08
N LEU K 27 1.62 2.26 -44.86
CA LEU K 27 2.79 1.50 -44.44
C LEU K 27 4.00 2.41 -44.44
N VAL K 28 4.80 2.30 -43.39
CA VAL K 28 6.02 3.05 -43.21
C VAL K 28 7.18 2.08 -43.12
N SER K 29 7.00 0.99 -42.34
CA SER K 29 8.02 -0.02 -42.13
C SER K 29 7.39 -1.40 -42.16
N ASP K 30 8.08 -2.33 -42.83
CA ASP K 30 7.64 -3.72 -42.93
C ASP K 30 7.70 -4.32 -41.54
N CYS K 31 7.05 -5.47 -41.36
CA CYS K 31 7.05 -6.16 -40.09
C CYS K 31 8.33 -7.00 -40.00
N THR K 32 8.63 -7.51 -38.79
CA THR K 32 9.71 -8.47 -38.56
C THR K 32 9.13 -9.67 -37.83
N GLU K 33 9.98 -10.66 -37.48
CA GLU K 33 9.56 -11.82 -36.69
C GLU K 33 9.01 -11.41 -35.32
N PHE K 34 9.39 -10.20 -34.87
CA PHE K 34 9.19 -9.75 -33.50
C PHE K 34 8.29 -8.53 -33.38
N THR K 35 7.96 -7.89 -34.52
CA THR K 35 7.21 -6.63 -34.51
C THR K 35 6.26 -6.62 -35.70
N GLU K 36 5.10 -6.01 -35.51
CA GLU K 36 4.07 -5.96 -36.55
C GLU K 36 4.35 -4.75 -37.44
N THR K 37 3.73 -4.72 -38.62
CA THR K 37 3.80 -3.60 -39.56
C THR K 37 3.65 -2.27 -38.82
N GLU K 38 4.50 -1.29 -39.16
CA GLU K 38 4.40 0.05 -38.63
C GLU K 38 3.64 0.94 -39.64
N CYS K 39 2.65 1.68 -39.15
CA CYS K 39 1.79 2.46 -40.02
C CYS K 39 1.80 3.91 -39.56
N LEU K 40 1.19 4.80 -40.35
CA LEU K 40 1.06 6.19 -39.95
C LEU K 40 -0.21 6.73 -40.60
N PRO K 41 -0.97 7.60 -39.91
CA PRO K 41 -2.20 8.15 -40.48
C PRO K 41 -1.91 9.08 -41.64
N CYS K 42 -2.85 9.09 -42.59
CA CYS K 42 -2.78 9.99 -43.74
C CYS K 42 -2.74 11.44 -43.25
N GLY K 43 -2.04 12.31 -44.00
CA GLY K 43 -2.03 13.75 -43.75
C GLY K 43 -3.43 14.38 -43.82
N GLU K 44 -3.48 15.72 -43.86
CA GLU K 44 -4.73 16.43 -43.59
C GLU K 44 -5.69 16.28 -44.79
N SER K 45 -5.14 16.41 -46.01
CA SER K 45 -5.94 16.36 -47.24
C SER K 45 -5.75 15.02 -47.95
N GLU K 46 -5.45 13.97 -47.19
CA GLU K 46 -5.12 12.66 -47.74
C GLU K 46 -6.11 11.61 -47.23
N PHE K 47 -6.20 10.49 -47.96
CA PHE K 47 -6.98 9.34 -47.49
C PHE K 47 -6.42 8.04 -48.07
N LEU K 48 -6.81 6.94 -47.41
CA LEU K 48 -6.76 5.58 -47.93
C LEU K 48 -8.01 4.88 -47.41
N ASP K 49 -8.70 4.09 -48.25
CA ASP K 49 -10.02 3.61 -47.90
C ASP K 49 -10.07 2.08 -47.79
N THR K 50 -8.91 1.41 -47.78
CA THR K 50 -8.87 -0.04 -47.67
C THR K 50 -7.75 -0.45 -46.71
N TRP K 51 -7.89 -1.66 -46.15
CA TRP K 51 -6.74 -2.33 -45.58
C TRP K 51 -5.70 -2.45 -46.69
N ASN K 52 -4.60 -1.74 -46.49
CA ASN K 52 -3.65 -1.47 -47.55
C ASN K 52 -2.24 -1.71 -47.04
N ARG K 53 -1.27 -1.64 -47.96
CA ARG K 53 0.12 -1.47 -47.62
C ARG K 53 0.76 -0.56 -48.65
N GLU K 54 0.05 0.52 -48.96
CA GLU K 54 0.55 1.60 -49.79
C GLU K 54 1.53 2.39 -48.92
N THR K 55 2.59 2.93 -49.53
CA THR K 55 3.56 3.70 -48.76
C THR K 55 3.28 5.19 -48.92
N HIS K 56 2.11 5.54 -49.50
CA HIS K 56 1.64 6.91 -49.57
C HIS K 56 0.12 6.92 -49.69
N CYS K 57 -0.50 8.01 -49.21
CA CYS K 57 -1.94 8.18 -49.21
C CYS K 57 -2.39 8.96 -50.45
N HIS K 58 -3.68 8.86 -50.79
CA HIS K 58 -4.24 9.54 -51.95
C HIS K 58 -4.68 10.95 -51.58
N GLN K 59 -4.50 11.89 -52.51
CA GLN K 59 -4.98 13.27 -52.35
C GLN K 59 -6.49 13.30 -52.58
N HIS K 60 -7.17 14.21 -51.86
CA HIS K 60 -8.58 14.48 -52.11
C HIS K 60 -8.72 15.22 -53.44
N LYS K 74 -17.07 16.22 -46.96
CA LYS K 74 -15.61 16.50 -47.07
C LYS K 74 -14.84 15.20 -46.80
N GLY K 75 -13.53 15.23 -47.00
CA GLY K 75 -12.73 14.02 -47.00
C GLY K 75 -12.15 13.69 -45.63
N THR K 76 -12.56 12.53 -45.06
CA THR K 76 -11.92 11.98 -43.87
C THR K 76 -10.56 11.40 -44.27
N SER K 77 -9.90 10.72 -43.34
CA SER K 77 -8.68 9.99 -43.66
C SER K 77 -9.00 8.65 -44.33
N GLU K 78 -10.29 8.29 -44.41
CA GLU K 78 -10.68 6.99 -44.95
C GLU K 78 -11.68 7.11 -46.12
N THR K 79 -11.96 8.34 -46.58
CA THR K 79 -13.03 8.64 -47.53
C THR K 79 -12.66 9.87 -48.35
N ASP K 80 -12.94 9.85 -49.66
CA ASP K 80 -12.65 10.99 -50.52
C ASP K 80 -13.76 12.03 -50.39
N THR K 81 -13.45 13.28 -50.78
CA THR K 81 -14.41 14.38 -50.84
C THR K 81 -15.50 14.09 -51.87
N ILE K 82 -16.52 14.97 -51.92
CA ILE K 82 -17.56 14.94 -52.95
C ILE K 82 -17.86 16.38 -53.42
N PRO L 2 -83.46 35.13 -5.73
CA PRO L 2 -82.82 35.54 -6.97
C PRO L 2 -83.01 37.04 -7.17
N PRO L 3 -82.52 37.62 -8.29
CA PRO L 3 -82.75 39.03 -8.61
C PRO L 3 -83.95 39.31 -9.51
N THR L 4 -84.52 40.52 -9.40
CA THR L 4 -85.60 40.93 -10.28
C THR L 4 -85.47 42.38 -10.74
N ALA L 5 -84.71 43.23 -10.01
CA ALA L 5 -84.72 44.67 -10.27
C ALA L 5 -83.32 45.27 -10.10
N CYS L 6 -82.56 45.28 -11.20
CA CYS L 6 -81.22 45.84 -11.25
C CYS L 6 -81.20 47.34 -10.97
N ARG L 7 -79.98 47.89 -10.83
CA ARG L 7 -79.75 49.29 -10.52
C ARG L 7 -79.91 50.14 -11.77
N GLU L 8 -79.70 51.45 -11.62
CA GLU L 8 -79.61 52.32 -12.78
C GLU L 8 -78.39 51.93 -13.60
N LYS L 9 -78.51 52.07 -14.93
CA LYS L 9 -77.43 51.80 -15.89
C LYS L 9 -77.15 50.30 -15.93
N GLN L 10 -78.21 49.50 -15.82
CA GLN L 10 -78.11 48.05 -15.67
C GLN L 10 -79.40 47.38 -16.15
N TYR L 11 -79.31 46.10 -16.51
CA TYR L 11 -80.51 45.36 -16.92
C TYR L 11 -80.37 43.89 -16.54
N LEU L 12 -81.52 43.26 -16.27
CA LEU L 12 -81.58 41.86 -15.89
C LEU L 12 -81.40 40.99 -17.14
N ILE L 13 -80.40 40.11 -17.09
CA ILE L 13 -80.21 39.12 -18.13
C ILE L 13 -79.66 37.86 -17.46
N ASN L 14 -80.39 36.76 -17.59
CA ASN L 14 -79.85 35.47 -17.23
C ASN L 14 -79.76 35.43 -15.70
N SER L 15 -80.78 35.95 -15.03
CA SER L 15 -80.85 35.97 -13.58
C SER L 15 -79.63 36.63 -12.95
N GLN L 16 -79.03 37.60 -13.64
CA GLN L 16 -78.02 38.44 -13.03
C GLN L 16 -78.16 39.85 -13.61
N CYS L 17 -77.54 40.83 -12.95
CA CYS L 17 -77.56 42.18 -13.45
C CYS L 17 -76.32 42.40 -14.30
N CYS L 18 -76.49 43.06 -15.44
CA CYS L 18 -75.37 43.50 -16.25
C CYS L 18 -75.55 44.95 -16.66
N SER L 19 -74.46 45.53 -17.17
CA SER L 19 -74.41 46.95 -17.42
C SER L 19 -75.05 47.25 -18.78
N LEU L 20 -75.83 48.33 -18.80
CA LEU L 20 -76.30 48.90 -20.05
C LEU L 20 -75.09 49.56 -20.72
N CYS L 21 -75.14 49.64 -22.04
CA CYS L 21 -74.19 50.44 -22.77
C CYS L 21 -74.51 51.91 -22.51
N GLN L 22 -73.49 52.75 -22.60
CA GLN L 22 -73.66 54.17 -22.32
C GLN L 22 -74.22 54.89 -23.54
N PRO L 23 -74.88 56.05 -23.34
CA PRO L 23 -75.16 56.97 -24.44
C PRO L 23 -73.92 57.02 -25.32
N GLY L 24 -74.13 56.80 -26.62
CA GLY L 24 -73.08 56.94 -27.60
C GLY L 24 -72.57 55.59 -28.09
N GLN L 25 -73.07 54.51 -27.48
CA GLN L 25 -72.61 53.18 -27.83
C GLN L 25 -73.77 52.19 -27.87
N LYS L 26 -73.51 51.05 -28.52
CA LYS L 26 -74.49 49.99 -28.68
C LYS L 26 -73.95 48.68 -28.13
N LEU L 27 -74.85 47.79 -27.73
CA LEU L 27 -74.47 46.43 -27.40
C LEU L 27 -73.95 45.72 -28.65
N VAL L 28 -72.74 45.16 -28.52
CA VAL L 28 -72.17 44.22 -29.49
C VAL L 28 -72.28 42.80 -28.96
N SER L 29 -71.81 42.56 -27.73
CA SER L 29 -71.86 41.23 -27.14
C SER L 29 -72.40 41.31 -25.71
N ASP L 30 -73.28 40.35 -25.38
CA ASP L 30 -73.88 40.22 -24.07
C ASP L 30 -72.83 39.91 -23.01
N CYS L 31 -73.16 40.24 -21.76
CA CYS L 31 -72.32 39.97 -20.61
C CYS L 31 -72.36 38.49 -20.27
N THR L 32 -71.33 38.04 -19.53
CA THR L 32 -71.28 36.69 -19.02
C THR L 32 -71.18 36.78 -17.51
N GLU L 33 -71.21 35.61 -16.87
CA GLU L 33 -70.92 35.42 -15.46
C GLU L 33 -69.61 36.12 -15.05
N PHE L 34 -68.68 36.34 -15.99
CA PHE L 34 -67.33 36.79 -15.65
C PHE L 34 -66.87 38.01 -16.45
N THR L 35 -67.74 38.55 -17.32
CA THR L 35 -67.37 39.64 -18.22
C THR L 35 -68.60 40.50 -18.46
N GLU L 36 -68.39 41.81 -18.43
CA GLU L 36 -69.48 42.78 -18.48
C GLU L 36 -69.84 42.99 -19.95
N THR L 37 -71.03 43.54 -20.20
CA THR L 37 -71.49 43.88 -21.53
C THR L 37 -70.37 44.54 -22.33
N GLU L 38 -70.19 44.08 -23.58
CA GLU L 38 -69.31 44.71 -24.54
C GLU L 38 -70.13 45.71 -25.36
N CYS L 39 -69.57 46.89 -25.61
CA CYS L 39 -70.24 47.87 -26.44
C CYS L 39 -69.24 48.45 -27.44
N LEU L 40 -69.79 49.16 -28.43
CA LEU L 40 -68.99 49.79 -29.46
C LEU L 40 -69.63 51.11 -29.79
N PRO L 41 -68.85 52.19 -30.02
CA PRO L 41 -69.44 53.50 -30.32
C PRO L 41 -70.23 53.45 -31.61
N CYS L 42 -71.32 54.24 -31.66
CA CYS L 42 -72.07 54.45 -32.88
C CYS L 42 -71.15 55.06 -33.95
N GLY L 43 -71.44 54.77 -35.23
CA GLY L 43 -70.72 55.37 -36.34
C GLY L 43 -71.08 56.85 -36.52
N GLU L 44 -70.42 57.49 -37.49
CA GLU L 44 -70.88 58.80 -37.96
C GLU L 44 -72.20 58.56 -38.68
N SER L 45 -73.11 59.55 -38.59
CA SER L 45 -74.44 59.44 -39.16
C SER L 45 -75.39 58.69 -38.21
N GLU L 46 -74.95 58.40 -36.98
CA GLU L 46 -75.69 57.53 -36.07
C GLU L 46 -75.64 58.07 -34.65
N PHE L 47 -76.60 57.62 -33.81
CA PHE L 47 -76.64 58.05 -32.43
C PHE L 47 -77.44 57.06 -31.57
N LEU L 48 -77.21 57.15 -30.25
CA LEU L 48 -78.05 56.53 -29.24
C LEU L 48 -78.04 57.45 -28.03
N ASP L 49 -79.24 57.84 -27.55
CA ASP L 49 -79.37 58.98 -26.66
C ASP L 49 -79.70 58.50 -25.25
N THR L 50 -79.55 57.21 -24.97
CA THR L 50 -79.85 56.67 -23.66
C THR L 50 -78.89 55.53 -23.33
N TRP L 51 -78.87 55.13 -22.05
CA TRP L 51 -78.36 53.83 -21.67
C TRP L 51 -79.29 52.77 -22.26
N ASN L 52 -78.70 51.78 -22.94
CA ASN L 52 -79.47 50.98 -23.87
C ASN L 52 -78.81 49.61 -24.09
N ARG L 53 -79.60 48.67 -24.62
CA ARG L 53 -79.08 47.38 -25.02
C ARG L 53 -79.32 47.18 -26.52
N GLU L 54 -79.45 48.29 -27.25
CA GLU L 54 -79.76 48.25 -28.68
C GLU L 54 -78.58 47.59 -29.39
N THR L 55 -78.85 46.74 -30.39
CA THR L 55 -77.77 46.09 -31.12
C THR L 55 -77.39 46.90 -32.37
N HIS L 56 -78.25 47.85 -32.75
CA HIS L 56 -78.02 48.75 -33.87
CA HIS L 56 -78.03 48.76 -33.87
C HIS L 56 -78.26 50.18 -33.38
N CYS L 57 -77.42 51.14 -33.83
CA CYS L 57 -77.65 52.56 -33.55
C CYS L 57 -78.73 53.10 -34.49
N HIS L 58 -79.18 54.33 -34.26
CA HIS L 58 -80.17 54.99 -35.11
C HIS L 58 -79.46 55.92 -36.10
N GLN L 59 -79.83 55.83 -37.39
CA GLN L 59 -79.31 56.75 -38.40
C GLN L 59 -79.87 58.16 -38.15
N HIS L 60 -79.05 59.19 -38.38
CA HIS L 60 -79.48 60.56 -38.16
C HIS L 60 -80.70 60.88 -39.01
N LYS L 61 -81.49 61.86 -38.55
CA LYS L 61 -82.61 62.40 -39.31
C LYS L 61 -82.06 63.14 -40.53
N TYR L 62 -82.61 62.83 -41.71
CA TYR L 62 -82.29 63.54 -42.94
C TYR L 62 -83.17 64.79 -43.00
N CYS L 63 -82.53 65.97 -43.08
CA CYS L 63 -83.25 67.22 -43.31
C CYS L 63 -83.36 67.46 -44.81
N ASP L 64 -84.48 66.98 -45.39
CA ASP L 64 -84.67 66.87 -46.83
C ASP L 64 -84.90 68.27 -47.44
N PRO L 65 -84.09 68.72 -48.42
CA PRO L 65 -84.35 69.97 -49.12
C PRO L 65 -85.77 70.09 -49.69
N ASN L 66 -86.31 68.96 -50.14
CA ASN L 66 -87.60 68.90 -50.83
C ASN L 66 -88.76 69.29 -49.91
N LEU L 67 -88.68 68.91 -48.63
CA LEU L 67 -89.72 69.28 -47.67
C LEU L 67 -89.42 70.65 -47.07
N GLY L 68 -88.55 71.42 -47.74
CA GLY L 68 -88.21 72.78 -47.31
C GLY L 68 -87.42 72.78 -46.01
N LEU L 69 -86.54 71.78 -45.85
CA LEU L 69 -85.79 71.55 -44.63
C LEU L 69 -84.31 71.73 -44.91
N ARG L 70 -83.57 72.25 -43.91
CA ARG L 70 -82.12 72.18 -43.88
C ARG L 70 -81.72 71.93 -42.43
N VAL L 71 -80.41 71.70 -42.21
CA VAL L 71 -79.88 71.30 -40.92
C VAL L 71 -79.61 72.54 -40.07
N GLN L 72 -80.23 72.58 -38.87
CA GLN L 72 -80.00 73.66 -37.92
C GLN L 72 -78.89 73.28 -36.92
N GLN L 73 -78.78 71.98 -36.61
CA GLN L 73 -77.77 71.48 -35.68
C GLN L 73 -77.49 70.01 -35.99
N LYS L 74 -76.24 69.68 -36.34
CA LYS L 74 -75.88 68.33 -36.77
C LYS L 74 -76.00 67.37 -35.61
N GLY L 75 -76.10 66.08 -35.93
CA GLY L 75 -76.19 65.05 -34.91
C GLY L 75 -74.81 64.69 -34.36
N THR L 76 -74.82 64.12 -33.14
CA THR L 76 -73.63 63.57 -32.51
C THR L 76 -73.83 62.05 -32.39
N SER L 77 -72.95 61.37 -31.64
CA SER L 77 -73.18 59.97 -31.32
C SER L 77 -74.29 59.82 -30.26
N GLU L 78 -74.75 60.95 -29.70
CA GLU L 78 -75.69 60.92 -28.58
C GLU L 78 -76.96 61.73 -28.87
N THR L 79 -76.94 62.61 -29.87
CA THR L 79 -78.09 63.45 -30.21
C THR L 79 -78.45 63.23 -31.68
N ASP L 80 -79.67 63.65 -32.06
CA ASP L 80 -80.14 63.55 -33.42
C ASP L 80 -79.96 64.90 -34.11
N THR L 81 -79.94 64.88 -35.45
CA THR L 81 -79.93 66.10 -36.25
C THR L 81 -81.22 66.87 -35.98
N ILE L 82 -81.12 68.19 -35.92
CA ILE L 82 -82.29 69.06 -35.77
C ILE L 82 -82.48 69.83 -37.08
N CYS L 83 -83.67 69.69 -37.68
CA CYS L 83 -83.98 70.35 -38.94
C CYS L 83 -84.69 71.67 -38.68
N THR L 84 -84.76 72.48 -39.73
CA THR L 84 -85.52 73.72 -39.69
C THR L 84 -85.87 74.09 -41.13
N CYS L 85 -86.92 74.89 -41.28
CA CYS L 85 -87.41 75.28 -42.59
C CYS L 85 -86.37 76.16 -43.29
N GLU L 86 -86.09 75.84 -44.56
CA GLU L 86 -85.26 76.67 -45.43
C GLU L 86 -85.92 78.04 -45.58
N GLU L 87 -85.10 79.06 -45.88
CA GLU L 87 -85.61 80.42 -46.04
C GLU L 87 -86.46 80.43 -47.32
N GLY L 88 -87.71 80.90 -47.17
CA GLY L 88 -88.70 80.83 -48.23
C GLY L 88 -89.75 79.75 -47.98
N TRP L 89 -89.68 79.11 -46.79
CA TRP L 89 -90.69 78.16 -46.32
C TRP L 89 -91.01 78.42 -44.84
N HIS L 90 -92.13 77.82 -44.37
CA HIS L 90 -92.61 77.94 -42.99
C HIS L 90 -93.18 76.59 -42.55
N CYS L 91 -93.38 76.45 -41.23
CA CYS L 91 -93.71 75.17 -40.62
C CYS L 91 -95.16 74.77 -40.85
N THR L 92 -95.38 73.47 -41.11
CA THR L 92 -96.72 72.91 -41.33
C THR L 92 -97.34 72.49 -40.00
N SER L 93 -96.54 72.42 -38.93
CA SER L 93 -97.05 72.09 -37.59
C SER L 93 -96.24 72.87 -36.55
N GLU L 94 -96.34 72.47 -35.27
CA GLU L 94 -95.47 73.01 -34.24
C GLU L 94 -94.26 72.09 -34.06
N ALA L 95 -94.42 70.80 -34.36
CA ALA L 95 -93.32 69.85 -34.41
C ALA L 95 -92.45 70.12 -35.66
N CYS L 96 -93.10 70.32 -36.82
CA CYS L 96 -92.43 70.76 -38.04
C CYS L 96 -91.56 69.63 -38.61
N GLU L 97 -92.24 68.56 -39.06
CA GLU L 97 -91.59 67.45 -39.74
C GLU L 97 -91.53 67.74 -41.24
N SER L 98 -92.10 68.89 -41.63
CA SER L 98 -92.26 69.30 -43.02
C SER L 98 -92.48 70.82 -43.08
N CYS L 99 -92.16 71.42 -44.23
CA CYS L 99 -92.38 72.85 -44.44
C CYS L 99 -93.07 73.04 -45.79
N VAL L 100 -93.74 74.20 -45.98
CA VAL L 100 -94.30 74.55 -47.28
C VAL L 100 -93.89 75.97 -47.66
N LEU L 101 -93.75 76.19 -48.97
CA LEU L 101 -93.42 77.50 -49.53
C LEU L 101 -94.37 78.55 -48.96
N HIS L 102 -93.85 79.75 -48.66
CA HIS L 102 -94.72 80.89 -48.42
C HIS L 102 -95.52 81.10 -49.70
N ARG L 103 -96.62 81.86 -49.61
CA ARG L 103 -97.50 82.01 -50.74
C ARG L 103 -97.42 83.44 -51.25
N SER L 104 -97.38 83.58 -52.58
CA SER L 104 -97.40 84.88 -53.23
C SER L 104 -98.82 85.43 -53.15
N CYS L 105 -98.95 86.74 -53.40
CA CYS L 105 -100.25 87.39 -53.33
C CYS L 105 -100.63 87.98 -54.69
N SER L 106 -101.72 87.41 -55.23
CA SER L 106 -102.07 87.52 -56.64
C SER L 106 -102.60 88.91 -56.95
N PRO L 107 -102.64 89.32 -58.25
CA PRO L 107 -103.18 90.62 -58.65
C PRO L 107 -104.49 90.97 -57.94
N GLY L 108 -104.60 92.23 -57.50
CA GLY L 108 -105.75 92.69 -56.74
C GLY L 108 -105.42 92.83 -55.26
N PHE L 109 -104.60 91.89 -54.75
CA PHE L 109 -104.21 91.85 -53.35
C PHE L 109 -102.77 92.34 -53.21
N GLY L 110 -102.43 92.70 -51.96
CA GLY L 110 -101.08 93.05 -51.56
C GLY L 110 -100.79 92.60 -50.13
N VAL L 111 -99.50 92.60 -49.78
CA VAL L 111 -99.01 92.01 -48.55
C VAL L 111 -99.27 92.96 -47.37
N LYS L 112 -99.97 92.46 -46.35
CA LYS L 112 -100.21 93.21 -45.12
C LYS L 112 -99.16 92.82 -44.09
N GLN L 113 -98.83 91.53 -44.05
CA GLN L 113 -97.77 91.01 -43.21
C GLN L 113 -97.03 89.91 -43.95
N ILE L 114 -95.69 89.99 -43.95
CA ILE L 114 -94.82 89.07 -44.66
C ILE L 114 -94.73 87.76 -43.87
N ALA L 115 -94.38 86.67 -44.57
CA ALA L 115 -94.32 85.34 -43.98
C ALA L 115 -93.02 85.19 -43.20
N THR L 116 -93.01 84.26 -42.22
CA THR L 116 -91.82 83.92 -41.45
C THR L 116 -91.56 82.42 -41.64
N GLY L 117 -90.89 81.78 -40.67
CA GLY L 117 -90.72 80.33 -40.67
C GLY L 117 -91.83 79.63 -39.86
N VAL L 118 -92.65 80.45 -39.18
CA VAL L 118 -93.69 79.99 -38.26
C VAL L 118 -95.01 80.68 -38.58
N SER L 119 -95.23 81.02 -39.86
CA SER L 119 -96.25 82.00 -40.24
C SER L 119 -96.24 82.21 -41.75
N ASP L 120 -97.42 82.11 -42.38
CA ASP L 120 -97.56 82.29 -43.82
C ASP L 120 -97.93 83.74 -44.12
N THR L 121 -97.88 84.11 -45.40
CA THR L 121 -98.15 85.46 -45.86
C THR L 121 -99.60 85.82 -45.56
N ILE L 122 -99.82 86.94 -44.86
CA ILE L 122 -101.15 87.53 -44.71
C ILE L 122 -101.35 88.53 -45.85
N CYS L 123 -102.57 88.61 -46.38
CA CYS L 123 -102.84 89.48 -47.51
C CYS L 123 -104.19 90.18 -47.41
N GLU L 124 -104.16 91.51 -47.60
CA GLU L 124 -105.35 92.35 -47.66
C GLU L 124 -105.66 92.64 -49.12
N PRO L 125 -106.95 92.87 -49.49
CA PRO L 125 -107.28 93.41 -50.80
C PRO L 125 -106.70 94.83 -50.90
N CYS L 126 -106.32 95.22 -52.12
CA CYS L 126 -105.90 96.60 -52.35
C CYS L 126 -107.12 97.51 -52.18
N PRO L 127 -107.08 98.54 -51.30
CA PRO L 127 -108.22 99.44 -51.13
C PRO L 127 -108.41 100.35 -52.36
N VAL L 128 -109.54 101.06 -52.38
CA VAL L 128 -109.80 102.07 -53.41
C VAL L 128 -108.64 103.07 -53.38
N GLY L 129 -108.05 103.32 -54.55
CA GLY L 129 -106.95 104.26 -54.69
C GLY L 129 -105.59 103.59 -54.79
N PHE L 130 -105.56 102.25 -54.82
CA PHE L 130 -104.32 101.47 -54.89
C PHE L 130 -104.54 100.24 -55.78
N PHE L 131 -103.44 99.67 -56.32
CA PHE L 131 -103.51 98.53 -57.24
C PHE L 131 -102.29 97.63 -57.09
N SER L 132 -102.36 96.44 -57.73
CA SER L 132 -101.24 95.52 -57.88
C SER L 132 -101.59 94.47 -58.93
N ASN L 133 -100.73 94.30 -59.95
CA ASN L 133 -101.02 93.39 -61.06
C ASN L 133 -99.97 92.28 -61.18
N VAL L 134 -99.14 92.11 -60.14
CA VAL L 134 -98.11 91.07 -60.11
C VAL L 134 -98.51 90.03 -59.06
N SER L 135 -97.94 88.81 -59.17
CA SER L 135 -98.13 87.78 -58.16
C SER L 135 -96.83 87.58 -57.36
N SER L 136 -96.65 88.43 -56.34
CA SER L 136 -95.40 88.54 -55.59
C SER L 136 -95.69 88.43 -54.09
N ALA L 137 -94.76 87.80 -53.37
CA ALA L 137 -94.91 87.48 -51.95
C ALA L 137 -94.43 88.62 -51.05
N PHE L 138 -93.88 89.69 -51.66
CA PHE L 138 -93.29 90.80 -50.92
C PHE L 138 -94.07 92.09 -51.19
N GLU L 139 -94.69 92.20 -52.38
CA GLU L 139 -95.07 93.48 -52.94
C GLU L 139 -96.39 93.98 -52.32
N LYS L 140 -96.35 95.15 -51.66
CA LYS L 140 -97.53 95.82 -51.15
C LYS L 140 -98.27 96.49 -52.31
N CYS L 141 -99.44 97.08 -52.02
CA CYS L 141 -100.21 97.81 -53.04
C CYS L 141 -99.55 99.15 -53.34
N HIS L 142 -99.45 99.48 -54.64
CA HIS L 142 -98.92 100.74 -55.13
C HIS L 142 -99.99 101.84 -55.05
N PRO L 143 -99.61 103.14 -54.91
CA PRO L 143 -100.57 104.24 -55.07
C PRO L 143 -100.91 104.53 -56.54
N TRP L 144 -102.20 104.84 -56.79
CA TRP L 144 -102.74 105.10 -58.13
C TRP L 144 -102.10 106.34 -58.75
N THR L 145 -101.50 106.19 -59.94
CA THR L 145 -100.90 107.30 -60.65
C THR L 145 -100.53 106.89 -62.06
C1 GOL M . 53.36 -31.63 1.59
O1 GOL M . 53.39 -33.05 1.71
C2 GOL M . 54.41 -31.10 0.62
O2 GOL M . 55.62 -31.84 0.78
C3 GOL M . 53.95 -31.13 -0.83
O3 GOL M . 52.97 -30.12 -1.10
C1 GOL N . 14.44 -13.14 -25.08
O1 GOL N . 14.39 -12.16 -24.05
C2 GOL N . 14.00 -14.50 -24.58
O2 GOL N . 13.30 -15.18 -25.62
C3 GOL N . 15.16 -15.35 -24.09
O3 GOL N . 14.72 -16.53 -23.44
C1 GOL O . -31.15 -15.51 -3.03
O1 GOL O . -32.07 -14.44 -3.00
C2 GOL O . -31.00 -16.19 -1.69
O2 GOL O . -30.61 -17.55 -1.86
C3 GOL O . -29.99 -15.47 -0.81
O3 GOL O . -29.94 -16.04 0.50
C1 GOL P . 82.92 -32.78 9.34
O1 GOL P . 83.25 -33.29 10.63
C2 GOL P . 83.20 -33.78 8.24
O2 GOL P . 82.79 -33.23 6.98
C3 GOL P . 82.55 -35.13 8.50
O3 GOL P . 83.35 -36.21 8.04
C1 GOL Q . -14.13 -41.30 -7.13
O1 GOL Q . -13.33 -40.66 -6.13
C2 GOL Q . -15.43 -41.84 -6.58
O2 GOL Q . -16.52 -41.04 -7.06
C3 GOL Q . -15.43 -41.96 -5.05
O3 GOL Q . -16.59 -42.58 -4.53
C1 GOL R . -11.63 -14.53 -40.34
O1 GOL R . -11.69 -13.13 -40.61
C2 GOL R . -11.26 -15.31 -41.58
O2 GOL R . -10.11 -14.73 -42.21
C3 GOL R . -11.05 -16.79 -41.32
O3 GOL R . -10.15 -17.03 -40.24
C1 GOL S . -78.64 53.45 -8.25
O1 GOL S . -79.90 53.04 -8.79
C2 GOL S . -78.80 54.23 -6.95
O2 GOL S . -77.64 55.03 -6.73
C3 GOL S . -79.05 53.36 -5.74
O3 GOL S . -78.16 52.24 -5.69
#